data_3PH7
#
_entry.id   3PH7
#
_cell.length_a   107.095
_cell.length_b   108.985
_cell.length_c   141.354
_cell.angle_alpha   90.00
_cell.angle_beta   90.00
_cell.angle_gamma   90.00
#
_symmetry.space_group_name_H-M   'P 21 21 21'
#
loop_
_entity.id
_entity.type
_entity.pdbx_description
1 polymer 'Farnesyl pyrophosphate synthase'
2 non-polymer 'GERANYLGERANYL DIPHOSPHATE'
3 water water
#
_entity_poly.entity_id   1
_entity_poly.type   'polypeptide(L)'
_entity_poly.pdbx_seq_one_letter_code
;MGSSHHHHHHSSGRENLYFQGMKETNSEEADSGLAFFRNMYDKYRDAFLSHLNEYSLEEEIKEHISKYYKLLFDYNCLGG
KNNRGILVILIYEYVKNRDINSSEWEKAACLAWCIEILQAAFLVADDIMDKGEMRRNKYCWYLLKDVETKNAVNDVLLLY
NSIYKLIEIYLRNESCYVDVIATFRDATLKTIIGQHLDTNIFSDKYSDAHREIDVNNINVPEQPVIDINMINFGVYKNIV
IHKTAYYSFFLPIVCGMLLAGIAVDNLIYKKIEDISMLMGEYFQIHDDYLDIFGDSTKTGKVGSDIQNNKLTWPLIKTFE
LCSEPDKIKIVKNYGKNNLACVKVIDSLYEQYKIRKHYESYEKAQKAKILSAINELHHEGIEYVLKYLLEILFTGV
;
_entity_poly.pdbx_strand_id   A,B,C,D
#
loop_
_chem_comp.id
_chem_comp.type
_chem_comp.name
_chem_comp.formula
GRG non-polymer 'GERANYLGERANYL DIPHOSPHATE' 'C20 H36 O7 P2'
#
# COMPACT_ATOMS: atom_id res chain seq x y z
N ALA A 35 -22.13 -29.81 -29.93
CA ALA A 35 -22.14 -28.55 -29.19
C ALA A 35 -22.77 -28.68 -27.79
N PHE A 36 -23.23 -29.92 -27.43
CA PHE A 36 -23.78 -30.34 -26.12
C PHE A 36 -22.73 -30.14 -24.99
N PHE A 37 -21.57 -29.57 -25.39
CA PHE A 37 -20.38 -29.22 -24.64
C PHE A 37 -20.73 -28.38 -23.40
N ARG A 38 -21.74 -27.48 -23.49
CA ARG A 38 -22.14 -26.67 -22.33
C ARG A 38 -22.81 -27.50 -21.22
N ASN A 39 -23.48 -28.62 -21.58
CA ASN A 39 -24.17 -29.51 -20.62
C ASN A 39 -23.18 -30.41 -19.91
N MET A 40 -22.02 -30.63 -20.54
CA MET A 40 -20.97 -31.51 -20.00
C MET A 40 -20.09 -30.85 -18.93
N TYR A 41 -20.10 -29.49 -18.82
CA TYR A 41 -19.28 -28.73 -17.87
C TYR A 41 -19.24 -29.34 -16.45
N ASP A 42 -20.41 -29.46 -15.81
CA ASP A 42 -20.67 -29.97 -14.44
C ASP A 42 -20.06 -31.33 -14.20
N LYS A 43 -20.06 -32.22 -15.22
CA LYS A 43 -19.50 -33.58 -15.11
C LYS A 43 -17.97 -33.53 -14.89
N TYR A 44 -17.26 -32.73 -15.70
CA TYR A 44 -15.81 -32.52 -15.59
C TYR A 44 -15.46 -31.75 -14.32
N ARG A 45 -16.30 -30.74 -13.97
CA ARG A 45 -16.08 -30.00 -12.74
C ARG A 45 -16.18 -30.93 -11.54
N ASP A 46 -17.31 -31.68 -11.44
CA ASP A 46 -17.54 -32.62 -10.34
C ASP A 46 -16.55 -33.78 -10.34
N ALA A 47 -16.10 -34.26 -11.52
CA ALA A 47 -15.06 -35.33 -11.64
C ALA A 47 -13.77 -34.92 -10.93
N PHE A 48 -13.35 -33.64 -11.11
CA PHE A 48 -12.14 -33.10 -10.48
C PHE A 48 -12.40 -32.86 -9.00
N LEU A 49 -13.53 -32.20 -8.65
CA LEU A 49 -13.88 -31.93 -7.24
C LEU A 49 -13.94 -33.22 -6.43
N SER A 50 -14.48 -34.30 -7.05
CA SER A 50 -14.56 -35.64 -6.45
C SER A 50 -13.16 -36.17 -6.11
N HIS A 51 -12.15 -35.91 -6.96
CA HIS A 51 -10.77 -36.31 -6.71
C HIS A 51 -10.22 -35.66 -5.40
N LEU A 52 -10.43 -34.34 -5.22
CA LEU A 52 -10.00 -33.59 -4.01
C LEU A 52 -10.73 -34.10 -2.78
N ASN A 53 -12.00 -34.49 -2.98
CA ASN A 53 -12.90 -35.02 -1.93
C ASN A 53 -12.44 -36.37 -1.37
N GLU A 54 -11.56 -37.08 -2.10
CA GLU A 54 -10.99 -38.36 -1.68
C GLU A 54 -9.80 -38.17 -0.75
N TYR A 55 -9.32 -36.92 -0.58
CA TYR A 55 -8.17 -36.59 0.28
C TYR A 55 -8.49 -36.88 1.74
N SER A 56 -7.47 -37.25 2.53
CA SER A 56 -7.62 -37.57 3.95
C SER A 56 -7.72 -36.27 4.73
N LEU A 57 -8.92 -35.72 4.80
CA LEU A 57 -9.20 -34.47 5.49
C LEU A 57 -10.47 -34.61 6.32
N GLU A 58 -10.57 -33.84 7.41
CA GLU A 58 -11.76 -33.81 8.28
C GLU A 58 -12.95 -33.33 7.42
N GLU A 59 -14.11 -33.99 7.59
CA GLU A 59 -15.33 -33.75 6.83
C GLU A 59 -15.73 -32.28 6.67
N GLU A 60 -15.55 -31.45 7.72
CA GLU A 60 -15.88 -30.02 7.67
C GLU A 60 -14.94 -29.27 6.72
N ILE A 61 -13.63 -29.65 6.72
CA ILE A 61 -12.61 -29.07 5.86
C ILE A 61 -12.96 -29.38 4.39
N LYS A 62 -13.38 -30.64 4.10
CA LYS A 62 -13.81 -31.10 2.78
C LYS A 62 -14.95 -30.26 2.22
N GLU A 63 -15.93 -29.90 3.06
CA GLU A 63 -17.11 -29.10 2.68
C GLU A 63 -16.71 -27.67 2.30
N HIS A 64 -15.75 -27.06 3.05
CA HIS A 64 -15.25 -25.71 2.78
C HIS A 64 -14.50 -25.67 1.44
N ILE A 65 -13.64 -26.69 1.21
CA ILE A 65 -12.85 -26.90 -0.01
C ILE A 65 -13.79 -27.02 -1.22
N SER A 66 -14.84 -27.89 -1.13
CA SER A 66 -15.77 -28.07 -2.25
C SER A 66 -16.53 -26.80 -2.54
N LYS A 67 -16.90 -26.01 -1.49
CA LYS A 67 -17.61 -24.74 -1.66
C LYS A 67 -16.71 -23.75 -2.37
N TYR A 68 -15.43 -23.65 -1.96
CA TYR A 68 -14.47 -22.73 -2.54
C TYR A 68 -14.16 -23.09 -4.00
N TYR A 69 -13.77 -24.34 -4.22
CA TYR A 69 -13.35 -24.74 -5.54
C TYR A 69 -14.47 -24.86 -6.58
N LYS A 70 -15.72 -25.07 -6.16
CA LYS A 70 -16.85 -25.09 -7.09
C LYS A 70 -17.02 -23.66 -7.62
N LEU A 71 -16.93 -22.65 -6.74
CA LEU A 71 -17.02 -21.26 -7.15
C LEU A 71 -15.82 -20.84 -8.01
N LEU A 72 -14.61 -21.32 -7.70
CA LEU A 72 -13.41 -20.98 -8.50
C LEU A 72 -13.59 -21.40 -9.96
N PHE A 73 -14.03 -22.65 -10.17
CA PHE A 73 -14.33 -23.18 -11.52
C PHE A 73 -15.47 -22.40 -12.18
N ASP A 74 -16.64 -22.34 -11.53
CA ASP A 74 -17.83 -21.69 -12.07
C ASP A 74 -17.62 -20.27 -12.50
N TYR A 75 -17.03 -19.48 -11.61
CA TYR A 75 -16.81 -18.04 -11.80
C TYR A 75 -15.87 -17.77 -12.95
N ASN A 76 -14.86 -18.63 -13.15
CA ASN A 76 -13.83 -18.36 -14.14
C ASN A 76 -13.92 -19.20 -15.39
N CYS A 77 -14.64 -20.33 -15.36
CA CYS A 77 -14.77 -21.18 -16.56
C CYS A 77 -16.02 -20.88 -17.38
N LEU A 78 -17.04 -20.29 -16.75
CA LEU A 78 -18.31 -19.96 -17.42
C LEU A 78 -18.40 -18.49 -17.69
N GLY A 79 -18.81 -18.12 -18.90
CA GLY A 79 -19.00 -16.71 -19.28
C GLY A 79 -18.33 -16.23 -20.54
N GLY A 80 -17.38 -17.01 -21.08
CA GLY A 80 -16.68 -16.64 -22.29
C GLY A 80 -17.37 -17.09 -23.56
N LYS A 81 -16.80 -16.70 -24.74
CA LYS A 81 -17.34 -17.09 -26.05
C LYS A 81 -17.18 -18.61 -26.32
N ASN A 82 -16.19 -19.25 -25.66
CA ASN A 82 -15.82 -20.68 -25.71
C ASN A 82 -15.35 -21.10 -27.08
N ASN A 83 -14.73 -20.16 -27.83
CA ASN A 83 -14.20 -20.42 -29.18
C ASN A 83 -13.19 -21.54 -29.20
N ARG A 84 -12.30 -21.58 -28.21
CA ARG A 84 -11.27 -22.62 -28.10
C ARG A 84 -11.88 -23.99 -27.81
N GLY A 85 -12.87 -24.06 -26.92
CA GLY A 85 -13.57 -25.28 -26.58
C GLY A 85 -14.35 -25.86 -27.75
N ILE A 86 -15.13 -24.98 -28.43
CA ILE A 86 -15.95 -25.30 -29.59
C ILE A 86 -15.04 -25.76 -30.75
N LEU A 87 -13.84 -25.15 -30.90
CA LEU A 87 -12.86 -25.49 -31.94
C LEU A 87 -12.41 -26.94 -31.83
N VAL A 88 -12.29 -27.48 -30.61
CA VAL A 88 -11.91 -28.88 -30.37
C VAL A 88 -13.04 -29.78 -30.91
N ILE A 89 -14.27 -29.55 -30.43
CA ILE A 89 -15.49 -30.28 -30.77
C ILE A 89 -15.69 -30.34 -32.30
N LEU A 90 -15.62 -29.17 -32.97
CA LEU A 90 -15.80 -29.06 -34.43
C LEU A 90 -14.69 -29.78 -35.20
N ILE A 91 -13.42 -29.65 -34.77
CA ILE A 91 -12.32 -30.33 -35.44
C ILE A 91 -12.47 -31.85 -35.23
N TYR A 92 -12.87 -32.29 -34.04
CA TYR A 92 -13.06 -33.70 -33.76
C TYR A 92 -14.12 -34.34 -34.68
N GLU A 93 -15.26 -33.66 -34.85
CA GLU A 93 -16.41 -34.06 -35.66
C GLU A 93 -16.10 -34.08 -37.17
N TYR A 94 -15.42 -33.04 -37.70
CA TYR A 94 -15.13 -32.92 -39.13
C TYR A 94 -13.82 -33.60 -39.62
N VAL A 95 -13.17 -34.38 -38.75
CA VAL A 95 -12.01 -35.21 -39.15
C VAL A 95 -12.49 -36.66 -39.13
N LYS A 96 -13.22 -37.03 -38.06
CA LYS A 96 -13.79 -38.35 -37.86
C LYS A 96 -15.14 -38.43 -38.59
N ASN A 97 -15.17 -38.08 -39.93
CA ASN A 97 -16.38 -38.10 -40.77
C ASN A 97 -16.92 -39.54 -40.84
N ARG A 98 -17.49 -39.97 -39.69
CA ARG A 98 -18.02 -41.29 -39.36
C ARG A 98 -18.85 -41.17 -38.07
N ASP A 99 -19.37 -42.31 -37.55
CA ASP A 99 -20.18 -42.34 -36.32
C ASP A 99 -19.30 -42.11 -35.11
N ILE A 100 -19.77 -41.25 -34.19
CA ILE A 100 -19.09 -40.88 -32.95
C ILE A 100 -20.02 -41.20 -31.76
N ASN A 101 -19.63 -42.19 -30.92
CA ASN A 101 -20.44 -42.58 -29.78
C ASN A 101 -20.27 -41.63 -28.58
N SER A 102 -21.22 -41.69 -27.63
CA SER A 102 -21.28 -40.88 -26.40
C SER A 102 -19.96 -40.86 -25.62
N SER A 103 -19.28 -42.03 -25.52
CA SER A 103 -18.02 -42.19 -24.82
C SER A 103 -16.87 -41.40 -25.50
N GLU A 104 -16.85 -41.39 -26.84
CA GLU A 104 -15.86 -40.70 -27.66
C GLU A 104 -16.02 -39.17 -27.51
N TRP A 105 -17.28 -38.71 -27.41
CA TRP A 105 -17.65 -37.31 -27.23
C TRP A 105 -17.28 -36.84 -25.83
N GLU A 106 -17.36 -37.74 -24.84
CA GLU A 106 -17.03 -37.52 -23.44
C GLU A 106 -15.51 -37.17 -23.33
N LYS A 107 -14.67 -37.82 -24.15
CA LYS A 107 -13.23 -37.56 -24.22
C LYS A 107 -12.96 -36.23 -24.95
N ALA A 108 -13.71 -35.96 -26.02
CA ALA A 108 -13.57 -34.71 -26.80
C ALA A 108 -13.99 -33.47 -26.00
N ALA A 109 -15.14 -33.52 -25.30
CA ALA A 109 -15.63 -32.42 -24.49
C ALA A 109 -14.75 -32.23 -23.22
N CYS A 110 -14.01 -33.30 -22.78
CA CYS A 110 -13.05 -33.19 -21.68
C CYS A 110 -11.93 -32.26 -22.13
N LEU A 111 -11.30 -32.54 -23.30
CA LEU A 111 -10.22 -31.74 -23.87
C LEU A 111 -10.68 -30.33 -24.17
N ALA A 112 -11.94 -30.19 -24.59
CA ALA A 112 -12.57 -28.91 -24.90
C ALA A 112 -12.71 -28.09 -23.62
N TRP A 113 -13.18 -28.71 -22.52
CA TRP A 113 -13.31 -28.03 -21.23
C TRP A 113 -11.95 -27.73 -20.59
N CYS A 114 -10.94 -28.60 -20.80
CA CYS A 114 -9.56 -28.43 -20.35
C CYS A 114 -8.95 -27.14 -20.94
N ILE A 115 -9.25 -26.81 -22.20
CA ILE A 115 -8.71 -25.59 -22.82
C ILE A 115 -9.44 -24.36 -22.26
N GLU A 116 -10.68 -24.56 -21.80
CA GLU A 116 -11.47 -23.50 -21.21
C GLU A 116 -11.02 -23.25 -19.77
N ILE A 117 -10.58 -24.30 -19.08
CA ILE A 117 -10.02 -24.23 -17.75
C ILE A 117 -8.64 -23.53 -17.88
N LEU A 118 -7.90 -23.83 -18.98
CA LEU A 118 -6.62 -23.21 -19.25
C LEU A 118 -6.78 -21.74 -19.47
N GLN A 119 -7.80 -21.35 -20.28
CA GLN A 119 -8.16 -19.96 -20.53
C GLN A 119 -8.55 -19.31 -19.21
N ALA A 120 -9.30 -20.01 -18.36
CA ALA A 120 -9.69 -19.53 -17.03
C ALA A 120 -8.44 -19.22 -16.17
N ALA A 121 -7.42 -20.11 -16.19
CA ALA A 121 -6.18 -19.96 -15.42
C ALA A 121 -5.34 -18.78 -15.94
N PHE A 122 -5.32 -18.59 -17.26
CA PHE A 122 -4.65 -17.48 -17.93
C PHE A 122 -5.30 -16.15 -17.60
N LEU A 123 -6.64 -16.12 -17.62
CA LEU A 123 -7.49 -14.95 -17.33
C LEU A 123 -7.21 -14.44 -15.92
N VAL A 124 -7.23 -15.34 -14.94
CA VAL A 124 -7.02 -15.03 -13.52
C VAL A 124 -5.62 -14.48 -13.33
N ALA A 125 -4.62 -15.16 -13.90
CA ALA A 125 -3.22 -14.79 -13.77
C ALA A 125 -2.96 -13.44 -14.43
N ASP A 126 -3.49 -13.22 -15.65
CA ASP A 126 -3.36 -11.97 -16.40
C ASP A 126 -3.92 -10.80 -15.65
N ASP A 127 -5.07 -10.99 -14.97
CA ASP A 127 -5.72 -9.91 -14.23
C ASP A 127 -4.94 -9.55 -13.00
N ILE A 128 -4.29 -10.53 -12.33
CA ILE A 128 -3.41 -10.27 -11.18
C ILE A 128 -2.24 -9.41 -11.70
N MET A 129 -1.58 -9.92 -12.76
CA MET A 129 -0.41 -9.33 -13.38
C MET A 129 -0.65 -7.92 -13.89
N ASP A 130 -1.71 -7.71 -14.67
CA ASP A 130 -2.04 -6.38 -15.23
C ASP A 130 -2.88 -5.52 -14.29
N LYS A 131 -3.14 -6.00 -13.07
CA LYS A 131 -3.95 -5.28 -12.07
C LYS A 131 -5.30 -4.88 -12.71
N GLY A 132 -5.99 -5.87 -13.28
CA GLY A 132 -7.27 -5.71 -13.92
C GLY A 132 -8.41 -5.32 -12.98
N GLU A 133 -9.52 -4.84 -13.57
CA GLU A 133 -10.70 -4.41 -12.82
C GLU A 133 -11.89 -5.29 -13.13
N MET A 134 -12.17 -5.48 -14.41
CA MET A 134 -13.30 -6.29 -14.84
C MET A 134 -12.87 -7.33 -15.88
N ARG A 135 -13.55 -8.46 -15.90
CA ARG A 135 -13.36 -9.51 -16.91
C ARG A 135 -14.69 -10.24 -17.08
N ARG A 136 -15.16 -10.33 -18.32
CA ARG A 136 -16.44 -10.96 -18.71
C ARG A 136 -17.62 -10.31 -17.96
N ASN A 137 -17.57 -8.97 -17.83
CA ASN A 137 -18.58 -8.09 -17.21
C ASN A 137 -18.77 -8.27 -15.71
N LYS A 138 -17.80 -8.91 -15.06
CA LYS A 138 -17.80 -9.09 -13.62
C LYS A 138 -16.43 -8.72 -13.06
N TYR A 139 -16.34 -8.54 -11.74
CA TYR A 139 -15.09 -8.22 -11.07
C TYR A 139 -14.07 -9.35 -11.27
N CYS A 140 -12.80 -8.99 -11.44
CA CYS A 140 -11.70 -9.96 -11.51
C CYS A 140 -11.68 -10.73 -10.17
N TRP A 141 -11.53 -12.03 -10.26
CA TRP A 141 -11.48 -12.97 -9.15
C TRP A 141 -10.52 -12.50 -8.02
N TYR A 142 -9.32 -12.02 -8.37
CA TYR A 142 -8.35 -11.58 -7.37
C TYR A 142 -8.83 -10.37 -6.53
N LEU A 143 -9.69 -9.49 -7.09
CA LEU A 143 -10.21 -8.31 -6.38
C LEU A 143 -11.17 -8.65 -5.25
N LEU A 144 -11.86 -9.78 -5.34
CA LEU A 144 -12.83 -10.24 -4.35
C LEU A 144 -12.20 -10.31 -2.95
N LYS A 145 -12.93 -9.75 -1.97
CA LYS A 145 -12.58 -9.65 -0.56
C LYS A 145 -12.19 -11.03 0.00
N ASP A 146 -12.97 -12.08 -0.32
CA ASP A 146 -12.79 -13.47 0.16
C ASP A 146 -11.70 -14.25 -0.58
N VAL A 147 -11.12 -13.67 -1.64
CA VAL A 147 -10.11 -14.28 -2.48
C VAL A 147 -8.77 -13.61 -2.27
N GLU A 148 -8.62 -12.40 -2.81
CA GLU A 148 -7.39 -11.59 -2.76
C GLU A 148 -6.33 -12.21 -3.68
N THR A 149 -5.23 -11.46 -3.92
CA THR A 149 -4.12 -11.90 -4.77
C THR A 149 -3.53 -13.23 -4.27
N LYS A 150 -3.33 -13.36 -2.95
CA LYS A 150 -2.74 -14.58 -2.36
C LYS A 150 -3.49 -15.86 -2.78
N ASN A 151 -4.83 -15.90 -2.69
CA ASN A 151 -5.56 -17.08 -3.14
C ASN A 151 -5.57 -17.21 -4.63
N ALA A 152 -5.69 -16.09 -5.34
CA ALA A 152 -5.72 -16.04 -6.80
C ALA A 152 -4.47 -16.66 -7.45
N VAL A 153 -3.28 -16.44 -6.85
CA VAL A 153 -2.01 -17.00 -7.32
C VAL A 153 -2.09 -18.53 -7.17
N ASN A 154 -2.53 -18.97 -5.99
CA ASN A 154 -2.65 -20.39 -5.68
C ASN A 154 -3.71 -21.07 -6.60
N ASP A 155 -4.84 -20.40 -6.83
CA ASP A 155 -5.92 -20.83 -7.70
C ASP A 155 -5.52 -21.00 -9.18
N VAL A 156 -4.58 -20.18 -9.72
CA VAL A 156 -4.09 -20.31 -11.10
C VAL A 156 -3.45 -21.71 -11.27
N LEU A 157 -2.67 -22.11 -10.27
CA LEU A 157 -2.00 -23.37 -10.28
C LEU A 157 -2.92 -24.53 -10.05
N LEU A 158 -3.99 -24.34 -9.27
CA LEU A 158 -4.97 -25.40 -9.12
C LEU A 158 -5.69 -25.62 -10.44
N LEU A 159 -6.20 -24.53 -11.05
CA LEU A 159 -6.90 -24.62 -12.31
C LEU A 159 -5.99 -25.25 -13.35
N TYR A 160 -4.72 -24.82 -13.39
CA TYR A 160 -3.74 -25.35 -14.32
C TYR A 160 -3.51 -26.85 -14.12
N ASN A 161 -3.34 -27.29 -12.89
CA ASN A 161 -3.10 -28.71 -12.63
C ASN A 161 -4.36 -29.58 -12.80
N SER A 162 -5.56 -28.99 -12.62
CA SER A 162 -6.83 -29.71 -12.78
C SER A 162 -6.99 -30.25 -14.20
N ILE A 163 -6.40 -29.55 -15.21
CA ILE A 163 -6.40 -29.94 -16.62
C ILE A 163 -5.82 -31.34 -16.76
N TYR A 164 -4.61 -31.57 -16.23
CA TYR A 164 -3.90 -32.83 -16.36
C TYR A 164 -4.54 -33.95 -15.56
N LYS A 165 -5.25 -33.59 -14.45
CA LYS A 165 -5.97 -34.58 -13.67
C LYS A 165 -7.16 -35.09 -14.51
N LEU A 166 -7.87 -34.16 -15.19
CA LEU A 166 -8.99 -34.46 -16.07
C LEU A 166 -8.59 -35.26 -17.28
N ILE A 167 -7.41 -34.93 -17.89
CA ILE A 167 -6.87 -35.62 -19.07
C ILE A 167 -6.55 -37.06 -18.65
N GLU A 168 -6.06 -37.25 -17.41
CA GLU A 168 -5.76 -38.56 -16.88
C GLU A 168 -7.07 -39.35 -16.66
N ILE A 169 -8.06 -38.77 -15.95
CA ILE A 169 -9.34 -39.42 -15.65
C ILE A 169 -10.03 -39.97 -16.92
N TYR A 170 -10.08 -39.17 -18.00
CA TYR A 170 -10.81 -39.50 -19.23
C TYR A 170 -9.99 -40.02 -20.43
N LEU A 171 -8.64 -39.88 -20.43
CA LEU A 171 -7.82 -40.29 -21.58
C LEU A 171 -6.57 -41.08 -21.18
N ARG A 172 -6.47 -41.55 -19.92
CA ARG A 172 -5.27 -42.30 -19.52
C ARG A 172 -5.04 -43.60 -20.33
N ASN A 173 -6.12 -44.19 -20.92
CA ASN A 173 -5.98 -45.44 -21.71
C ASN A 173 -5.98 -45.21 -23.23
N GLU A 174 -6.15 -43.96 -23.68
CA GLU A 174 -6.07 -43.61 -25.11
C GLU A 174 -4.60 -43.64 -25.52
N SER A 175 -4.30 -43.95 -26.77
CA SER A 175 -2.91 -44.00 -27.22
C SER A 175 -2.36 -42.59 -27.42
N CYS A 176 -3.23 -41.60 -27.75
CA CYS A 176 -2.88 -40.19 -27.96
C CYS A 176 -2.58 -39.46 -26.63
N TYR A 177 -2.88 -40.10 -25.47
CA TYR A 177 -2.70 -39.58 -24.11
C TYR A 177 -1.44 -38.72 -23.88
N VAL A 178 -0.25 -39.30 -24.09
CA VAL A 178 1.05 -38.66 -23.88
C VAL A 178 1.22 -37.44 -24.82
N ASP A 179 0.80 -37.59 -26.09
CA ASP A 179 0.88 -36.54 -27.08
C ASP A 179 -0.04 -35.36 -26.76
N VAL A 180 -1.22 -35.64 -26.18
CA VAL A 180 -2.19 -34.61 -25.78
C VAL A 180 -1.60 -33.81 -24.59
N ILE A 181 -1.04 -34.51 -23.56
CA ILE A 181 -0.47 -33.82 -22.41
C ILE A 181 0.71 -32.99 -22.84
N ALA A 182 1.53 -33.49 -23.79
CA ALA A 182 2.69 -32.78 -24.34
C ALA A 182 2.27 -31.54 -25.10
N THR A 183 1.13 -31.58 -25.80
CA THR A 183 0.56 -30.45 -26.54
C THR A 183 0.13 -29.34 -25.57
N PHE A 184 -0.49 -29.70 -24.45
CA PHE A 184 -0.90 -28.74 -23.41
C PHE A 184 0.33 -28.10 -22.76
N ARG A 185 1.33 -28.92 -22.41
CA ARG A 185 2.57 -28.48 -21.79
C ARG A 185 3.33 -27.50 -22.70
N ASP A 186 3.52 -27.88 -23.97
CA ASP A 186 4.26 -27.07 -24.95
C ASP A 186 3.54 -25.79 -25.33
N ALA A 187 2.19 -25.82 -25.43
CA ALA A 187 1.43 -24.63 -25.73
C ALA A 187 1.48 -23.66 -24.53
N THR A 188 1.49 -24.21 -23.28
CA THR A 188 1.56 -23.39 -22.07
C THR A 188 2.92 -22.70 -21.99
N LEU A 189 4.02 -23.44 -22.29
CA LEU A 189 5.38 -22.91 -22.26
C LEU A 189 5.54 -21.75 -23.23
N LYS A 190 4.98 -21.87 -24.42
CA LYS A 190 5.01 -20.79 -25.41
C LYS A 190 4.22 -19.56 -24.94
N THR A 191 3.05 -19.77 -24.29
CA THR A 191 2.21 -18.70 -23.77
C THR A 191 2.93 -17.94 -22.66
N ILE A 192 3.61 -18.67 -21.72
CA ILE A 192 4.40 -18.10 -20.62
C ILE A 192 5.47 -17.14 -21.22
N ILE A 193 6.15 -17.58 -22.27
CA ILE A 193 7.17 -16.80 -22.96
C ILE A 193 6.59 -15.55 -23.66
N GLY A 194 5.45 -15.68 -24.35
CA GLY A 194 4.79 -14.52 -24.96
C GLY A 194 4.30 -13.56 -23.90
N GLN A 195 3.82 -14.07 -22.78
CA GLN A 195 3.35 -13.27 -21.63
C GLN A 195 4.55 -12.47 -21.04
N HIS A 196 5.69 -13.14 -20.90
CA HIS A 196 6.93 -12.52 -20.44
C HIS A 196 7.34 -11.36 -21.35
N LEU A 197 7.30 -11.60 -22.66
CA LEU A 197 7.65 -10.58 -23.64
C LEU A 197 6.70 -9.42 -23.63
N ASP A 198 5.39 -9.67 -23.54
CA ASP A 198 4.36 -8.63 -23.49
C ASP A 198 4.50 -7.74 -22.24
N THR A 199 4.98 -8.34 -21.14
CA THR A 199 5.18 -7.67 -19.86
C THR A 199 6.47 -6.82 -19.87
N ASN A 200 7.54 -7.31 -20.51
CA ASN A 200 8.88 -6.72 -20.40
C ASN A 200 9.50 -6.11 -21.68
N ILE A 201 8.81 -6.12 -22.82
CA ILE A 201 9.35 -5.60 -24.10
C ILE A 201 9.84 -4.14 -24.00
N PHE A 202 9.20 -3.29 -23.15
CA PHE A 202 9.59 -1.90 -22.96
C PHE A 202 10.39 -1.67 -21.64
N SER A 203 10.73 -2.75 -20.92
CA SER A 203 11.41 -2.65 -19.62
C SER A 203 12.88 -2.30 -19.78
N ASP A 204 13.44 -1.62 -18.75
CA ASP A 204 14.85 -1.18 -18.73
C ASP A 204 15.83 -2.34 -18.92
N LYS A 205 15.42 -3.58 -18.58
CA LYS A 205 16.24 -4.77 -18.71
C LYS A 205 16.40 -5.22 -20.16
N TYR A 206 15.41 -4.86 -21.02
CA TYR A 206 15.35 -5.17 -22.45
C TYR A 206 15.99 -4.06 -23.32
N SER A 207 16.31 -2.89 -22.69
CA SER A 207 16.87 -1.73 -23.39
C SER A 207 18.31 -1.97 -23.91
N ASP A 208 19.23 -2.49 -23.05
CA ASP A 208 20.62 -2.78 -23.43
C ASP A 208 21.08 -4.13 -22.86
N GLU A 212 22.66 -5.72 -17.03
CA GLU A 212 22.33 -6.87 -16.19
C GLU A 212 21.22 -6.55 -15.15
N ILE A 213 20.44 -7.57 -14.73
CA ILE A 213 19.36 -7.40 -13.74
C ILE A 213 20.00 -7.13 -12.36
N ASP A 214 19.61 -6.01 -11.71
CA ASP A 214 20.10 -5.63 -10.39
C ASP A 214 19.36 -6.40 -9.29
N VAL A 215 20.01 -7.43 -8.74
CA VAL A 215 19.49 -8.28 -7.67
C VAL A 215 19.58 -7.60 -6.29
N ASN A 216 20.01 -6.33 -6.28
CA ASN A 216 20.16 -5.54 -5.05
C ASN A 216 19.17 -4.39 -5.01
N ASN A 217 18.46 -4.16 -6.13
CA ASN A 217 17.46 -3.11 -6.19
C ASN A 217 16.06 -3.67 -5.95
N ILE A 218 15.49 -3.28 -4.81
CA ILE A 218 14.14 -3.60 -4.34
C ILE A 218 13.43 -2.33 -3.99
N ASN A 219 14.11 -1.18 -4.09
CA ASN A 219 13.55 0.08 -3.59
C ASN A 219 13.24 1.14 -4.63
N VAL A 220 14.00 1.17 -5.73
CA VAL A 220 13.86 2.18 -6.81
C VAL A 220 12.89 1.62 -7.89
N PRO A 221 11.57 1.94 -7.85
CA PRO A 221 10.65 1.39 -8.86
C PRO A 221 10.85 2.01 -10.23
N GLU A 222 11.03 1.18 -11.27
CA GLU A 222 11.24 1.68 -12.62
C GLU A 222 9.93 2.22 -13.22
N GLN A 223 9.98 3.47 -13.71
CA GLN A 223 8.83 4.13 -14.33
C GLN A 223 8.62 3.50 -15.72
N PRO A 224 7.36 3.11 -16.08
CA PRO A 224 7.15 2.48 -17.39
C PRO A 224 7.30 3.50 -18.53
N VAL A 225 8.08 3.12 -19.55
CA VAL A 225 8.32 3.97 -20.71
C VAL A 225 8.47 3.14 -21.98
N ILE A 226 8.10 3.72 -23.14
CA ILE A 226 8.18 3.13 -24.47
C ILE A 226 9.65 3.09 -24.94
N ASP A 227 10.03 2.00 -25.64
CA ASP A 227 11.32 1.85 -26.30
C ASP A 227 10.98 1.74 -27.79
N ILE A 228 11.31 2.80 -28.57
CA ILE A 228 11.04 2.93 -30.02
C ILE A 228 11.71 1.84 -30.85
N ASN A 229 12.84 1.26 -30.37
CA ASN A 229 13.52 0.13 -31.04
C ASN A 229 12.66 -1.16 -31.03
N MET A 230 11.65 -1.22 -30.15
CA MET A 230 10.75 -2.37 -30.00
C MET A 230 9.39 -2.13 -30.67
N ILE A 231 9.12 -0.88 -31.13
CA ILE A 231 7.89 -0.50 -31.81
C ILE A 231 7.97 -0.92 -33.30
N ASN A 232 7.88 -2.22 -33.56
CA ASN A 232 7.92 -2.79 -34.91
C ASN A 232 7.10 -4.10 -34.97
N PHE A 233 6.52 -4.41 -36.16
CA PHE A 233 5.64 -5.57 -36.38
C PHE A 233 6.36 -6.94 -36.21
N GLY A 234 7.68 -6.98 -36.40
CA GLY A 234 8.46 -8.20 -36.24
C GLY A 234 8.44 -8.67 -34.79
N VAL A 235 8.75 -7.74 -33.87
CA VAL A 235 8.74 -7.95 -32.42
C VAL A 235 7.30 -8.28 -31.99
N TYR A 236 6.33 -7.50 -32.45
CA TYR A 236 4.91 -7.70 -32.17
C TYR A 236 4.42 -9.14 -32.51
N LYS A 237 4.79 -9.67 -33.69
CA LYS A 237 4.45 -11.01 -34.14
C LYS A 237 5.08 -12.06 -33.23
N ASN A 238 6.32 -11.84 -32.78
CA ASN A 238 7.02 -12.72 -31.85
C ASN A 238 6.18 -12.87 -30.58
N ILE A 239 5.68 -11.73 -30.04
CA ILE A 239 4.89 -11.70 -28.81
C ILE A 239 3.54 -12.41 -29.00
N VAL A 240 2.76 -11.90 -29.96
CA VAL A 240 1.40 -12.29 -30.28
C VAL A 240 1.28 -13.78 -30.67
N ILE A 241 2.25 -14.32 -31.43
CA ILE A 241 2.28 -15.72 -31.84
C ILE A 241 2.46 -16.62 -30.60
N HIS A 242 3.39 -16.24 -29.70
CA HIS A 242 3.66 -17.01 -28.49
C HIS A 242 2.58 -16.82 -27.44
N LYS A 243 2.13 -15.57 -27.24
CA LYS A 243 1.08 -15.28 -26.25
C LYS A 243 -0.31 -15.83 -26.65
N THR A 244 -0.69 -15.83 -27.95
CA THR A 244 -2.07 -16.25 -28.31
C THR A 244 -2.20 -17.48 -29.23
N ALA A 245 -1.47 -17.52 -30.36
CA ALA A 245 -1.59 -18.50 -31.44
C ALA A 245 -1.53 -19.95 -31.01
N TYR A 246 -0.62 -20.28 -30.08
CA TYR A 246 -0.42 -21.66 -29.69
C TYR A 246 -1.53 -22.22 -28.82
N TYR A 247 -1.96 -21.50 -27.79
CA TYR A 247 -3.02 -22.06 -26.94
C TYR A 247 -4.44 -21.79 -27.51
N SER A 248 -4.61 -20.70 -28.30
CA SER A 248 -5.92 -20.35 -28.84
C SER A 248 -6.30 -21.11 -30.09
N PHE A 249 -5.32 -21.44 -30.94
CA PHE A 249 -5.60 -22.13 -32.19
C PHE A 249 -4.86 -23.46 -32.35
N PHE A 250 -3.53 -23.47 -32.22
CA PHE A 250 -2.77 -24.71 -32.38
C PHE A 250 -3.23 -25.82 -31.46
N LEU A 251 -3.21 -25.57 -30.13
CA LEU A 251 -3.61 -26.52 -29.11
C LEU A 251 -5.04 -27.10 -29.36
N PRO A 252 -6.13 -26.30 -29.52
CA PRO A 252 -7.45 -26.93 -29.76
C PRO A 252 -7.56 -27.75 -31.06
N ILE A 253 -6.94 -27.30 -32.15
CA ILE A 253 -6.98 -28.02 -33.43
C ILE A 253 -6.21 -29.34 -33.31
N VAL A 254 -4.97 -29.30 -32.74
CA VAL A 254 -4.14 -30.50 -32.53
C VAL A 254 -4.86 -31.50 -31.60
N CYS A 255 -5.62 -31.00 -30.61
CA CYS A 255 -6.41 -31.82 -29.68
C CYS A 255 -7.46 -32.65 -30.42
N GLY A 256 -8.29 -32.02 -31.23
CA GLY A 256 -9.29 -32.71 -32.05
C GLY A 256 -8.66 -33.75 -32.97
N MET A 257 -7.58 -33.35 -33.69
CA MET A 257 -6.83 -34.18 -34.61
C MET A 257 -6.17 -35.39 -33.93
N LEU A 258 -5.50 -35.19 -32.79
CA LEU A 258 -4.84 -36.28 -32.04
C LEU A 258 -5.88 -37.30 -31.57
N LEU A 259 -7.01 -36.82 -31.03
CA LEU A 259 -8.09 -37.66 -30.53
C LEU A 259 -8.83 -38.42 -31.68
N ALA A 260 -8.89 -37.80 -32.87
CA ALA A 260 -9.48 -38.40 -34.06
C ALA A 260 -8.61 -39.55 -34.58
N GLY A 261 -7.31 -39.45 -34.42
CA GLY A 261 -6.36 -40.48 -34.80
C GLY A 261 -5.39 -40.09 -35.88
N ILE A 262 -5.31 -38.81 -36.21
CA ILE A 262 -4.36 -38.39 -37.23
C ILE A 262 -2.94 -38.41 -36.58
N ALA A 263 -2.05 -39.24 -37.17
CA ALA A 263 -0.68 -39.50 -36.71
C ALA A 263 0.19 -38.23 -36.68
N VAL A 264 0.93 -38.03 -35.57
CA VAL A 264 1.83 -36.88 -35.31
C VAL A 264 2.87 -36.68 -36.44
N ASP A 265 3.25 -37.76 -37.13
CA ASP A 265 4.20 -37.73 -38.25
C ASP A 265 3.61 -37.09 -39.52
N ASN A 266 2.26 -36.87 -39.54
CA ASN A 266 1.56 -36.28 -40.68
C ASN A 266 1.97 -34.83 -40.89
N LEU A 267 2.38 -34.52 -42.13
CA LEU A 267 2.85 -33.21 -42.60
C LEU A 267 1.81 -32.09 -42.43
N ILE A 268 0.53 -32.47 -42.20
CA ILE A 268 -0.58 -31.53 -42.03
C ILE A 268 -0.42 -30.72 -40.71
N TYR A 269 0.26 -31.30 -39.69
CA TYR A 269 0.48 -30.62 -38.40
C TYR A 269 1.30 -29.34 -38.52
N LYS A 270 2.28 -29.32 -39.44
CA LYS A 270 3.09 -28.13 -39.68
C LYS A 270 2.25 -27.09 -40.41
N LYS A 271 1.36 -27.54 -41.30
CA LYS A 271 0.47 -26.65 -42.05
C LYS A 271 -0.51 -25.98 -41.08
N ILE A 272 -1.09 -26.79 -40.14
CA ILE A 272 -1.98 -26.27 -39.11
C ILE A 272 -1.22 -25.32 -38.15
N GLU A 273 0.08 -25.57 -37.94
CA GLU A 273 0.92 -24.72 -37.11
C GLU A 273 1.05 -23.35 -37.71
N ASP A 274 1.26 -23.28 -39.04
CA ASP A 274 1.42 -22.02 -39.78
C ASP A 274 0.11 -21.24 -39.84
N ILE A 275 -1.01 -21.93 -40.01
CA ILE A 275 -2.34 -21.30 -40.03
C ILE A 275 -2.65 -20.71 -38.64
N SER A 276 -2.36 -21.48 -37.57
CA SER A 276 -2.57 -21.06 -36.16
C SER A 276 -1.85 -19.74 -35.86
N MET A 277 -0.63 -19.59 -36.37
CA MET A 277 0.20 -18.40 -36.22
C MET A 277 -0.44 -17.18 -36.88
N LEU A 278 -0.96 -17.38 -38.11
CA LEU A 278 -1.67 -16.34 -38.88
C LEU A 278 -3.01 -15.96 -38.20
N MET A 279 -3.71 -16.95 -37.64
CA MET A 279 -4.99 -16.74 -36.94
C MET A 279 -4.80 -16.06 -35.58
N GLY A 280 -3.69 -16.38 -34.91
CA GLY A 280 -3.31 -15.78 -33.63
C GLY A 280 -3.06 -14.30 -33.80
N GLU A 281 -2.25 -13.94 -34.83
CA GLU A 281 -1.93 -12.56 -35.21
C GLU A 281 -3.20 -11.79 -35.50
N TYR A 282 -4.10 -12.40 -36.30
CA TYR A 282 -5.40 -11.84 -36.71
C TYR A 282 -6.28 -11.56 -35.48
N PHE A 283 -6.39 -12.53 -34.57
CA PHE A 283 -7.21 -12.44 -33.35
C PHE A 283 -6.71 -11.35 -32.37
N GLN A 284 -5.37 -11.28 -32.14
CA GLN A 284 -4.78 -10.32 -31.22
C GLN A 284 -4.86 -8.87 -31.72
N ILE A 285 -4.64 -8.63 -33.04
CA ILE A 285 -4.75 -7.29 -33.62
C ILE A 285 -6.17 -6.74 -33.38
N HIS A 286 -7.20 -7.61 -33.55
CA HIS A 286 -8.60 -7.30 -33.32
C HIS A 286 -8.84 -7.00 -31.82
N ASP A 287 -8.19 -7.76 -30.93
CA ASP A 287 -8.29 -7.58 -29.47
C ASP A 287 -7.73 -6.20 -29.09
N ASP A 288 -6.64 -5.78 -29.74
CA ASP A 288 -5.99 -4.48 -29.53
C ASP A 288 -6.88 -3.37 -30.04
N TYR A 289 -7.55 -3.62 -31.18
CA TYR A 289 -8.50 -2.71 -31.81
C TYR A 289 -9.69 -2.48 -30.86
N LEU A 290 -10.22 -3.56 -30.27
CA LEU A 290 -11.36 -3.52 -29.35
C LEU A 290 -11.07 -2.71 -28.10
N ASP A 291 -9.83 -2.87 -27.53
CA ASP A 291 -9.34 -2.20 -26.33
C ASP A 291 -9.49 -0.68 -26.41
N ILE A 292 -9.18 -0.08 -27.59
CA ILE A 292 -9.29 1.34 -27.78
C ILE A 292 -10.65 1.73 -28.43
N PHE A 293 -11.06 1.01 -29.49
CA PHE A 293 -12.30 1.29 -30.25
C PHE A 293 -13.44 0.29 -29.97
N SER A 304 -7.30 -0.37 -21.50
CA SER A 304 -6.22 -0.31 -20.51
C SER A 304 -4.80 -0.43 -21.11
N ASP A 305 -4.66 -0.83 -22.38
CA ASP A 305 -3.38 -1.02 -23.08
C ASP A 305 -2.48 0.23 -23.11
N ILE A 306 -3.08 1.41 -23.33
CA ILE A 306 -2.36 2.69 -23.34
C ILE A 306 -1.78 2.93 -21.96
N GLN A 307 -2.62 2.90 -20.91
CA GLN A 307 -2.21 3.09 -19.51
C GLN A 307 -1.20 2.05 -19.06
N ASN A 308 -1.35 0.78 -19.53
CA ASN A 308 -0.47 -0.33 -19.13
C ASN A 308 0.80 -0.42 -19.97
N ASN A 309 1.08 0.60 -20.81
CA ASN A 309 2.30 0.70 -21.64
C ASN A 309 2.49 -0.51 -22.56
N LYS A 310 1.42 -0.99 -23.17
CA LYS A 310 1.50 -2.21 -24.00
C LYS A 310 1.90 -1.93 -25.44
N LEU A 311 2.70 -2.85 -26.04
CA LEU A 311 3.07 -2.82 -27.45
C LEU A 311 1.85 -3.36 -28.20
N THR A 312 1.09 -2.43 -28.80
CA THR A 312 -0.13 -2.81 -29.52
C THR A 312 0.01 -2.54 -31.02
N TRP A 313 -0.87 -3.17 -31.82
CA TRP A 313 -0.93 -2.93 -33.26
C TRP A 313 -1.28 -1.44 -33.54
N PRO A 314 -2.33 -0.81 -32.91
CA PRO A 314 -2.58 0.63 -33.16
C PRO A 314 -1.38 1.54 -32.87
N LEU A 315 -0.60 1.23 -31.81
CA LEU A 315 0.63 1.96 -31.48
C LEU A 315 1.69 1.83 -32.59
N ILE A 316 1.93 0.59 -33.08
CA ILE A 316 2.92 0.34 -34.14
C ILE A 316 2.48 1.03 -35.44
N LYS A 317 1.17 0.91 -35.81
CA LYS A 317 0.62 1.52 -37.01
C LYS A 317 0.75 3.05 -36.96
N THR A 318 0.30 3.69 -35.85
CA THR A 318 0.40 5.14 -35.63
C THR A 318 1.86 5.62 -35.77
N PHE A 319 2.81 4.88 -35.17
CA PHE A 319 4.24 5.19 -35.18
C PHE A 319 4.89 5.12 -36.56
N GLU A 320 4.43 4.21 -37.45
CA GLU A 320 5.01 4.11 -38.78
C GLU A 320 4.49 5.21 -39.72
N LEU A 321 3.27 5.69 -39.45
CA LEU A 321 2.46 6.66 -40.19
C LEU A 321 2.53 8.11 -39.68
N CYS A 322 3.09 8.35 -38.48
CA CYS A 322 3.09 9.70 -37.91
C CYS A 322 4.40 10.47 -38.09
N SER A 323 4.26 11.82 -38.03
CA SER A 323 5.33 12.82 -38.13
C SER A 323 6.25 12.74 -36.91
N GLU A 324 7.46 13.31 -37.01
CA GLU A 324 8.42 13.38 -35.91
C GLU A 324 7.86 14.09 -34.65
N PRO A 325 7.16 15.26 -34.73
CA PRO A 325 6.60 15.84 -33.50
C PRO A 325 5.59 14.94 -32.79
N ASP A 326 4.83 14.15 -33.57
CA ASP A 326 3.81 13.24 -33.05
C ASP A 326 4.45 12.00 -32.38
N LYS A 327 5.65 11.59 -32.84
CA LYS A 327 6.42 10.47 -32.27
C LYS A 327 6.85 10.83 -30.84
N ILE A 328 7.35 12.08 -30.65
CA ILE A 328 7.76 12.62 -29.34
C ILE A 328 6.53 12.73 -28.43
N LYS A 329 5.38 13.13 -28.99
CA LYS A 329 4.08 13.26 -28.32
C LYS A 329 3.60 11.86 -27.81
N ILE A 330 3.88 10.79 -28.60
CA ILE A 330 3.54 9.41 -28.23
C ILE A 330 4.39 8.98 -27.02
N VAL A 331 5.73 9.15 -27.11
CA VAL A 331 6.71 8.82 -26.08
C VAL A 331 6.42 9.53 -24.75
N LYS A 332 5.90 10.77 -24.82
CA LYS A 332 5.57 11.60 -23.65
C LYS A 332 4.23 11.25 -22.97
N ASN A 333 3.28 10.67 -23.72
CA ASN A 333 1.94 10.39 -23.20
C ASN A 333 1.57 8.90 -23.04
N TYR A 334 2.30 7.99 -23.69
CA TYR A 334 2.00 6.57 -23.61
C TYR A 334 2.53 5.91 -22.34
N GLY A 335 1.72 5.02 -21.77
CA GLY A 335 2.07 4.25 -20.59
C GLY A 335 1.90 4.99 -19.28
N LYS A 336 0.97 5.97 -19.25
CA LYS A 336 0.71 6.79 -18.07
C LYS A 336 -0.74 6.70 -17.61
N ASN A 337 -0.94 6.52 -16.28
CA ASN A 337 -2.24 6.40 -15.61
C ASN A 337 -2.85 7.81 -15.28
N ASN A 338 -2.70 8.74 -16.25
CA ASN A 338 -3.22 10.10 -16.24
C ASN A 338 -4.18 10.22 -17.44
N LEU A 339 -5.43 10.66 -17.18
CA LEU A 339 -6.52 10.82 -18.16
C LEU A 339 -6.16 11.72 -19.37
N ALA A 340 -5.43 12.82 -19.12
CA ALA A 340 -4.99 13.74 -20.17
C ALA A 340 -4.06 13.04 -21.14
N CYS A 341 -3.09 12.26 -20.59
CA CYS A 341 -2.10 11.48 -21.35
C CYS A 341 -2.76 10.46 -22.30
N VAL A 342 -3.75 9.70 -21.79
CA VAL A 342 -4.51 8.69 -22.55
C VAL A 342 -5.33 9.38 -23.63
N LYS A 343 -5.95 10.55 -23.29
CA LYS A 343 -6.76 11.37 -24.19
C LYS A 343 -5.93 11.81 -25.39
N VAL A 344 -4.64 12.15 -25.18
CA VAL A 344 -3.69 12.57 -26.22
C VAL A 344 -3.40 11.39 -27.20
N ILE A 345 -3.13 10.19 -26.65
CA ILE A 345 -2.88 8.97 -27.43
C ILE A 345 -4.15 8.56 -28.19
N ASP A 346 -5.32 8.69 -27.54
CA ASP A 346 -6.63 8.41 -28.14
C ASP A 346 -6.88 9.29 -29.37
N SER A 347 -6.56 10.59 -29.27
CA SER A 347 -6.73 11.59 -30.33
C SER A 347 -5.84 11.32 -31.54
N LEU A 348 -4.62 10.84 -31.30
CA LEU A 348 -3.67 10.49 -32.36
C LEU A 348 -4.14 9.28 -33.15
N TYR A 349 -4.85 8.34 -32.47
CA TYR A 349 -5.42 7.14 -33.11
C TYR A 349 -6.60 7.53 -34.02
N GLU A 350 -7.37 8.58 -33.61
CA GLU A 350 -8.51 9.14 -34.36
C GLU A 350 -7.98 9.92 -35.57
N GLN A 351 -6.91 10.73 -35.34
CA GLN A 351 -6.23 11.56 -36.34
C GLN A 351 -5.65 10.74 -37.49
N TYR A 352 -4.87 9.70 -37.16
CA TYR A 352 -4.24 8.82 -38.14
C TYR A 352 -5.19 7.70 -38.57
N LYS A 353 -6.51 7.89 -38.30
CA LYS A 353 -7.64 7.01 -38.67
C LYS A 353 -7.26 5.52 -38.57
N ILE A 354 -6.77 5.11 -37.38
CA ILE A 354 -6.29 3.75 -37.06
C ILE A 354 -7.38 2.69 -37.32
N ARG A 355 -8.67 3.04 -37.09
CA ARG A 355 -9.85 2.19 -37.34
C ARG A 355 -9.91 1.74 -38.80
N LYS A 356 -9.64 2.67 -39.74
CA LYS A 356 -9.67 2.39 -41.19
C LYS A 356 -8.51 1.48 -41.59
N HIS A 357 -7.33 1.68 -40.98
CA HIS A 357 -6.15 0.87 -41.26
C HIS A 357 -6.28 -0.56 -40.74
N TYR A 358 -7.09 -0.74 -39.66
CA TYR A 358 -7.39 -2.04 -39.07
C TYR A 358 -8.29 -2.81 -40.05
N GLU A 359 -9.35 -2.11 -40.55
CA GLU A 359 -10.33 -2.60 -41.52
C GLU A 359 -9.60 -3.09 -42.77
N SER A 360 -8.58 -2.32 -43.22
CA SER A 360 -7.73 -2.63 -44.36
C SER A 360 -6.89 -3.86 -44.05
N TYR A 361 -6.34 -3.97 -42.80
CA TYR A 361 -5.52 -5.10 -42.36
C TYR A 361 -6.37 -6.38 -42.30
N GLU A 362 -7.55 -6.31 -41.62
CA GLU A 362 -8.51 -7.40 -41.40
C GLU A 362 -8.92 -8.09 -42.71
N LYS A 363 -9.14 -7.31 -43.78
CA LYS A 363 -9.50 -7.84 -45.09
C LYS A 363 -8.30 -8.54 -45.73
N ALA A 364 -7.11 -7.91 -45.68
CA ALA A 364 -5.86 -8.44 -46.26
C ALA A 364 -5.37 -9.73 -45.56
N GLN A 365 -5.50 -9.79 -44.20
CA GLN A 365 -5.07 -10.96 -43.40
C GLN A 365 -6.02 -12.15 -43.58
N LYS A 366 -7.35 -11.89 -43.58
CA LYS A 366 -8.41 -12.88 -43.78
C LYS A 366 -8.16 -13.69 -45.07
N ALA A 367 -7.78 -12.99 -46.16
CA ALA A 367 -7.46 -13.57 -47.47
C ALA A 367 -6.23 -14.48 -47.40
N LYS A 368 -5.16 -13.99 -46.74
CA LYS A 368 -3.89 -14.68 -46.56
C LYS A 368 -4.07 -16.02 -45.82
N ILE A 369 -5.01 -16.07 -44.84
CA ILE A 369 -5.32 -17.28 -44.07
C ILE A 369 -6.17 -18.22 -44.91
N LEU A 370 -7.25 -17.69 -45.58
CA LEU A 370 -8.13 -18.47 -46.48
C LEU A 370 -7.30 -19.21 -47.52
N SER A 371 -6.26 -18.53 -48.06
CA SER A 371 -5.33 -19.09 -49.03
C SER A 371 -4.55 -20.24 -48.41
N ALA A 372 -4.05 -20.06 -47.16
CA ALA A 372 -3.29 -21.08 -46.44
C ALA A 372 -4.18 -22.28 -46.07
N ILE A 373 -5.45 -22.02 -45.74
CA ILE A 373 -6.46 -23.04 -45.40
C ILE A 373 -6.76 -23.92 -46.62
N ASN A 374 -6.83 -23.31 -47.83
CA ASN A 374 -7.10 -24.05 -49.07
C ASN A 374 -5.94 -24.92 -49.50
N GLU A 375 -4.73 -24.68 -48.94
CA GLU A 375 -3.53 -25.49 -49.23
C GLU A 375 -3.45 -26.71 -48.28
N LEU A 376 -4.46 -26.88 -47.39
CA LEU A 376 -4.52 -27.99 -46.43
C LEU A 376 -4.79 -29.32 -47.06
N HIS A 377 -5.77 -29.34 -48.01
CA HIS A 377 -6.25 -30.54 -48.73
C HIS A 377 -6.95 -31.49 -47.74
N HIS A 378 -7.92 -30.93 -47.00
CA HIS A 378 -8.74 -31.63 -46.01
C HIS A 378 -10.01 -30.82 -45.85
N GLU A 379 -11.06 -31.21 -46.59
CA GLU A 379 -12.38 -30.56 -46.62
C GLU A 379 -12.99 -30.30 -45.22
N GLY A 380 -12.90 -31.29 -44.32
CA GLY A 380 -13.44 -31.21 -42.96
C GLY A 380 -12.82 -30.12 -42.08
N ILE A 381 -11.49 -30.11 -42.00
CA ILE A 381 -10.75 -29.12 -41.24
C ILE A 381 -10.93 -27.73 -41.88
N GLU A 382 -10.84 -27.67 -43.23
CA GLU A 382 -11.00 -26.45 -44.03
C GLU A 382 -12.33 -25.77 -43.76
N TYR A 383 -13.43 -26.57 -43.64
CA TYR A 383 -14.74 -26.02 -43.33
C TYR A 383 -14.71 -25.39 -41.95
N VAL A 384 -14.17 -26.11 -40.94
CA VAL A 384 -14.10 -25.67 -39.55
C VAL A 384 -13.29 -24.37 -39.45
N LEU A 385 -12.12 -24.29 -40.11
CA LEU A 385 -11.26 -23.12 -40.08
C LEU A 385 -11.91 -21.89 -40.71
N LYS A 386 -12.65 -22.07 -41.83
CA LYS A 386 -13.39 -21.01 -42.51
C LYS A 386 -14.57 -20.54 -41.64
N TYR A 387 -15.27 -21.49 -40.98
CA TYR A 387 -16.38 -21.19 -40.07
C TYR A 387 -15.87 -20.46 -38.81
N LEU A 388 -14.72 -20.94 -38.24
CA LEU A 388 -14.06 -20.36 -37.07
C LEU A 388 -13.69 -18.91 -37.37
N LEU A 389 -13.07 -18.66 -38.55
CA LEU A 389 -12.66 -17.34 -39.01
C LEU A 389 -13.84 -16.36 -39.10
N GLU A 390 -15.03 -16.83 -39.47
CA GLU A 390 -16.22 -16.01 -39.57
C GLU A 390 -16.80 -15.65 -38.19
N ILE A 391 -16.85 -16.65 -37.28
CA ILE A 391 -17.45 -16.57 -35.95
C ILE A 391 -16.47 -16.10 -34.82
N LEU A 392 -15.20 -15.82 -35.15
CA LEU A 392 -14.16 -15.47 -34.18
C LEU A 392 -14.54 -14.37 -33.17
N PHE A 393 -14.90 -13.19 -33.68
CA PHE A 393 -15.16 -11.98 -32.90
C PHE A 393 -16.50 -11.98 -32.12
N THR A 394 -17.43 -12.87 -32.49
CA THR A 394 -18.75 -13.00 -31.86
C THR A 394 -18.84 -14.29 -31.05
N LEU B 34 25.94 -36.30 -3.89
CA LEU B 34 25.71 -35.04 -3.19
C LEU B 34 26.46 -33.89 -3.86
N ALA B 35 27.80 -34.03 -3.96
CA ALA B 35 28.65 -33.06 -4.65
C ALA B 35 28.39 -33.25 -6.14
N PHE B 36 28.20 -34.53 -6.56
CA PHE B 36 27.89 -34.97 -7.93
C PHE B 36 26.57 -34.31 -8.38
N PHE B 37 25.53 -34.42 -7.51
CA PHE B 37 24.19 -33.87 -7.70
C PHE B 37 24.26 -32.37 -7.95
N ARG B 38 25.02 -31.63 -7.12
CA ARG B 38 25.22 -30.19 -7.23
C ARG B 38 25.93 -29.76 -8.52
N ASN B 39 26.78 -30.65 -9.07
CA ASN B 39 27.55 -30.43 -10.31
C ASN B 39 26.72 -30.70 -11.57
N MET B 40 25.65 -31.48 -11.42
CA MET B 40 24.74 -31.82 -12.52
C MET B 40 23.75 -30.69 -12.85
N TYR B 41 23.60 -29.69 -11.91
CA TYR B 41 22.70 -28.54 -11.99
C TYR B 41 22.65 -27.86 -13.35
N ASP B 42 23.79 -27.36 -13.83
CA ASP B 42 23.97 -26.61 -15.08
C ASP B 42 23.51 -27.37 -16.30
N LYS B 43 23.74 -28.70 -16.34
CA LYS B 43 23.33 -29.55 -17.42
C LYS B 43 21.79 -29.47 -17.60
N TYR B 44 21.03 -29.58 -16.47
CA TYR B 44 19.57 -29.51 -16.46
C TYR B 44 19.07 -28.11 -16.73
N ARG B 45 19.73 -27.06 -16.19
CA ARG B 45 19.31 -25.68 -16.44
C ARG B 45 19.44 -25.36 -17.93
N ASP B 46 20.62 -25.64 -18.52
CA ASP B 46 20.93 -25.35 -19.92
C ASP B 46 20.16 -26.25 -20.88
N ALA B 47 19.77 -27.46 -20.48
CA ALA B 47 18.93 -28.29 -21.33
C ALA B 47 17.57 -27.58 -21.50
N PHE B 48 17.03 -27.00 -20.39
CA PHE B 48 15.77 -26.28 -20.47
C PHE B 48 15.96 -24.97 -21.20
N LEU B 49 17.02 -24.21 -20.91
CA LEU B 49 17.25 -22.94 -21.61
C LEU B 49 17.42 -23.15 -23.12
N SER B 50 18.07 -24.24 -23.50
CA SER B 50 18.28 -24.62 -24.90
C SER B 50 16.93 -24.84 -25.62
N HIS B 51 15.94 -25.43 -24.92
CA HIS B 51 14.59 -25.67 -25.45
C HIS B 51 13.91 -24.33 -25.82
N LEU B 52 13.99 -23.32 -24.91
CA LEU B 52 13.40 -21.99 -25.15
C LEU B 52 14.11 -21.28 -26.30
N ASN B 53 15.43 -21.52 -26.43
CA ASN B 53 16.30 -20.97 -27.47
C ASN B 53 15.96 -21.46 -28.86
N GLU B 54 15.21 -22.58 -28.97
CA GLU B 54 14.77 -23.14 -30.23
C GLU B 54 13.52 -22.43 -30.73
N TYR B 55 12.88 -21.57 -29.89
CA TYR B 55 11.66 -20.85 -30.26
C TYR B 55 11.93 -19.89 -31.44
N SER B 56 10.92 -19.68 -32.30
CA SER B 56 11.00 -18.78 -33.44
C SER B 56 10.91 -17.33 -32.95
N LEU B 57 12.06 -16.80 -32.52
CA LEU B 57 12.14 -15.44 -32.01
C LEU B 57 13.35 -14.74 -32.61
N GLU B 58 13.30 -13.41 -32.72
CA GLU B 58 14.41 -12.59 -33.22
C GLU B 58 15.60 -12.76 -32.27
N GLU B 59 16.82 -12.92 -32.81
CA GLU B 59 18.05 -13.20 -32.07
C GLU B 59 18.28 -12.33 -30.83
N GLU B 60 17.93 -11.03 -30.88
CA GLU B 60 18.07 -10.08 -29.77
C GLU B 60 17.13 -10.45 -28.62
N ILE B 61 15.88 -10.87 -28.97
CA ILE B 61 14.86 -11.27 -28.01
C ILE B 61 15.34 -12.55 -27.29
N LYS B 62 15.91 -13.52 -28.05
CA LYS B 62 16.48 -14.77 -27.53
C LYS B 62 17.54 -14.53 -26.49
N GLU B 63 18.40 -13.53 -26.70
CA GLU B 63 19.48 -13.22 -25.76
C GLU B 63 18.97 -12.61 -24.46
N HIS B 64 17.90 -11.78 -24.52
CA HIS B 64 17.26 -11.20 -23.33
C HIS B 64 16.57 -12.27 -22.49
N ILE B 65 15.86 -13.20 -23.16
CA ILE B 65 15.17 -14.35 -22.60
C ILE B 65 16.17 -15.24 -21.86
N SER B 66 17.31 -15.59 -22.50
CA SER B 66 18.31 -16.46 -21.87
C SER B 66 18.94 -15.78 -20.65
N LYS B 67 19.15 -14.45 -20.71
CA LYS B 67 19.73 -13.67 -19.62
C LYS B 67 18.77 -13.70 -18.43
N TYR B 68 17.46 -13.45 -18.69
CA TYR B 68 16.42 -13.44 -17.67
C TYR B 68 16.25 -14.81 -17.02
N TYR B 69 16.01 -15.83 -17.85
CA TYR B 69 15.70 -17.16 -17.34
C TYR B 69 16.88 -17.89 -16.70
N LYS B 70 18.13 -17.56 -17.06
CA LYS B 70 19.31 -18.16 -16.43
C LYS B 70 19.36 -17.65 -14.99
N LEU B 71 19.11 -16.34 -14.79
CA LEU B 71 19.07 -15.77 -13.45
C LEU B 71 17.85 -16.29 -12.66
N LEU B 72 16.69 -16.50 -13.29
CA LEU B 72 15.50 -17.02 -12.60
C LEU B 72 15.80 -18.36 -11.97
N PHE B 73 16.40 -19.27 -12.77
CA PHE B 73 16.80 -20.60 -12.28
C PHE B 73 17.87 -20.51 -11.20
N ASP B 74 19.00 -19.88 -11.50
CA ASP B 74 20.14 -19.72 -10.58
C ASP B 74 19.78 -19.14 -9.24
N TYR B 75 19.07 -18.02 -9.26
CA TYR B 75 18.69 -17.28 -8.08
C TYR B 75 17.77 -18.06 -7.17
N ASN B 76 16.88 -18.88 -7.74
CA ASN B 76 15.87 -19.57 -6.95
C ASN B 76 16.12 -21.06 -6.77
N CYS B 77 16.94 -21.68 -7.63
CA CYS B 77 17.21 -23.13 -7.47
C CYS B 77 18.45 -23.42 -6.64
N LEU B 78 19.39 -22.46 -6.55
CA LEU B 78 20.62 -22.66 -5.79
C LEU B 78 20.57 -21.93 -4.46
N GLY B 79 20.99 -22.62 -3.39
CA GLY B 79 21.05 -22.00 -2.06
C GLY B 79 20.40 -22.73 -0.90
N GLY B 80 19.60 -23.73 -1.20
CA GLY B 80 18.93 -24.51 -0.15
C GLY B 80 19.72 -25.70 0.34
N LYS B 81 19.16 -26.43 1.30
CA LYS B 81 19.80 -27.63 1.87
C LYS B 81 19.79 -28.81 0.87
N ASN B 82 18.85 -28.82 -0.11
CA ASN B 82 18.68 -29.82 -1.17
C ASN B 82 18.35 -31.22 -0.61
N ASN B 83 17.67 -31.25 0.53
CA ASN B 83 17.22 -32.48 1.18
C ASN B 83 16.34 -33.35 0.27
N ARG B 84 15.41 -32.71 -0.45
CA ARG B 84 14.48 -33.38 -1.36
C ARG B 84 15.24 -33.97 -2.56
N GLY B 85 16.21 -33.22 -3.11
CA GLY B 85 17.03 -33.65 -4.24
C GLY B 85 17.91 -34.84 -3.90
N ILE B 86 18.63 -34.73 -2.75
CA ILE B 86 19.52 -35.74 -2.19
C ILE B 86 18.72 -37.03 -1.87
N LEU B 87 17.47 -36.87 -1.38
CA LEU B 87 16.59 -37.98 -1.03
C LEU B 87 16.29 -38.87 -2.25
N VAL B 88 16.19 -38.27 -3.46
CA VAL B 88 15.94 -39.01 -4.71
C VAL B 88 17.18 -39.87 -5.00
N ILE B 89 18.36 -39.23 -5.06
CA ILE B 89 19.66 -39.83 -5.35
C ILE B 89 19.94 -41.05 -4.42
N LEU B 90 19.79 -40.86 -3.10
CA LEU B 90 20.01 -41.88 -2.09
C LEU B 90 19.00 -43.02 -2.20
N ILE B 91 17.70 -42.71 -2.43
CA ILE B 91 16.69 -43.77 -2.58
C ILE B 91 16.96 -44.54 -3.87
N TYR B 92 17.36 -43.85 -4.97
CA TYR B 92 17.65 -44.51 -6.23
C TYR B 92 18.77 -45.54 -6.08
N GLU B 93 19.84 -45.17 -5.38
CA GLU B 93 21.02 -46.01 -5.13
C GLU B 93 20.73 -47.22 -4.19
N TYR B 94 20.01 -47.00 -3.08
CA TYR B 94 19.76 -48.01 -2.06
C TYR B 94 18.47 -48.85 -2.20
N VAL B 95 17.56 -48.54 -3.15
CA VAL B 95 16.34 -49.34 -3.36
C VAL B 95 16.77 -50.83 -3.50
N LYS B 96 17.89 -51.07 -4.22
CA LYS B 96 18.53 -52.35 -4.44
C LYS B 96 20.00 -52.10 -4.76
N ASN B 97 20.88 -52.91 -4.16
CA ASN B 97 22.30 -52.84 -4.45
C ASN B 97 22.49 -53.48 -5.84
N ARG B 98 22.90 -52.68 -6.84
CA ARG B 98 23.03 -53.08 -8.24
C ARG B 98 23.92 -52.09 -9.02
N ASP B 99 24.37 -52.46 -10.24
CA ASP B 99 25.18 -51.54 -11.05
C ASP B 99 24.27 -50.49 -11.68
N ILE B 100 24.76 -49.24 -11.63
CA ILE B 100 24.07 -48.04 -12.13
C ILE B 100 25.05 -47.28 -13.05
N ASN B 101 24.76 -47.24 -14.36
CA ASN B 101 25.64 -46.52 -15.31
C ASN B 101 25.36 -45.00 -15.32
N SER B 102 26.30 -44.22 -15.88
CA SER B 102 26.28 -42.77 -15.96
C SER B 102 24.97 -42.20 -16.55
N SER B 103 24.41 -42.89 -17.56
CA SER B 103 23.16 -42.54 -18.23
C SER B 103 21.95 -42.69 -17.28
N GLU B 104 21.96 -43.73 -16.44
CA GLU B 104 20.91 -44.00 -15.46
C GLU B 104 20.91 -42.96 -14.34
N TRP B 105 22.11 -42.49 -13.96
CA TRP B 105 22.34 -41.45 -12.96
C TRP B 105 21.90 -40.10 -13.47
N GLU B 106 22.04 -39.87 -14.78
CA GLU B 106 21.63 -38.67 -15.49
C GLU B 106 20.09 -38.49 -15.38
N LYS B 107 19.34 -39.61 -15.41
CA LYS B 107 17.89 -39.63 -15.26
C LYS B 107 17.50 -39.39 -13.79
N ALA B 108 18.25 -39.98 -12.86
CA ALA B 108 18.01 -39.79 -11.41
C ALA B 108 18.29 -38.35 -10.95
N ALA B 109 19.38 -37.71 -11.43
CA ALA B 109 19.78 -36.34 -11.06
C ALA B 109 18.88 -35.32 -11.77
N CYS B 110 18.14 -35.77 -12.81
CA CYS B 110 17.15 -34.95 -13.49
C CYS B 110 15.97 -34.82 -12.53
N LEU B 111 15.41 -35.96 -12.06
CA LEU B 111 14.27 -36.01 -11.13
C LEU B 111 14.59 -35.29 -9.83
N ALA B 112 15.85 -35.42 -9.37
CA ALA B 112 16.34 -34.76 -8.17
C ALA B 112 16.31 -33.24 -8.35
N TRP B 113 16.79 -32.74 -9.50
CA TRP B 113 16.76 -31.31 -9.77
C TRP B 113 15.36 -30.78 -10.05
N CYS B 114 14.48 -31.61 -10.61
CA CYS B 114 13.09 -31.28 -10.87
C CYS B 114 12.35 -30.97 -9.53
N ILE B 115 12.67 -31.71 -8.44
CA ILE B 115 12.06 -31.47 -7.13
C ILE B 115 12.61 -30.17 -6.52
N GLU B 116 13.88 -29.78 -6.90
CA GLU B 116 14.49 -28.54 -6.43
C GLU B 116 13.91 -27.37 -7.19
N ILE B 117 13.57 -27.58 -8.46
CA ILE B 117 12.92 -26.57 -9.28
C ILE B 117 11.50 -26.38 -8.74
N LEU B 118 10.87 -27.48 -8.30
CA LEU B 118 9.52 -27.45 -7.72
C LEU B 118 9.54 -26.66 -6.43
N GLN B 119 10.55 -26.91 -5.58
CA GLN B 119 10.77 -26.17 -4.34
C GLN B 119 11.00 -24.67 -4.69
N ALA B 120 11.81 -24.39 -5.73
CA ALA B 120 12.07 -23.03 -6.21
C ALA B 120 10.76 -22.33 -6.60
N ALA B 121 9.83 -23.06 -7.30
CA ALA B 121 8.55 -22.44 -7.73
C ALA B 121 7.68 -22.16 -6.54
N PHE B 122 7.59 -23.12 -5.60
CA PHE B 122 6.85 -23.00 -4.36
C PHE B 122 7.35 -21.84 -3.52
N LEU B 123 8.68 -21.65 -3.44
CA LEU B 123 9.21 -20.61 -2.60
C LEU B 123 8.94 -19.24 -3.15
N VAL B 124 9.00 -19.08 -4.49
CA VAL B 124 8.71 -17.80 -5.15
C VAL B 124 7.23 -17.45 -4.95
N ALA B 125 6.35 -18.43 -5.11
CA ALA B 125 4.92 -18.27 -4.99
C ALA B 125 4.55 -17.94 -3.57
N ASP B 126 5.11 -18.69 -2.60
CA ASP B 126 4.86 -18.50 -1.18
C ASP B 126 5.23 -17.11 -0.72
N ASP B 127 6.35 -16.58 -1.22
CA ASP B 127 6.84 -15.28 -0.84
C ASP B 127 5.95 -14.17 -1.40
N ILE B 128 5.37 -14.36 -2.61
CA ILE B 128 4.42 -13.41 -3.20
C ILE B 128 3.19 -13.40 -2.30
N MET B 129 2.65 -14.59 -2.04
CA MET B 129 1.44 -14.83 -1.27
C MET B 129 1.55 -14.28 0.16
N ASP B 130 2.61 -14.64 0.88
CA ASP B 130 2.83 -14.19 2.26
C ASP B 130 3.53 -12.85 2.35
N LYS B 131 3.78 -12.17 1.24
CA LYS B 131 4.47 -10.89 1.22
C LYS B 131 5.79 -10.97 2.01
N GLY B 132 6.62 -11.95 1.62
CA GLY B 132 7.93 -12.21 2.19
C GLY B 132 8.95 -11.12 1.95
N GLU B 133 10.04 -11.13 2.72
CA GLU B 133 11.10 -10.13 2.64
C GLU B 133 12.42 -10.78 2.22
N MET B 134 12.79 -11.87 2.90
CA MET B 134 14.03 -12.58 2.62
C MET B 134 13.78 -14.06 2.47
N ARG B 135 14.61 -14.72 1.66
CA ARG B 135 14.58 -16.18 1.51
C ARG B 135 15.98 -16.59 1.09
N ARG B 136 16.56 -17.55 1.84
CA ARG B 136 17.92 -18.09 1.61
C ARG B 136 18.98 -16.97 1.67
N ASN B 137 18.77 -16.03 2.62
CA ASN B 137 19.62 -14.88 2.98
C ASN B 137 19.74 -13.82 1.89
N LYS B 138 18.79 -13.85 0.95
CA LYS B 138 18.72 -12.84 -0.11
C LYS B 138 17.30 -12.36 -0.24
N TYR B 139 17.11 -11.24 -0.96
CA TYR B 139 15.82 -10.67 -1.21
C TYR B 139 14.94 -11.65 -1.99
N CYS B 140 13.64 -11.65 -1.67
CA CYS B 140 12.62 -12.42 -2.35
C CYS B 140 12.57 -11.91 -3.80
N TRP B 141 12.65 -12.85 -4.75
CA TRP B 141 12.64 -12.61 -6.20
C TRP B 141 11.57 -11.57 -6.60
N TYR B 142 10.37 -11.67 -6.05
CA TYR B 142 9.27 -10.76 -6.41
C TYR B 142 9.54 -9.30 -5.99
N LEU B 143 10.36 -9.09 -4.92
CA LEU B 143 10.69 -7.73 -4.42
C LEU B 143 11.61 -6.94 -5.36
N LEU B 144 12.42 -7.65 -6.14
CA LEU B 144 13.34 -7.06 -7.11
C LEU B 144 12.58 -6.14 -8.06
N LYS B 145 13.03 -4.90 -8.24
CA LYS B 145 12.30 -3.95 -9.11
C LYS B 145 12.36 -4.34 -10.60
N ASP B 146 13.35 -5.12 -11.04
CA ASP B 146 13.38 -5.61 -12.43
C ASP B 146 12.39 -6.79 -12.64
N VAL B 147 11.86 -7.36 -11.55
CA VAL B 147 11.00 -8.53 -11.54
C VAL B 147 9.57 -8.11 -11.20
N GLU B 148 9.32 -7.78 -9.92
CA GLU B 148 7.99 -7.38 -9.40
C GLU B 148 7.07 -8.59 -9.36
N THR B 149 5.94 -8.48 -8.65
CA THR B 149 4.93 -9.53 -8.54
C THR B 149 4.49 -10.07 -9.92
N LYS B 150 4.20 -9.17 -10.89
CA LYS B 150 3.75 -9.51 -12.24
C LYS B 150 4.67 -10.55 -12.91
N ASN B 151 6.02 -10.36 -12.88
CA ASN B 151 6.90 -11.35 -13.47
C ASN B 151 7.00 -12.58 -12.62
N ALA B 152 6.98 -12.41 -11.29
CA ALA B 152 7.15 -13.54 -10.38
C ALA B 152 6.04 -14.56 -10.53
N VAL B 153 4.78 -14.08 -10.76
CA VAL B 153 3.60 -14.92 -10.95
C VAL B 153 3.83 -15.76 -12.20
N ASN B 154 4.27 -15.08 -13.28
CA ASN B 154 4.56 -15.74 -14.56
C ASN B 154 5.73 -16.73 -14.42
N ASP B 155 6.78 -16.35 -13.65
CA ASP B 155 7.99 -17.17 -13.37
C ASP B 155 7.69 -18.45 -12.54
N VAL B 156 6.67 -18.44 -11.65
CA VAL B 156 6.28 -19.63 -10.87
C VAL B 156 5.83 -20.70 -11.87
N LEU B 157 5.04 -20.27 -12.87
CA LEU B 157 4.50 -21.17 -13.87
C LEU B 157 5.53 -21.64 -14.84
N LEU B 158 6.53 -20.80 -15.17
CA LEU B 158 7.62 -21.24 -16.01
C LEU B 158 8.42 -22.30 -15.30
N LEU B 159 8.83 -22.02 -14.04
CA LEU B 159 9.62 -22.98 -13.27
C LEU B 159 8.84 -24.27 -13.13
N TYR B 160 7.55 -24.16 -12.84
CA TYR B 160 6.69 -25.33 -12.70
C TYR B 160 6.61 -26.16 -14.00
N ASN B 161 6.45 -25.51 -15.13
CA ASN B 161 6.34 -26.22 -16.39
C ASN B 161 7.68 -26.75 -16.88
N SER B 162 8.80 -26.14 -16.46
CA SER B 162 10.15 -26.58 -16.83
C SER B 162 10.43 -28.00 -16.35
N ILE B 163 9.82 -28.38 -15.23
CA ILE B 163 9.93 -29.72 -14.62
C ILE B 163 9.52 -30.79 -15.63
N TYR B 164 8.34 -30.63 -16.22
CA TYR B 164 7.77 -31.61 -17.14
C TYR B 164 8.50 -31.61 -18.46
N LYS B 165 9.09 -30.48 -18.86
CA LYS B 165 9.91 -30.41 -20.07
C LYS B 165 11.19 -31.26 -19.82
N LEU B 166 11.81 -31.13 -18.64
CA LEU B 166 13.00 -31.85 -18.26
C LEU B 166 12.77 -33.34 -18.14
N ILE B 167 11.70 -33.77 -17.47
CA ILE B 167 11.32 -35.18 -17.33
C ILE B 167 11.09 -35.77 -18.74
N GLU B 168 10.50 -34.99 -19.69
CA GLU B 168 10.29 -35.44 -21.07
C GLU B 168 11.64 -35.61 -21.76
N ILE B 169 12.52 -34.59 -21.73
CA ILE B 169 13.86 -34.62 -22.35
C ILE B 169 14.67 -35.87 -21.93
N TYR B 170 14.68 -36.20 -20.62
CA TYR B 170 15.51 -37.26 -20.05
C TYR B 170 14.81 -38.59 -19.72
N LEU B 171 13.46 -38.64 -19.62
CA LEU B 171 12.76 -39.88 -19.28
C LEU B 171 11.60 -40.24 -20.23
N ARG B 172 11.52 -39.54 -21.37
CA ARG B 172 10.56 -39.72 -22.48
C ARG B 172 10.28 -41.23 -22.81
N ASN B 173 11.36 -42.03 -22.83
CA ASN B 173 11.32 -43.42 -23.27
C ASN B 173 11.36 -44.46 -22.13
N GLU B 174 11.42 -44.00 -20.87
CA GLU B 174 11.38 -44.88 -19.71
C GLU B 174 9.97 -45.39 -19.55
N SER B 175 9.76 -46.58 -19.00
CA SER B 175 8.42 -47.12 -18.82
C SER B 175 7.72 -46.42 -17.63
N CYS B 176 8.52 -45.97 -16.63
CA CYS B 176 8.00 -45.29 -15.42
C CYS B 176 7.55 -43.84 -15.72
N TYR B 177 7.87 -43.31 -16.92
CA TYR B 177 7.60 -41.95 -17.38
C TYR B 177 6.23 -41.36 -16.95
N VAL B 178 5.13 -42.00 -17.34
CA VAL B 178 3.77 -41.56 -17.05
C VAL B 178 3.51 -41.54 -15.53
N ASP B 179 4.01 -42.56 -14.81
CA ASP B 179 3.86 -42.68 -13.37
C ASP B 179 4.63 -41.60 -12.62
N VAL B 180 5.82 -41.23 -13.13
CA VAL B 180 6.66 -40.16 -12.56
C VAL B 180 5.95 -38.80 -12.72
N ILE B 181 5.45 -38.48 -13.95
CA ILE B 181 4.76 -37.23 -14.19
C ILE B 181 3.48 -37.14 -13.33
N ALA B 182 2.77 -38.28 -13.16
CA ALA B 182 1.57 -38.34 -12.34
C ALA B 182 1.90 -38.10 -10.86
N THR B 183 3.07 -38.56 -10.39
CA THR B 183 3.54 -38.39 -9.01
C THR B 183 3.82 -36.90 -8.74
N PHE B 184 4.42 -36.20 -9.73
CA PHE B 184 4.67 -34.75 -9.61
C PHE B 184 3.36 -33.99 -9.58
N ARG B 185 2.44 -34.34 -10.47
CA ARG B 185 1.15 -33.71 -10.64
C ARG B 185 0.31 -33.83 -9.34
N ASP B 186 0.21 -35.08 -8.79
CA ASP B 186 -0.55 -35.42 -7.59
C ASP B 186 0.03 -34.82 -6.31
N ALA B 187 1.36 -34.76 -6.16
CA ALA B 187 1.99 -34.14 -4.99
C ALA B 187 1.74 -32.64 -5.05
N THR B 188 1.84 -32.05 -6.27
CA THR B 188 1.59 -30.63 -6.47
C THR B 188 0.18 -30.29 -6.05
N LEU B 189 -0.83 -31.08 -6.50
CA LEU B 189 -2.24 -30.89 -6.16
C LEU B 189 -2.46 -30.92 -4.66
N LYS B 190 -1.82 -31.86 -3.95
CA LYS B 190 -1.92 -31.95 -2.50
C LYS B 190 -1.30 -30.71 -1.81
N THR B 191 -0.17 -30.21 -2.33
CA THR B 191 0.51 -29.00 -1.82
C THR B 191 -0.35 -27.76 -2.01
N ILE B 192 -1.00 -27.61 -3.20
CA ILE B 192 -1.91 -26.49 -3.52
C ILE B 192 -3.05 -26.45 -2.48
N ILE B 193 -3.61 -27.62 -2.17
CA ILE B 193 -4.70 -27.79 -1.18
C ILE B 193 -4.21 -27.47 0.28
N GLY B 194 -2.99 -27.91 0.65
CA GLY B 194 -2.40 -27.58 1.95
C GLY B 194 -2.12 -26.10 2.08
N GLN B 195 -1.71 -25.48 0.96
CA GLN B 195 -1.44 -24.06 0.85
C GLN B 195 -2.75 -23.24 1.02
N HIS B 196 -3.81 -23.69 0.36
CA HIS B 196 -5.14 -23.12 0.45
C HIS B 196 -5.64 -23.13 1.90
N LEU B 197 -5.49 -24.28 2.59
CA LEU B 197 -5.92 -24.42 3.97
C LEU B 197 -5.13 -23.53 4.89
N ASP B 198 -3.81 -23.49 4.72
CA ASP B 198 -2.90 -22.65 5.52
C ASP B 198 -3.22 -21.16 5.35
N THR B 199 -3.70 -20.75 4.16
CA THR B 199 -4.06 -19.38 3.84
C THR B 199 -5.45 -18.99 4.39
N ASN B 200 -6.39 -19.93 4.38
CA ASN B 200 -7.79 -19.66 4.67
C ASN B 200 -8.40 -20.28 5.92
N ILE B 201 -7.64 -21.06 6.72
CA ILE B 201 -8.17 -21.74 7.92
C ILE B 201 -8.87 -20.80 8.92
N PHE B 202 -8.40 -19.55 9.05
CA PHE B 202 -9.00 -18.54 9.96
C PHE B 202 -9.81 -17.47 9.20
N SER B 203 -10.08 -17.68 7.90
CA SER B 203 -10.79 -16.70 7.08
C SER B 203 -12.27 -16.72 7.33
N ASP B 204 -12.91 -15.57 7.03
CA ASP B 204 -14.36 -15.37 7.14
C ASP B 204 -15.14 -16.49 6.47
N LYS B 205 -14.74 -16.94 5.27
CA LYS B 205 -15.51 -17.99 4.57
C LYS B 205 -15.45 -19.36 5.25
N TYR B 206 -14.45 -19.58 6.13
CA TYR B 206 -14.29 -20.84 6.87
C TYR B 206 -15.04 -20.71 8.20
N SER B 207 -15.07 -19.50 8.80
CA SER B 207 -15.80 -19.18 10.07
C SER B 207 -17.32 -18.96 9.83
N ASP B 208 -17.72 -18.53 8.59
CA ASP B 208 -19.09 -18.27 8.16
C ASP B 208 -19.45 -19.20 6.98
N ALA B 209 -19.46 -20.51 7.23
CA ALA B 209 -19.77 -21.54 6.22
C ALA B 209 -21.18 -21.40 5.63
N HIS B 210 -22.12 -20.87 6.43
CA HIS B 210 -23.52 -20.60 6.08
C HIS B 210 -23.66 -19.50 5.02
N ARG B 211 -22.74 -18.54 4.99
CA ARG B 211 -22.78 -17.46 4.01
C ARG B 211 -21.90 -17.79 2.82
N GLU B 212 -22.45 -17.60 1.60
CA GLU B 212 -21.68 -17.80 0.35
CA GLU B 212 -21.67 -17.82 0.37
C GLU B 212 -20.66 -16.66 0.21
N ILE B 213 -19.61 -16.87 -0.62
CA ILE B 213 -18.60 -15.85 -0.95
C ILE B 213 -19.34 -14.74 -1.76
N ASP B 214 -19.28 -13.48 -1.30
CA ASP B 214 -19.93 -12.36 -2.00
C ASP B 214 -19.07 -11.93 -3.19
N VAL B 215 -19.51 -12.28 -4.41
CA VAL B 215 -18.76 -11.96 -5.65
C VAL B 215 -18.93 -10.47 -6.06
N ASN B 216 -19.60 -9.70 -5.21
CA ASN B 216 -19.83 -8.26 -5.44
C ASN B 216 -19.06 -7.40 -4.41
N ASN B 217 -18.42 -8.05 -3.44
CA ASN B 217 -17.62 -7.38 -2.45
C ASN B 217 -16.14 -7.43 -2.81
N ILE B 218 -15.60 -6.25 -3.15
CA ILE B 218 -14.21 -6.02 -3.52
C ILE B 218 -13.53 -5.07 -2.53
N ASN B 219 -14.10 -4.92 -1.33
CA ASN B 219 -13.44 -4.13 -0.26
C ASN B 219 -12.30 -5.00 0.30
N VAL B 220 -11.39 -4.39 1.10
CA VAL B 220 -10.33 -5.11 1.80
C VAL B 220 -11.02 -5.92 2.94
N PRO B 221 -10.57 -7.16 3.29
CA PRO B 221 -11.27 -7.92 4.38
C PRO B 221 -11.24 -7.21 5.73
N GLN B 223 -10.18 -7.14 8.82
CA GLN B 223 -9.08 -7.51 9.73
C GLN B 223 -9.08 -9.02 10.07
N PRO B 224 -7.97 -9.74 9.81
CA PRO B 224 -7.94 -11.20 10.10
C PRO B 224 -7.86 -11.48 11.59
N VAL B 225 -8.62 -12.46 12.05
CA VAL B 225 -8.64 -12.92 13.44
C VAL B 225 -8.74 -14.43 13.52
N ILE B 226 -8.15 -15.02 14.59
CA ILE B 226 -8.14 -16.46 14.83
C ILE B 226 -9.57 -17.01 15.12
N ASP B 227 -9.81 -18.27 14.79
CA ASP B 227 -11.04 -19.02 15.02
C ASP B 227 -10.61 -20.19 15.90
N ILE B 228 -10.94 -20.12 17.20
CA ILE B 228 -10.55 -21.07 18.26
C ILE B 228 -11.01 -22.51 17.96
N ASN B 229 -12.06 -22.67 17.15
CA ASN B 229 -12.56 -23.97 16.70
C ASN B 229 -11.57 -24.69 15.76
N MET B 230 -10.65 -23.93 15.17
CA MET B 230 -9.61 -24.42 14.27
C MET B 230 -8.27 -24.57 14.99
N ILE B 231 -8.15 -24.00 16.19
CA ILE B 231 -6.89 -24.15 16.93
C ILE B 231 -6.90 -25.53 17.60
N ASN B 232 -6.52 -26.57 16.83
CA ASN B 232 -6.39 -27.98 17.24
C ASN B 232 -5.41 -28.72 16.33
N PHE B 233 -4.71 -29.73 16.88
CA PHE B 233 -3.68 -30.52 16.19
C PHE B 233 -4.23 -31.38 15.03
N GLY B 234 -5.52 -31.73 15.09
CA GLY B 234 -6.23 -32.50 14.06
C GLY B 234 -6.27 -31.77 12.73
N VAL B 235 -6.66 -30.49 12.77
CA VAL B 235 -6.71 -29.54 11.66
C VAL B 235 -5.26 -29.25 11.18
N TYR B 236 -4.33 -29.02 12.11
CA TYR B 236 -2.92 -28.73 11.88
C TYR B 236 -2.28 -29.79 11.00
N LYS B 237 -2.48 -31.05 11.38
CA LYS B 237 -1.94 -32.22 10.67
C LYS B 237 -2.51 -32.28 9.25
N ASN B 238 -3.82 -32.04 9.08
CA ASN B 238 -4.48 -31.99 7.78
C ASN B 238 -3.74 -31.00 6.84
N ILE B 239 -3.46 -29.77 7.36
CA ILE B 239 -2.77 -28.70 6.63
C ILE B 239 -1.33 -29.13 6.26
N VAL B 240 -0.52 -29.40 7.29
CA VAL B 240 0.91 -29.72 7.27
C VAL B 240 1.25 -30.96 6.42
N ILE B 241 0.41 -32.01 6.48
CA ILE B 241 0.59 -33.23 5.69
C ILE B 241 0.44 -32.88 4.19
N HIS B 242 -0.58 -32.11 3.83
CA HIS B 242 -0.84 -31.70 2.45
C HIS B 242 0.15 -30.66 1.98
N LYS B 243 0.46 -29.66 2.80
CA LYS B 243 1.40 -28.60 2.45
C LYS B 243 2.85 -29.07 2.34
N THR B 244 3.31 -30.03 3.19
CA THR B 244 4.73 -30.40 3.18
C THR B 244 5.09 -31.88 2.85
N ALA B 245 4.42 -32.83 3.53
CA ALA B 245 4.73 -34.26 3.51
C ALA B 245 4.80 -34.89 2.11
N TYR B 246 3.85 -34.54 1.23
CA TYR B 246 3.79 -35.15 -0.09
C TYR B 246 4.89 -34.71 -1.04
N TYR B 247 5.19 -33.42 -1.14
CA TYR B 247 6.24 -33.00 -2.08
C TYR B 247 7.64 -33.11 -1.46
N SER B 248 7.78 -32.99 -0.12
CA SER B 248 9.12 -33.03 0.47
C SER B 248 9.61 -34.44 0.74
N PHE B 249 8.70 -35.40 1.02
CA PHE B 249 9.13 -36.75 1.36
C PHE B 249 8.54 -37.82 0.45
N PHE B 250 7.21 -37.88 0.29
CA PHE B 250 6.60 -38.88 -0.57
C PHE B 250 7.09 -38.82 -2.03
N LEU B 251 6.99 -37.64 -2.68
CA LEU B 251 7.41 -37.43 -4.06
C LEU B 251 8.87 -37.84 -4.29
N PRO B 252 9.90 -37.34 -3.52
CA PRO B 252 11.29 -37.79 -3.81
C PRO B 252 11.55 -39.30 -3.60
N ILE B 253 10.92 -39.92 -2.57
CA ILE B 253 11.10 -41.36 -2.31
C ILE B 253 10.46 -42.17 -3.46
N VAL B 254 9.20 -41.84 -3.82
CA VAL B 254 8.49 -42.52 -4.91
C VAL B 254 9.26 -42.38 -6.24
N CYS B 255 9.91 -41.21 -6.47
CA CYS B 255 10.73 -40.93 -7.66
C CYS B 255 11.87 -41.91 -7.79
N GLY B 256 12.69 -42.04 -6.72
CA GLY B 256 13.80 -42.97 -6.63
C GLY B 256 13.37 -44.42 -6.86
N MET B 257 12.24 -44.82 -6.25
CA MET B 257 11.66 -46.18 -6.33
C MET B 257 11.08 -46.50 -7.70
N LEU B 258 10.31 -45.57 -8.30
CA LEU B 258 9.71 -45.74 -9.64
C LEU B 258 10.81 -45.91 -10.71
N LEU B 259 11.85 -45.05 -10.65
CA LEU B 259 12.96 -45.07 -11.59
C LEU B 259 13.83 -46.34 -11.42
N ALA B 260 13.93 -46.87 -10.17
CA ALA B 260 14.68 -48.08 -9.86
C ALA B 260 13.99 -49.31 -10.47
N GLY B 261 12.67 -49.28 -10.49
CA GLY B 261 11.86 -50.34 -11.06
C GLY B 261 11.01 -51.11 -10.05
N ILE B 262 10.09 -50.41 -9.35
CA ILE B 262 9.17 -51.04 -8.38
C ILE B 262 7.78 -50.35 -8.44
N ASP B 265 1.94 -49.51 -6.93
CA ASP B 265 2.50 -50.81 -7.32
C ASP B 265 2.55 -51.82 -6.12
N ASN B 266 3.67 -51.83 -5.36
CA ASN B 266 3.91 -52.71 -4.19
C ASN B 266 3.34 -52.10 -2.88
N LEU B 267 3.05 -52.97 -1.89
CA LEU B 267 2.50 -52.60 -0.57
C LEU B 267 3.42 -51.67 0.24
N ILE B 268 4.72 -51.59 -0.11
CA ILE B 268 5.72 -50.75 0.56
C ILE B 268 5.43 -49.24 0.30
N TYR B 269 4.78 -48.89 -0.83
CA TYR B 269 4.42 -47.52 -1.16
C TYR B 269 3.49 -46.89 -0.13
N LYS B 270 2.54 -47.67 0.42
CA LYS B 270 1.61 -47.18 1.46
C LYS B 270 2.38 -46.98 2.77
N LYS B 271 3.34 -47.85 3.04
CA LYS B 271 4.16 -47.78 4.25
C LYS B 271 5.04 -46.52 4.18
N ILE B 272 5.62 -46.25 2.98
CA ILE B 272 6.44 -45.07 2.78
C ILE B 272 5.53 -43.79 2.79
N GLU B 273 4.24 -43.92 2.41
CA GLU B 273 3.27 -42.84 2.45
C GLU B 273 3.03 -42.41 3.88
N ASP B 274 2.89 -43.40 4.80
CA ASP B 274 2.65 -43.16 6.23
C ASP B 274 3.85 -42.54 6.90
N ILE B 275 5.07 -43.00 6.55
CA ILE B 275 6.31 -42.45 7.10
C ILE B 275 6.48 -40.98 6.64
N SER B 276 6.22 -40.70 5.33
CA SER B 276 6.30 -39.37 4.71
C SER B 276 5.42 -38.37 5.48
N MET B 277 4.21 -38.79 5.89
CA MET B 277 3.24 -38.01 6.65
C MET B 277 3.79 -37.65 8.02
N LEU B 278 4.42 -38.62 8.72
CA LEU B 278 5.05 -38.43 10.03
C LEU B 278 6.27 -37.51 9.92
N MET B 279 7.06 -37.64 8.82
CA MET B 279 8.25 -36.83 8.57
C MET B 279 7.89 -35.42 8.18
N GLY B 280 6.77 -35.25 7.47
CA GLY B 280 6.24 -33.95 7.08
C GLY B 280 5.80 -33.14 8.29
N GLU B 281 5.03 -33.78 9.18
CA GLU B 281 4.59 -33.23 10.46
C GLU B 281 5.80 -32.79 11.31
N TYR B 282 6.81 -33.65 11.40
CA TYR B 282 8.04 -33.44 12.15
C TYR B 282 8.80 -32.23 11.60
N PHE B 283 8.96 -32.17 10.26
CA PHE B 283 9.68 -31.10 9.57
C PHE B 283 9.00 -29.72 9.73
N GLN B 284 7.65 -29.67 9.58
CA GLN B 284 6.88 -28.43 9.66
C GLN B 284 6.82 -27.84 11.07
N ILE B 285 6.66 -28.70 12.11
CA ILE B 285 6.64 -28.22 13.49
C ILE B 285 7.98 -27.53 13.81
N HIS B 286 9.10 -28.08 13.31
CA HIS B 286 10.45 -27.53 13.47
C HIS B 286 10.54 -26.18 12.73
N ASP B 287 9.89 -26.09 11.55
CA ASP B 287 9.88 -24.87 10.72
C ASP B 287 9.12 -23.77 11.46
N ASP B 288 8.01 -24.14 12.11
CA ASP B 288 7.21 -23.26 12.95
C ASP B 288 8.06 -22.75 14.11
N TYR B 289 8.78 -23.68 14.79
CA TYR B 289 9.70 -23.43 15.91
C TYR B 289 10.76 -22.40 15.48
N LEU B 290 11.36 -22.59 14.29
CA LEU B 290 12.40 -21.72 13.76
C LEU B 290 11.90 -20.30 13.52
N ASP B 291 10.65 -20.17 13.00
CA ASP B 291 9.99 -18.89 12.70
C ASP B 291 9.98 -17.94 13.89
N ILE B 292 9.72 -18.46 15.09
CA ILE B 292 9.70 -17.64 16.29
C ILE B 292 11.05 -17.71 17.06
N PHE B 293 11.61 -18.92 17.23
CA PHE B 293 12.84 -19.14 17.99
C PHE B 293 14.11 -19.37 17.15
N GLY B 294 14.26 -18.72 16.01
CA GLY B 294 15.45 -18.87 15.18
C GLY B 294 16.02 -17.57 14.65
N ASP B 295 17.34 -17.58 14.36
CA ASP B 295 18.04 -16.42 13.81
C ASP B 295 17.84 -16.36 12.27
N SER B 296 17.42 -15.18 11.76
CA SER B 296 17.17 -14.92 10.34
C SER B 296 18.46 -15.02 9.48
N THR B 297 19.65 -14.76 10.08
CA THR B 297 20.95 -14.84 9.41
C THR B 297 21.38 -16.31 9.24
N LYS B 298 20.78 -17.22 10.03
CA LYS B 298 21.04 -18.67 10.01
C LYS B 298 20.05 -19.41 9.10
N THR B 299 18.74 -19.05 9.17
CA THR B 299 17.66 -19.66 8.40
C THR B 299 17.53 -19.05 7.01
N GLY B 300 17.94 -17.78 6.87
CA GLY B 300 17.88 -17.07 5.60
C GLY B 300 16.60 -16.27 5.33
N LYS B 301 15.63 -16.35 6.26
CA LYS B 301 14.31 -15.69 6.21
C LYS B 301 13.91 -15.11 7.59
N VAL B 302 13.24 -13.93 7.59
CA VAL B 302 12.81 -13.21 8.79
C VAL B 302 11.67 -13.93 9.52
N SER B 304 7.39 -14.36 10.78
CA SER B 304 6.24 -13.75 10.11
C SER B 304 4.90 -14.45 10.38
N ASP B 305 4.90 -15.69 10.93
CA ASP B 305 3.69 -16.51 11.19
C ASP B 305 2.67 -15.84 12.12
N ILE B 306 3.15 -15.17 13.19
CA ILE B 306 2.28 -14.46 14.14
C ILE B 306 1.59 -13.33 13.38
N GLN B 307 2.39 -12.47 12.69
CA GLN B 307 1.86 -11.33 11.93
C GLN B 307 0.95 -11.77 10.80
N ASN B 308 1.24 -12.92 10.17
CA ASN B 308 0.46 -13.44 9.04
C ASN B 308 -0.72 -14.31 9.46
N ASN B 309 -1.05 -14.30 10.78
CA ASN B 309 -2.21 -15.02 11.33
C ASN B 309 -2.21 -16.52 11.00
N LYS B 310 -1.05 -17.16 11.10
CA LYS B 310 -0.91 -18.58 10.75
C LYS B 310 -1.25 -19.53 11.89
N LEU B 311 -1.89 -20.68 11.58
CA LEU B 311 -2.16 -21.74 12.53
C LEU B 311 -0.84 -22.50 12.68
N THR B 312 -0.12 -22.24 13.76
CA THR B 312 1.16 -22.86 14.01
C THR B 312 1.12 -23.80 15.22
N TRP B 313 2.15 -24.67 15.33
CA TRP B 313 2.31 -25.60 16.46
C TRP B 313 2.51 -24.78 17.78
N PRO B 314 3.40 -23.74 17.86
CA PRO B 314 3.51 -22.96 19.10
C PRO B 314 2.19 -22.33 19.55
N LEU B 315 1.34 -21.87 18.60
CA LEU B 315 0.02 -21.32 18.87
C LEU B 315 -0.91 -22.38 19.46
N ILE B 316 -0.95 -23.59 18.87
CA ILE B 316 -1.82 -24.69 19.35
C ILE B 316 -1.35 -25.14 20.76
N LYS B 317 -0.03 -25.29 20.95
CA LYS B 317 0.56 -25.70 22.23
C LYS B 317 0.23 -24.66 23.33
N THR B 318 0.51 -23.35 23.07
CA THR B 318 0.21 -22.25 24.02
C THR B 318 -1.29 -22.26 24.40
N PHE B 319 -2.18 -22.43 23.41
CA PHE B 319 -3.63 -22.41 23.60
C PHE B 319 -4.16 -23.56 24.44
N GLU B 320 -3.53 -24.73 24.38
CA GLU B 320 -4.00 -25.87 25.17
C GLU B 320 -3.55 -25.78 26.64
N LEU B 321 -2.40 -25.10 26.86
CA LEU B 321 -1.67 -24.90 28.12
C LEU B 321 -1.94 -23.58 28.85
N CYS B 322 -2.62 -22.60 28.21
CA CYS B 322 -2.77 -21.30 28.85
C CYS B 322 -4.13 -21.10 29.52
N SER B 323 -4.15 -20.14 30.47
CA SER B 323 -5.32 -19.68 31.23
C SER B 323 -6.32 -18.94 30.31
N GLU B 324 -7.58 -18.81 30.76
CA GLU B 324 -8.64 -18.10 30.05
C GLU B 324 -8.28 -16.63 29.74
N PRO B 325 -7.70 -15.81 30.66
CA PRO B 325 -7.34 -14.43 30.28
C PRO B 325 -6.29 -14.38 29.17
N ASP B 326 -5.36 -15.35 29.15
CA ASP B 326 -4.30 -15.44 28.15
C ASP B 326 -4.82 -15.86 26.77
N LYS B 327 -5.93 -16.64 26.74
CA LYS B 327 -6.60 -17.06 25.51
C LYS B 327 -7.18 -15.83 24.80
N ILE B 328 -7.85 -14.94 25.56
CA ILE B 328 -8.46 -13.70 25.09
C ILE B 328 -7.34 -12.74 24.62
N LYS B 329 -6.21 -12.72 25.34
CA LYS B 329 -5.02 -11.93 25.02
C LYS B 329 -4.40 -12.38 23.67
N ILE B 330 -4.47 -13.71 23.37
CA ILE B 330 -3.96 -14.29 22.12
C ILE B 330 -4.87 -13.77 20.97
N VAL B 331 -6.21 -13.99 21.10
CA VAL B 331 -7.25 -13.60 20.13
C VAL B 331 -7.17 -12.08 19.79
N LYS B 332 -6.81 -11.24 20.75
CA LYS B 332 -6.70 -9.79 20.61
C LYS B 332 -5.42 -9.33 19.93
N ASN B 333 -4.32 -10.10 20.03
CA ASN B 333 -3.01 -9.67 19.49
C ASN B 333 -2.47 -10.49 18.29
N TYR B 334 -2.94 -11.74 18.12
CA TYR B 334 -2.48 -12.62 17.04
C TYR B 334 -3.00 -12.17 15.68
N GLY B 335 -2.12 -12.21 14.69
CA GLY B 335 -2.45 -11.86 13.31
C GLY B 335 -2.41 -10.39 13.02
N LYS B 336 -1.60 -9.63 13.78
CA LYS B 336 -1.47 -8.18 13.63
C LYS B 336 -0.02 -7.76 13.29
N ASN B 337 0.15 -6.92 12.25
CA ASN B 337 1.44 -6.42 11.72
C ASN B 337 2.22 -5.56 12.69
N ASN B 338 1.54 -5.05 13.73
CA ASN B 338 2.07 -4.17 14.76
C ASN B 338 3.06 -4.94 15.67
N LEU B 339 4.30 -4.42 15.82
CA LEU B 339 5.37 -5.04 16.63
C LEU B 339 5.01 -5.26 18.12
N ALA B 340 4.13 -4.42 18.69
CA ALA B 340 3.73 -4.53 20.09
C ALA B 340 2.80 -5.70 20.31
N CYS B 341 2.05 -6.08 19.26
CA CYS B 341 1.13 -7.22 19.30
C CYS B 341 1.94 -8.50 19.14
N VAL B 342 2.95 -8.51 18.24
CA VAL B 342 3.79 -9.72 18.05
C VAL B 342 4.58 -9.99 19.34
N LYS B 343 5.15 -8.93 19.99
CA LYS B 343 5.87 -9.00 21.27
C LYS B 343 5.00 -9.66 22.36
N VAL B 344 3.68 -9.36 22.41
CA VAL B 344 2.77 -9.95 23.39
C VAL B 344 2.71 -11.46 23.21
N ILE B 345 2.58 -11.92 21.93
CA ILE B 345 2.54 -13.32 21.55
C ILE B 345 3.89 -13.96 21.86
N ASP B 346 5.00 -13.31 21.42
CA ASP B 346 6.37 -13.73 21.65
C ASP B 346 6.66 -13.93 23.13
N SER B 347 6.27 -12.96 23.98
CA SER B 347 6.41 -13.02 25.46
C SER B 347 5.61 -14.18 26.02
N LEU B 348 4.40 -14.41 25.48
CA LEU B 348 3.56 -15.50 25.94
C LEU B 348 4.18 -16.86 25.60
N TYR B 349 4.94 -16.94 24.48
CA TYR B 349 5.63 -18.17 24.04
C TYR B 349 6.82 -18.50 25.01
N GLU B 350 7.53 -17.45 25.47
CA GLU B 350 8.61 -17.54 26.47
C GLU B 350 7.99 -17.96 27.84
N GLN B 351 6.89 -17.30 28.25
CA GLN B 351 6.14 -17.57 29.48
C GLN B 351 5.76 -19.06 29.61
N TYR B 352 5.08 -19.60 28.59
CA TYR B 352 4.64 -20.99 28.58
C TYR B 352 5.78 -21.93 28.09
N LYS B 353 7.03 -21.45 28.10
CA LYS B 353 8.26 -22.17 27.74
C LYS B 353 8.07 -23.12 26.53
N ILE B 354 7.59 -22.54 25.41
CA ILE B 354 7.25 -23.27 24.17
C ILE B 354 8.46 -24.03 23.60
N ARG B 355 9.69 -23.49 23.75
CA ARG B 355 10.96 -24.09 23.31
C ARG B 355 11.17 -25.47 23.97
N LYS B 356 10.84 -25.59 25.28
CA LYS B 356 10.98 -26.86 26.01
C LYS B 356 9.96 -27.90 25.54
N HIS B 357 8.74 -27.46 25.21
CA HIS B 357 7.66 -28.32 24.71
C HIS B 357 7.97 -28.87 23.32
N TYR B 358 8.73 -28.08 22.53
CA TYR B 358 9.14 -28.47 21.19
C TYR B 358 10.16 -29.58 21.33
N GLU B 359 11.18 -29.36 22.20
CA GLU B 359 12.27 -30.28 22.53
C GLU B 359 11.69 -31.63 22.94
N SER B 360 10.59 -31.61 23.71
CA SER B 360 9.90 -32.82 24.13
C SER B 360 9.13 -33.44 22.96
N TYR B 361 8.60 -32.59 22.05
CA TYR B 361 7.86 -33.11 20.90
C TYR B 361 8.84 -33.81 19.96
N GLU B 362 9.97 -33.14 19.69
CA GLU B 362 11.03 -33.57 18.78
C GLU B 362 11.51 -34.98 19.07
N LYS B 363 11.81 -35.29 20.36
CA LYS B 363 12.25 -36.60 20.85
C LYS B 363 11.12 -37.60 20.70
N ALA B 364 9.88 -37.24 21.09
CA ALA B 364 8.73 -38.15 20.97
C ALA B 364 8.41 -38.55 19.52
N GLN B 365 8.54 -37.59 18.55
CA GLN B 365 8.27 -37.83 17.13
C GLN B 365 9.43 -38.53 16.42
N LYS B 366 10.70 -38.07 16.64
CA LYS B 366 11.90 -38.71 16.07
C LYS B 366 11.88 -40.21 16.36
N ALA B 367 11.58 -40.58 17.61
CA ALA B 367 11.46 -41.95 18.05
C ALA B 367 10.30 -42.66 17.31
N LYS B 368 9.12 -42.01 17.22
CA LYS B 368 7.92 -42.56 16.57
C LYS B 368 8.14 -42.93 15.08
N ILE B 369 8.89 -42.10 14.34
CA ILE B 369 9.23 -42.27 12.91
C ILE B 369 10.16 -43.48 12.74
N LEU B 370 11.19 -43.58 13.61
CA LEU B 370 12.17 -44.69 13.67
C LEU B 370 11.49 -46.03 13.80
N SER B 371 10.45 -46.10 14.64
CA SER B 371 9.62 -47.26 14.88
C SER B 371 8.92 -47.68 13.60
N ALA B 372 8.32 -46.71 12.88
CA ALA B 372 7.60 -46.94 11.62
C ALA B 372 8.56 -47.38 10.50
N ILE B 373 9.80 -46.81 10.49
CA ILE B 373 10.86 -47.12 9.52
C ILE B 373 11.30 -48.58 9.70
N ASN B 374 11.40 -49.06 10.95
CA ASN B 374 11.82 -50.43 11.25
C ASN B 374 10.77 -51.48 10.86
N GLU B 375 9.51 -51.05 10.67
CA GLU B 375 8.42 -51.92 10.23
C GLU B 375 8.34 -51.99 8.69
N LEU B 376 9.31 -51.35 7.98
CA LEU B 376 9.38 -51.32 6.52
C LEU B 376 9.78 -52.67 5.93
N HIS B 377 10.81 -53.29 6.54
CA HIS B 377 11.43 -54.57 6.15
C HIS B 377 12.12 -54.40 4.78
N HIS B 378 12.99 -53.35 4.69
CA HIS B 378 13.82 -53.01 3.53
C HIS B 378 15.00 -52.22 4.04
N GLU B 379 16.12 -52.93 4.28
CA GLU B 379 17.38 -52.41 4.83
C GLU B 379 17.90 -51.17 4.08
N GLY B 380 17.81 -51.16 2.73
CA GLY B 380 18.26 -50.06 1.88
C GLY B 380 17.54 -48.74 2.11
N ILE B 381 16.21 -48.77 2.01
CA ILE B 381 15.35 -47.60 2.21
C ILE B 381 15.44 -47.14 3.68
N GLU B 382 15.42 -48.11 4.64
CA GLU B 382 15.57 -47.88 6.09
C GLU B 382 16.84 -47.11 6.42
N TYR B 383 17.95 -47.43 5.75
CA TYR B 383 19.24 -46.75 5.94
C TYR B 383 19.11 -45.28 5.53
N VAL B 384 18.53 -45.04 4.33
CA VAL B 384 18.32 -43.71 3.74
C VAL B 384 17.41 -42.85 4.65
N LEU B 385 16.27 -43.42 5.09
CA LEU B 385 15.31 -42.70 5.93
C LEU B 385 15.90 -42.32 7.30
N LYS B 386 16.72 -43.22 7.91
CA LYS B 386 17.40 -42.95 9.19
C LYS B 386 18.46 -41.86 9.01
N TYR B 387 19.20 -41.92 7.88
CA TYR B 387 20.20 -40.91 7.55
C TYR B 387 19.54 -39.53 7.29
N LEU B 388 18.43 -39.54 6.52
CA LEU B 388 17.65 -38.35 6.18
C LEU B 388 17.15 -37.67 7.47
N LEU B 389 16.58 -38.48 8.40
CA LEU B 389 16.05 -38.01 9.67
C LEU B 389 17.13 -37.32 10.54
N GLU B 390 18.38 -37.79 10.44
CA GLU B 390 19.48 -37.20 11.20
C GLU B 390 19.94 -35.87 10.62
N ILE B 391 20.00 -35.79 9.28
CA ILE B 391 20.52 -34.65 8.53
C ILE B 391 19.43 -33.61 8.15
N LEU B 392 18.17 -33.83 8.54
CA LEU B 392 17.02 -32.98 8.15
C LEU B 392 17.21 -31.46 8.36
N PHE B 393 17.49 -31.04 9.60
CA PHE B 393 17.57 -29.63 9.99
C PHE B 393 18.87 -28.91 9.56
N THR B 394 19.88 -29.67 9.15
CA THR B 394 21.15 -29.09 8.70
C THR B 394 21.35 -29.23 7.18
N GLY B 395 21.03 -30.40 6.64
CA GLY B 395 21.24 -30.74 5.24
C GLY B 395 22.55 -31.49 5.07
N VAL B 396 22.85 -31.91 3.80
CA VAL B 396 24.05 -32.66 3.38
C VAL B 396 23.90 -34.13 3.77
N PHE C 36 7.73 43.56 -8.41
CA PHE C 36 7.86 44.58 -7.36
C PHE C 36 7.48 44.01 -5.99
N PHE C 37 6.37 43.25 -5.93
CA PHE C 37 5.85 42.60 -4.74
C PHE C 37 6.83 41.50 -4.29
N ARG C 38 7.29 40.69 -5.27
CA ARG C 38 8.24 39.59 -5.09
C ARG C 38 9.57 40.07 -4.51
N ASN C 39 9.88 41.39 -4.67
CA ASN C 39 11.12 41.96 -4.16
C ASN C 39 11.13 41.99 -2.63
N MET C 40 9.94 42.11 -2.01
CA MET C 40 9.82 42.16 -0.56
C MET C 40 9.84 40.77 0.11
N TYR C 41 9.59 39.68 -0.67
CA TYR C 41 9.51 38.29 -0.18
C TYR C 41 10.64 37.90 0.79
N ASP C 42 11.89 38.00 0.32
CA ASP C 42 13.12 37.64 1.03
C ASP C 42 13.23 38.29 2.38
N LYS C 43 12.79 39.56 2.51
CA LYS C 43 12.81 40.34 3.74
C LYS C 43 12.02 39.67 4.85
N TYR C 44 10.81 39.18 4.49
CA TYR C 44 9.87 38.50 5.41
C TYR C 44 10.30 37.07 5.72
N ARG C 45 10.64 36.28 4.69
CA ARG C 45 11.15 34.91 4.89
C ARG C 45 12.34 34.99 5.85
N ASP C 46 13.34 35.86 5.54
CA ASP C 46 14.57 36.04 6.32
C ASP C 46 14.31 36.54 7.75
N ALA C 47 13.29 37.42 7.92
CA ALA C 47 12.93 37.92 9.26
C ALA C 47 12.47 36.75 10.13
N PHE C 48 11.59 35.86 9.57
CA PHE C 48 11.16 34.65 10.26
C PHE C 48 12.34 33.69 10.51
N LEU C 49 13.18 33.46 9.47
CA LEU C 49 14.33 32.56 9.62
C LEU C 49 15.33 33.11 10.63
N SER C 50 15.46 34.45 10.74
CA SER C 50 16.31 35.08 11.74
C SER C 50 15.77 34.79 13.15
N HIS C 51 14.43 34.77 13.31
CA HIS C 51 13.77 34.45 14.59
C HIS C 51 14.12 33.02 15.04
N LEU C 52 14.03 32.06 14.09
CA LEU C 52 14.34 30.64 14.27
C LEU C 52 15.80 30.43 14.66
N ASN C 53 16.69 31.24 14.07
CA ASN C 53 18.14 31.26 14.32
C ASN C 53 18.49 31.62 15.75
N GLU C 54 17.68 32.49 16.41
CA GLU C 54 17.89 32.97 17.77
C GLU C 54 17.65 31.88 18.82
N TYR C 55 17.13 30.70 18.39
CA TYR C 55 16.86 29.58 19.29
C TYR C 55 18.14 29.02 19.90
N SER C 56 18.07 28.53 21.15
CA SER C 56 19.22 27.95 21.83
C SER C 56 19.47 26.54 21.31
N LEU C 57 20.17 26.47 20.17
CA LEU C 57 20.50 25.21 19.52
C LEU C 57 21.97 25.19 19.14
N GLU C 58 22.56 23.98 19.03
CA GLU C 58 23.94 23.77 18.62
C GLU C 58 24.14 24.32 17.22
N GLU C 59 25.27 25.04 17.02
CA GLU C 59 25.67 25.73 15.78
C GLU C 59 25.41 24.92 14.47
N GLU C 60 25.66 23.58 14.51
CA GLU C 60 25.44 22.67 13.39
C GLU C 60 23.93 22.57 13.05
N ILE C 61 23.11 22.28 14.08
CA ILE C 61 21.65 22.15 14.03
C ILE C 61 21.02 23.41 13.37
N LYS C 62 21.42 24.60 13.84
CA LYS C 62 20.94 25.89 13.31
C LYS C 62 21.18 26.02 11.80
N GLU C 63 22.36 25.57 11.33
CA GLU C 63 22.74 25.61 9.91
C GLU C 63 21.85 24.67 9.09
N HIS C 64 21.59 23.45 9.61
CA HIS C 64 20.70 22.46 8.98
C HIS C 64 19.27 22.98 8.86
N ILE C 65 18.69 23.44 10.01
CA ILE C 65 17.33 23.98 10.14
C ILE C 65 17.08 25.12 9.12
N SER C 66 18.05 26.08 9.01
CA SER C 66 17.96 27.23 8.10
C SER C 66 17.74 26.79 6.66
N LYS C 67 18.61 25.88 6.17
CA LYS C 67 18.58 25.28 4.83
C LYS C 67 17.21 24.64 4.56
N TYR C 68 16.73 23.83 5.54
CA TYR C 68 15.44 23.16 5.45
C TYR C 68 14.28 24.13 5.28
N TYR C 69 14.10 25.02 6.28
CA TYR C 69 12.98 25.95 6.30
C TYR C 69 13.04 26.99 5.21
N LYS C 70 14.26 27.39 4.77
CA LYS C 70 14.40 28.31 3.63
C LYS C 70 13.80 27.64 2.39
N LEU C 71 14.09 26.32 2.24
CA LEU C 71 13.54 25.56 1.12
C LEU C 71 12.04 25.36 1.30
N LEU C 72 11.56 25.09 2.55
CA LEU C 72 10.12 24.94 2.83
C LEU C 72 9.35 26.19 2.42
N PHE C 73 9.88 27.38 2.75
CA PHE C 73 9.25 28.64 2.37
C PHE C 73 9.39 28.92 0.90
N ASP C 74 10.60 28.75 0.32
CA ASP C 74 10.86 28.99 -1.12
C ASP C 74 10.06 28.02 -2.02
N TYR C 75 10.03 26.75 -1.64
CA TYR C 75 9.30 25.77 -2.44
C TYR C 75 7.80 26.02 -2.43
N ASN C 76 7.23 26.43 -1.29
CA ASN C 76 5.77 26.50 -1.20
C ASN C 76 5.17 27.89 -1.26
N CYS C 77 5.94 28.96 -1.03
CA CYS C 77 5.37 30.31 -1.13
C CYS C 77 5.55 30.92 -2.54
N LEU C 78 6.55 30.45 -3.28
CA LEU C 78 6.84 30.94 -4.63
C LEU C 78 6.23 30.06 -5.71
N GLY C 79 5.80 30.70 -6.77
CA GLY C 79 5.23 30.04 -7.94
C GLY C 79 3.77 30.28 -8.25
N GLY C 80 3.03 30.88 -7.32
CA GLY C 80 1.61 31.15 -7.49
C GLY C 80 1.33 32.49 -8.13
N LYS C 81 0.05 32.76 -8.48
CA LYS C 81 -0.39 34.00 -9.12
C LYS C 81 -0.28 35.24 -8.20
N ASN C 82 -0.24 35.02 -6.85
CA ASN C 82 -0.18 36.03 -5.78
C ASN C 82 -1.36 37.03 -5.83
N ASN C 83 -2.56 36.57 -6.25
CA ASN C 83 -3.79 37.39 -6.31
C ASN C 83 -4.19 37.93 -4.94
N ARG C 84 -4.11 37.08 -3.91
CA ARG C 84 -4.44 37.42 -2.53
C ARG C 84 -3.47 38.46 -1.97
N GLY C 85 -2.16 38.29 -2.25
CA GLY C 85 -1.11 39.20 -1.82
C GLY C 85 -1.22 40.58 -2.44
N ILE C 86 -1.41 40.60 -3.77
CA ILE C 86 -1.59 41.81 -4.59
C ILE C 86 -2.85 42.57 -4.15
N LEU C 87 -3.94 41.82 -3.80
CA LEU C 87 -5.22 42.37 -3.33
C LEU C 87 -5.04 43.22 -2.06
N VAL C 88 -4.11 42.83 -1.16
CA VAL C 88 -3.81 43.57 0.06
C VAL C 88 -3.19 44.93 -0.33
N ILE C 89 -2.08 44.87 -1.09
CA ILE C 89 -1.29 46.01 -1.57
C ILE C 89 -2.19 47.04 -2.29
N LEU C 90 -3.02 46.59 -3.26
CA LEU C 90 -3.93 47.44 -4.02
C LEU C 90 -5.02 48.07 -3.15
N ILE C 91 -5.62 47.29 -2.21
CA ILE C 91 -6.64 47.84 -1.32
C ILE C 91 -6.00 48.86 -0.39
N TYR C 92 -4.78 48.58 0.13
CA TYR C 92 -4.08 49.50 1.01
C TYR C 92 -3.82 50.87 0.35
N GLU C 93 -3.36 50.85 -0.91
CA GLU C 93 -3.05 52.02 -1.73
C GLU C 93 -4.28 52.86 -2.11
N TYR C 94 -5.37 52.19 -2.56
CA TYR C 94 -6.56 52.88 -3.05
C TYR C 94 -7.59 53.30 -1.96
N VAL C 95 -7.19 53.33 -0.67
CA VAL C 95 -8.02 53.84 0.42
C VAL C 95 -7.39 55.13 1.02
N ILE C 100 2.01 57.56 1.51
CA ILE C 100 2.38 56.29 2.14
C ILE C 100 3.92 56.13 2.16
N ASN C 101 4.54 56.18 3.35
CA ASN C 101 5.99 56.05 3.50
C ASN C 101 6.43 54.58 3.42
N SER C 102 7.74 54.37 3.18
CA SER C 102 8.41 53.06 3.05
C SER C 102 8.10 52.09 4.20
N SER C 103 8.03 52.62 5.46
CA SER C 103 7.73 51.86 6.68
C SER C 103 6.29 51.34 6.67
N GLU C 104 5.33 52.15 6.17
CA GLU C 104 3.92 51.79 6.06
C GLU C 104 3.71 50.70 5.02
N TRP C 105 4.50 50.74 3.93
CA TRP C 105 4.48 49.77 2.84
C TRP C 105 5.05 48.44 3.30
N GLU C 106 6.04 48.51 4.19
CA GLU C 106 6.72 47.36 4.80
C GLU C 106 5.72 46.52 5.62
N LYS C 107 4.77 47.20 6.30
CA LYS C 107 3.71 46.58 7.08
C LYS C 107 2.65 45.97 6.13
N ALA C 108 2.32 46.67 5.04
CA ALA C 108 1.35 46.20 4.04
C ALA C 108 1.83 44.97 3.28
N ALA C 109 3.11 44.95 2.85
CA ALA C 109 3.69 43.83 2.14
C ALA C 109 3.86 42.63 3.09
N CYS C 110 4.02 42.88 4.40
CA CYS C 110 4.12 41.83 5.42
C CYS C 110 2.80 41.04 5.43
N LEU C 111 1.66 41.74 5.57
CA LEU C 111 0.31 41.15 5.56
C LEU C 111 0.03 40.46 4.24
N ALA C 112 0.53 41.04 3.14
CA ALA C 112 0.37 40.50 1.79
C ALA C 112 1.10 39.16 1.69
N TRP C 113 2.34 39.09 2.22
CA TRP C 113 3.11 37.85 2.18
C TRP C 113 2.57 36.82 3.14
N CYS C 114 2.00 37.25 4.27
CA CYS C 114 1.38 36.40 5.28
C CYS C 114 0.20 35.61 4.68
N ILE C 115 -0.58 36.23 3.78
CA ILE C 115 -1.70 35.54 3.13
C ILE C 115 -1.18 34.53 2.11
N GLU C 116 0.03 34.79 1.57
CA GLU C 116 0.71 33.93 0.63
C GLU C 116 1.28 32.73 1.37
N ILE C 117 1.81 32.95 2.57
CA ILE C 117 2.33 31.90 3.45
C ILE C 117 1.13 31.03 3.88
N LEU C 118 -0.04 31.67 4.13
CA LEU C 118 -1.25 30.97 4.51
C LEU C 118 -1.69 30.06 3.38
N GLN C 119 -1.68 30.60 2.15
CA GLN C 119 -2.01 29.85 0.94
C GLN C 119 -1.02 28.67 0.81
N ALA C 120 0.27 28.91 1.11
CA ALA C 120 1.31 27.89 1.08
C ALA C 120 0.99 26.73 2.03
N ALA C 121 0.56 27.03 3.28
CA ALA C 121 0.21 26.01 4.29
C ALA C 121 -1.06 25.21 3.89
N PHE C 122 -2.04 25.90 3.30
CA PHE C 122 -3.27 25.29 2.82
C PHE C 122 -2.94 24.28 1.73
N LEU C 123 -2.17 24.73 0.75
CA LEU C 123 -1.61 24.00 -0.39
C LEU C 123 -0.88 22.71 0.07
N VAL C 124 0.07 22.81 1.03
CA VAL C 124 0.77 21.62 1.55
C VAL C 124 -0.22 20.67 2.24
N ALA C 125 -1.14 21.21 3.09
CA ALA C 125 -2.12 20.39 3.81
C ALA C 125 -3.07 19.69 2.87
N ASP C 126 -3.62 20.43 1.90
CA ASP C 126 -4.56 19.91 0.93
C ASP C 126 -3.97 18.76 0.10
N ASP C 127 -2.68 18.84 -0.27
CA ASP C 127 -2.02 17.78 -1.04
C ASP C 127 -1.78 16.53 -0.19
N ILE C 128 -1.48 16.70 1.13
CA ILE C 128 -1.38 15.58 2.07
C ILE C 128 -2.74 14.88 2.07
N MET C 129 -3.79 15.67 2.31
CA MET C 129 -5.15 15.21 2.46
C MET C 129 -5.74 14.52 1.23
N ASP C 130 -5.67 15.16 0.04
CA ASP C 130 -6.16 14.64 -1.24
C ASP C 130 -5.21 13.64 -1.91
N LYS C 131 -4.00 13.45 -1.35
CA LYS C 131 -2.92 12.60 -1.87
C LYS C 131 -2.51 13.06 -3.31
N GLY C 132 -2.28 14.38 -3.45
CA GLY C 132 -1.88 15.05 -4.69
C GLY C 132 -0.55 14.60 -5.27
N GLU C 133 -0.32 14.89 -6.55
CA GLU C 133 0.88 14.50 -7.29
C GLU C 133 1.72 15.71 -7.66
N MET C 134 1.07 16.72 -8.24
CA MET C 134 1.75 17.94 -8.66
C MET C 134 1.00 19.18 -8.18
N ARG C 135 1.77 20.23 -7.93
CA ARG C 135 1.23 21.54 -7.61
C ARG C 135 2.21 22.60 -8.00
N ARG C 136 1.71 23.59 -8.76
CA ARG C 136 2.49 24.71 -9.34
C ARG C 136 3.62 24.17 -10.26
N ASN C 137 3.28 23.11 -11.05
CA ASN C 137 4.12 22.41 -12.04
C ASN C 137 5.33 21.68 -11.45
N LYS C 138 5.32 21.42 -10.13
CA LYS C 138 6.36 20.67 -9.43
C LYS C 138 5.73 19.65 -8.52
N TYR C 139 6.54 18.71 -8.01
CA TYR C 139 6.09 17.67 -7.09
C TYR C 139 5.51 18.26 -5.81
N CYS C 140 4.49 17.59 -5.25
CA CYS C 140 3.89 17.97 -3.98
C CYS C 140 4.94 17.78 -2.89
N TRP C 141 5.20 18.86 -2.13
CA TRP C 141 6.13 18.90 -0.99
C TRP C 141 6.13 17.60 -0.14
N TYR C 142 4.95 17.02 0.12
CA TYR C 142 4.84 15.82 0.96
C TYR C 142 5.38 14.55 0.28
N LEU C 143 5.37 14.49 -1.08
CA LEU C 143 5.84 13.33 -1.83
C LEU C 143 7.35 13.17 -1.76
N LEU C 144 8.06 14.27 -1.54
CA LEU C 144 9.52 14.29 -1.48
C LEU C 144 10.01 13.31 -0.43
N LYS C 145 10.99 12.49 -0.82
CA LYS C 145 11.55 11.45 0.03
C LYS C 145 12.33 12.00 1.22
N ASP C 146 12.80 13.25 1.12
CA ASP C 146 13.50 13.93 2.22
C ASP C 146 12.50 14.59 3.18
N VAL C 147 11.23 14.74 2.73
CA VAL C 147 10.15 15.36 3.49
C VAL C 147 9.24 14.29 4.07
N GLU C 148 8.35 13.69 3.24
CA GLU C 148 7.35 12.66 3.59
C GLU C 148 6.19 13.30 4.34
N THR C 149 5.09 12.54 4.54
CA THR C 149 3.89 13.01 5.25
C THR C 149 4.23 13.55 6.65
N LYS C 150 5.06 12.82 7.44
CA LYS C 150 5.47 13.18 8.79
C LYS C 150 6.00 14.62 8.84
N ASN C 151 6.92 14.98 7.92
CA ASN C 151 7.40 16.35 7.91
C ASN C 151 6.35 17.30 7.39
N ALA C 152 5.61 16.90 6.35
CA ALA C 152 4.60 17.76 5.75
C ALA C 152 3.53 18.22 6.75
N VAL C 153 3.16 17.38 7.70
CA VAL C 153 2.14 17.68 8.73
C VAL C 153 2.70 18.76 9.68
N ASN C 154 3.93 18.55 10.13
CA ASN C 154 4.62 19.46 11.00
C ASN C 154 4.86 20.81 10.32
N ASP C 155 5.23 20.80 9.02
CA ASP C 155 5.51 21.98 8.20
C ASP C 155 4.30 22.85 7.95
N VAL C 156 3.10 22.23 7.96
CA VAL C 156 1.83 22.96 7.78
C VAL C 156 1.70 23.95 8.97
N LEU C 157 1.93 23.42 10.18
CA LEU C 157 1.83 24.17 11.40
C LEU C 157 2.91 25.17 11.54
N LEU C 158 4.13 24.89 11.03
CA LEU C 158 5.17 25.89 11.05
C LEU C 158 4.79 27.07 10.18
N LEU C 159 4.40 26.78 8.92
CA LEU C 159 4.03 27.84 7.98
C LEU C 159 2.90 28.66 8.54
N TYR C 160 1.90 27.97 9.12
CA TYR C 160 0.75 28.62 9.74
C TYR C 160 1.16 29.53 10.90
N ASN C 161 2.04 29.06 11.79
CA ASN C 161 2.46 29.87 12.91
C ASN C 161 3.42 31.00 12.53
N SER C 162 4.16 30.85 11.42
CA SER C 162 5.10 31.87 10.95
C SER C 162 4.39 33.18 10.63
N ILE C 163 3.13 33.09 10.15
CA ILE C 163 2.25 34.22 9.82
C ILE C 163 2.15 35.17 11.03
N TYR C 164 1.78 34.62 12.20
CA TYR C 164 1.57 35.39 13.41
C TYR C 164 2.85 35.94 13.97
N LYS C 165 3.98 35.24 13.73
CA LYS C 165 5.29 35.72 14.16
C LYS C 165 5.63 36.97 13.34
N LEU C 166 5.37 36.93 12.03
CA LEU C 166 5.64 38.03 11.11
C LEU C 166 4.76 39.23 11.41
N ILE C 167 3.46 38.98 11.69
CA ILE C 167 2.47 40.00 12.05
C ILE C 167 2.95 40.71 13.33
N GLU C 168 3.50 39.95 14.29
CA GLU C 168 4.02 40.49 15.54
C GLU C 168 5.27 41.34 15.28
N ILE C 169 6.27 40.81 14.54
CA ILE C 169 7.52 41.50 14.20
C ILE C 169 7.28 42.89 13.58
N TYR C 170 6.37 42.99 12.60
CA TYR C 170 6.12 44.21 11.84
C TYR C 170 4.89 45.06 12.24
N LEU C 171 3.92 44.50 13.01
CA LEU C 171 2.70 45.24 13.35
C LEU C 171 2.33 45.22 14.84
N ARG C 172 3.20 44.68 15.74
CA ARG C 172 2.90 44.62 17.19
C ARG C 172 2.56 45.99 17.85
N ASN C 173 3.03 47.11 17.27
CA ASN C 173 2.79 48.45 17.80
C ASN C 173 1.66 49.20 17.08
N GLU C 174 1.09 48.62 16.00
CA GLU C 174 -0.04 49.22 15.28
C GLU C 174 -1.29 49.04 16.11
N SER C 175 -2.27 49.94 15.98
CA SER C 175 -3.50 49.83 16.75
C SER C 175 -4.41 48.70 16.19
N CYS C 176 -4.32 48.45 14.85
CA CYS C 176 -5.09 47.42 14.14
C CYS C 176 -4.59 45.99 14.43
N TYR C 177 -3.44 45.87 15.10
CA TYR C 177 -2.76 44.62 15.41
C TYR C 177 -3.69 43.45 15.80
N VAL C 178 -4.45 43.61 16.90
CA VAL C 178 -5.35 42.57 17.42
C VAL C 178 -6.46 42.22 16.41
N ASP C 179 -6.98 43.22 15.71
CA ASP C 179 -8.03 43.05 14.70
C ASP C 179 -7.52 42.27 13.49
N VAL C 180 -6.24 42.51 13.10
CA VAL C 180 -5.58 41.81 11.98
C VAL C 180 -5.38 40.32 12.36
N ILE C 181 -4.82 40.01 13.57
CA ILE C 181 -4.62 38.63 14.05
C ILE C 181 -5.97 37.92 14.03
N ALA C 182 -7.02 38.61 14.56
CA ALA C 182 -8.38 38.07 14.66
C ALA C 182 -8.94 37.74 13.30
N THR C 183 -8.65 38.56 12.29
CA THR C 183 -9.10 38.37 10.91
C THR C 183 -8.45 37.10 10.31
N PHE C 184 -7.16 36.87 10.59
CA PHE C 184 -6.45 35.69 10.12
C PHE C 184 -7.00 34.44 10.81
N ARG C 185 -7.18 34.49 12.14
CA ARG C 185 -7.71 33.40 12.95
C ARG C 185 -9.11 32.99 12.50
N ASP C 186 -10.01 33.97 12.35
CA ASP C 186 -11.40 33.75 11.95
C ASP C 186 -11.54 33.25 10.54
N ALA C 187 -10.74 33.77 9.61
CA ALA C 187 -10.77 33.33 8.22
C ALA C 187 -10.23 31.89 8.13
N THR C 188 -9.23 31.53 8.97
CA THR C 188 -8.68 30.18 9.00
C THR C 188 -9.72 29.21 9.53
N LEU C 189 -10.43 29.57 10.61
CA LEU C 189 -11.49 28.73 11.21
C LEU C 189 -12.59 28.41 10.20
N LYS C 190 -13.00 29.41 9.43
CA LYS C 190 -14.00 29.22 8.40
C LYS C 190 -13.51 28.29 7.28
N THR C 191 -12.23 28.41 6.88
CA THR C 191 -11.59 27.56 5.86
C THR C 191 -11.53 26.11 6.33
N ILE C 192 -11.12 25.86 7.60
CA ILE C 192 -11.05 24.53 8.21
C ILE C 192 -12.44 23.86 8.12
N ILE C 193 -13.50 24.61 8.45
CA ILE C 193 -14.87 24.13 8.39
C ILE C 193 -15.32 23.83 6.92
N GLY C 194 -14.96 24.70 5.98
CA GLY C 194 -15.25 24.52 4.56
C GLY C 194 -14.57 23.29 4.04
N GLN C 195 -13.31 23.06 4.47
CA GLN C 195 -12.46 21.92 4.14
C GLN C 195 -13.08 20.62 4.68
N HIS C 196 -13.56 20.66 5.93
CA HIS C 196 -14.25 19.55 6.58
C HIS C 196 -15.49 19.14 5.77
N LEU C 197 -16.29 20.13 5.37
CA LEU C 197 -17.50 19.88 4.59
C LEU C 197 -17.19 19.30 3.24
N ASP C 198 -16.17 19.83 2.54
CA ASP C 198 -15.72 19.35 1.24
C ASP C 198 -15.21 17.91 1.30
N THR C 199 -14.64 17.52 2.44
CA THR C 199 -14.10 16.19 2.69
C THR C 199 -15.21 15.17 3.04
N ASN C 200 -16.24 15.61 3.78
CA ASN C 200 -17.24 14.72 4.36
C ASN C 200 -18.68 14.85 3.85
N ILE C 201 -18.97 15.74 2.89
CA ILE C 201 -20.34 15.97 2.38
C ILE C 201 -21.02 14.67 1.84
N PHE C 202 -20.25 13.75 1.26
CA PHE C 202 -20.78 12.48 0.71
C PHE C 202 -20.46 11.28 1.63
N SER C 203 -19.87 11.52 2.83
CA SER C 203 -19.50 10.46 3.77
C SER C 203 -20.71 9.84 4.46
N ASP C 204 -20.57 8.54 4.86
CA ASP C 204 -21.60 7.74 5.53
C ASP C 204 -22.14 8.41 6.79
N LYS C 205 -21.32 9.23 7.45
CA LYS C 205 -21.67 9.96 8.67
C LYS C 205 -22.66 11.10 8.39
N TYR C 206 -22.63 11.65 7.16
CA TYR C 206 -23.48 12.76 6.71
C TYR C 206 -24.78 12.26 6.03
N SER C 207 -24.88 10.93 5.76
CA SER C 207 -26.03 10.30 5.12
C SER C 207 -27.31 10.31 5.99
N ASP C 208 -27.21 9.87 7.26
CA ASP C 208 -28.33 9.84 8.21
C ASP C 208 -27.93 10.42 9.57
N ARG C 211 -27.43 8.02 14.51
CA ARG C 211 -26.28 7.80 13.63
C ARG C 211 -24.98 8.36 14.27
N GLU C 212 -24.35 7.54 15.13
CA GLU C 212 -23.14 7.85 15.90
C GLU C 212 -21.87 7.24 15.29
N ILE C 213 -20.73 7.96 15.40
CA ILE C 213 -19.41 7.52 14.92
C ILE C 213 -18.91 6.39 15.84
N ASP C 214 -18.48 5.25 15.23
CA ASP C 214 -17.99 4.09 15.95
C ASP C 214 -16.51 4.26 16.27
N VAL C 215 -16.23 4.63 17.52
CA VAL C 215 -14.88 4.84 18.01
C VAL C 215 -14.12 3.50 18.21
N ASN C 216 -14.77 2.38 17.83
CA ASN C 216 -14.22 1.03 17.92
C ASN C 216 -13.99 0.44 16.52
N ASN C 217 -14.49 1.13 15.47
CA ASN C 217 -14.29 0.73 14.08
C ASN C 217 -13.03 1.39 13.51
N ILE C 218 -11.92 0.66 13.59
CA ILE C 218 -10.57 1.03 13.16
C ILE C 218 -10.32 0.60 11.69
N ASN C 219 -11.36 0.02 11.07
CA ASN C 219 -11.37 -0.54 9.71
C ASN C 219 -11.32 0.54 8.58
N VAL C 220 -11.06 0.07 7.33
CA VAL C 220 -11.01 0.86 6.10
C VAL C 220 -12.49 1.05 5.61
N PRO C 221 -12.91 2.25 5.12
CA PRO C 221 -14.33 2.42 4.72
C PRO C 221 -14.69 1.77 3.38
N GLN C 223 -16.12 2.12 0.46
CA GLN C 223 -16.06 2.67 -0.89
C GLN C 223 -16.73 4.05 -0.94
N PRO C 224 -16.05 5.10 -1.48
CA PRO C 224 -16.67 6.44 -1.51
C PRO C 224 -17.80 6.52 -2.53
N VAL C 225 -18.91 7.13 -2.14
CA VAL C 225 -20.09 7.22 -2.99
C VAL C 225 -20.82 8.57 -2.83
N ILE C 226 -21.49 9.01 -3.91
CA ILE C 226 -22.26 10.25 -4.03
C ILE C 226 -23.58 10.11 -3.26
N ASP C 227 -24.01 11.20 -2.61
CA ASP C 227 -25.29 11.33 -1.92
C ASP C 227 -26.03 12.44 -2.67
N ILE C 228 -27.09 12.05 -3.43
CA ILE C 228 -27.91 12.93 -4.28
C ILE C 228 -28.61 14.05 -3.49
N ASN C 229 -28.89 13.82 -2.19
CA ASN C 229 -29.49 14.82 -1.28
C ASN C 229 -28.53 16.01 -1.03
N MET C 230 -27.23 15.82 -1.30
CA MET C 230 -26.19 16.83 -1.13
C MET C 230 -25.76 17.48 -2.45
N ILE C 231 -26.23 16.93 -3.61
CA ILE C 231 -25.94 17.47 -4.95
C ILE C 231 -26.89 18.65 -5.26
N ASN C 232 -26.64 19.78 -4.58
CA ASN C 232 -27.43 21.00 -4.77
C ASN C 232 -26.55 22.24 -4.53
N PHE C 233 -26.87 23.36 -5.21
CA PHE C 233 -26.14 24.63 -5.16
C PHE C 233 -26.12 25.29 -3.77
N GLY C 234 -27.14 25.04 -2.96
CA GLY C 234 -27.22 25.58 -1.60
C GLY C 234 -26.11 25.06 -0.72
N VAL C 235 -25.93 23.73 -0.71
CA VAL C 235 -24.88 23.02 0.03
C VAL C 235 -23.53 23.44 -0.55
N TYR C 236 -23.40 23.46 -1.88
CA TYR C 236 -22.19 23.85 -2.60
C TYR C 236 -21.68 25.25 -2.18
N LYS C 237 -22.61 26.23 -2.08
CA LYS C 237 -22.30 27.60 -1.66
C LYS C 237 -21.82 27.61 -0.20
N ASN C 238 -22.45 26.81 0.69
CA ASN C 238 -22.05 26.68 2.09
C ASN C 238 -20.57 26.26 2.17
N ILE C 239 -20.20 25.22 1.39
CA ILE C 239 -18.84 24.67 1.31
C ILE C 239 -17.84 25.71 0.77
N VAL C 240 -18.08 26.18 -0.45
CA VAL C 240 -17.27 27.10 -1.25
C VAL C 240 -17.04 28.47 -0.58
N ILE C 241 -18.07 29.03 0.08
CA ILE C 241 -17.97 30.30 0.80
C ILE C 241 -17.01 30.15 1.99
N HIS C 242 -17.13 29.04 2.75
CA HIS C 242 -16.27 28.77 3.90
C HIS C 242 -14.88 28.34 3.47
N LYS C 243 -14.77 27.45 2.47
CA LYS C 243 -13.48 26.98 1.97
C LYS C 243 -12.65 28.04 1.25
N THR C 244 -13.27 28.97 0.47
CA THR C 244 -12.48 29.91 -0.32
C THR C 244 -12.68 31.40 -0.05
N ALA C 245 -13.95 31.87 -0.01
CA ALA C 245 -14.33 33.29 0.09
C ALA C 245 -13.68 34.06 1.22
N TYR C 246 -13.57 33.46 2.42
CA TYR C 246 -13.05 34.18 3.57
C TYR C 246 -11.56 34.41 3.51
N TYR C 247 -10.75 33.39 3.20
CA TYR C 247 -9.30 33.61 3.15
C TYR C 247 -8.83 34.22 1.80
N SER C 248 -9.54 33.95 0.70
CA SER C 248 -9.13 34.44 -0.61
C SER C 248 -9.54 35.88 -0.90
N PHE C 249 -10.67 36.35 -0.33
CA PHE C 249 -11.17 37.69 -0.62
C PHE C 249 -11.42 38.52 0.60
N PHE C 250 -12.21 38.02 1.58
CA PHE C 250 -12.50 38.79 2.79
C PHE C 250 -11.25 39.18 3.53
N LEU C 251 -10.41 38.19 3.89
CA LEU C 251 -9.16 38.37 4.62
C LEU C 251 -8.24 39.42 3.94
N PRO C 252 -7.85 39.30 2.64
CA PRO C 252 -6.95 40.33 2.06
C PRO C 252 -7.54 41.75 1.97
N ILE C 253 -8.85 41.88 1.68
CA ILE C 253 -9.51 43.18 1.59
C ILE C 253 -9.57 43.82 2.97
N VAL C 254 -10.00 43.06 4.00
CA VAL C 254 -10.09 43.54 5.37
C VAL C 254 -8.69 43.94 5.90
N CYS C 255 -7.63 43.21 5.49
CA CYS C 255 -6.24 43.50 5.85
C CYS C 255 -5.82 44.88 5.36
N GLY C 256 -6.09 45.17 4.09
CA GLY C 256 -5.80 46.44 3.44
C GLY C 256 -6.53 47.61 4.08
N MET C 257 -7.79 47.39 4.42
CA MET C 257 -8.69 48.35 5.07
C MET C 257 -8.33 48.60 6.53
N LEU C 258 -8.07 47.53 7.30
CA LEU C 258 -7.70 47.65 8.72
C LEU C 258 -6.40 48.43 8.90
N LEU C 259 -5.39 48.13 8.05
CA LEU C 259 -4.09 48.79 8.08
C LEU C 259 -4.18 50.26 7.63
N ALA C 260 -5.12 50.57 6.70
CA ALA C 260 -5.37 51.94 6.23
C ALA C 260 -5.97 52.81 7.34
N GLY C 261 -6.78 52.18 8.20
CA GLY C 261 -7.41 52.85 9.33
C GLY C 261 -8.92 52.89 9.30
N ILE C 262 -9.57 52.07 8.42
CA ILE C 262 -11.04 51.99 8.33
C ILE C 262 -11.55 51.30 9.59
N ALA C 263 -12.34 52.04 10.39
CA ALA C 263 -12.90 51.57 11.66
C ALA C 263 -13.79 50.35 11.44
N VAL C 264 -13.59 49.29 12.26
CA VAL C 264 -14.33 48.01 12.24
C VAL C 264 -15.88 48.21 12.32
N ASP C 265 -16.32 49.31 12.95
CA ASP C 265 -17.73 49.69 13.09
C ASP C 265 -18.35 50.17 11.76
N ASN C 266 -17.51 50.45 10.73
CA ASN C 266 -17.93 50.91 9.40
C ASN C 266 -18.76 49.84 8.70
N LEU C 267 -19.97 50.25 8.24
CA LEU C 267 -20.97 49.42 7.57
C LEU C 267 -20.47 48.81 6.26
N ILE C 268 -19.35 49.35 5.72
CA ILE C 268 -18.70 48.90 4.49
C ILE C 268 -18.15 47.47 4.63
N TYR C 269 -17.74 47.05 5.85
CA TYR C 269 -17.19 45.72 6.11
C TYR C 269 -18.19 44.61 5.84
N LYS C 270 -19.48 44.83 6.13
CA LYS C 270 -20.53 43.84 5.84
C LYS C 270 -20.76 43.75 4.34
N LYS C 271 -20.66 44.92 3.64
CA LYS C 271 -20.82 45.02 2.19
C LYS C 271 -19.67 44.26 1.52
N ILE C 272 -18.42 44.45 2.01
CA ILE C 272 -17.25 43.74 1.52
C ILE C 272 -17.37 42.23 1.83
N GLU C 273 -18.03 41.88 2.96
CA GLU C 273 -18.24 40.48 3.33
C GLU C 273 -19.10 39.79 2.31
N ASP C 274 -20.19 40.46 1.87
CA ASP C 274 -21.14 39.93 0.90
C ASP C 274 -20.52 39.82 -0.49
N ILE C 275 -19.69 40.81 -0.90
CA ILE C 275 -18.98 40.79 -2.18
C ILE C 275 -17.96 39.61 -2.19
N SER C 276 -17.20 39.43 -1.07
CA SER C 276 -16.23 38.35 -0.88
C SER C 276 -16.85 36.97 -1.10
N MET C 277 -18.08 36.77 -0.58
CA MET C 277 -18.86 35.54 -0.72
C MET C 277 -19.19 35.27 -2.19
N LEU C 278 -19.62 36.32 -2.93
CA LEU C 278 -19.93 36.25 -4.36
C LEU C 278 -18.67 35.99 -5.20
N MET C 279 -17.53 36.62 -4.82
CA MET C 279 -16.24 36.45 -5.50
C MET C 279 -15.63 35.07 -5.24
N GLY C 280 -15.88 34.53 -4.03
CA GLY C 280 -15.42 33.20 -3.63
C GLY C 280 -16.11 32.14 -4.45
N GLU C 281 -17.44 32.24 -4.56
CA GLU C 281 -18.28 31.35 -5.37
C GLU C 281 -17.81 31.37 -6.85
N TYR C 282 -17.57 32.58 -7.37
CA TYR C 282 -17.11 32.83 -8.73
C TYR C 282 -15.75 32.16 -8.99
N PHE C 283 -14.80 32.35 -8.05
CA PHE C 283 -13.45 31.80 -8.14
C PHE C 283 -13.42 30.27 -8.09
N GLN C 284 -14.18 29.66 -7.16
CA GLN C 284 -14.21 28.20 -6.99
C GLN C 284 -14.86 27.47 -8.16
N ILE C 285 -15.97 28.01 -8.73
CA ILE C 285 -16.64 27.40 -9.88
C ILE C 285 -15.63 27.32 -11.07
N HIS C 286 -14.81 28.38 -11.26
CA HIS C 286 -13.76 28.46 -12.27
C HIS C 286 -12.66 27.44 -11.98
N ASP C 287 -12.31 27.24 -10.68
CA ASP C 287 -11.31 26.26 -10.24
C ASP C 287 -11.81 24.84 -10.54
N ASP C 288 -13.14 24.62 -10.33
CA ASP C 288 -13.86 23.36 -10.61
C ASP C 288 -13.87 23.08 -12.11
N TYR C 289 -14.00 24.15 -12.94
CA TYR C 289 -13.98 24.13 -14.41
C TYR C 289 -12.57 23.75 -14.90
N LEU C 290 -11.52 24.38 -14.31
CA LEU C 290 -10.11 24.14 -14.64
C LEU C 290 -9.68 22.70 -14.38
N ASP C 291 -10.16 22.09 -13.26
CA ASP C 291 -9.88 20.70 -12.86
C ASP C 291 -10.21 19.71 -14.00
N ILE C 292 -11.16 20.13 -14.90
CA ILE C 292 -11.66 19.48 -16.13
C ILE C 292 -12.58 18.32 -15.78
N SER C 304 -8.54 15.78 -10.55
CA SER C 304 -8.61 14.83 -9.44
C SER C 304 -9.96 14.83 -8.70
N ASP C 305 -10.80 15.85 -8.91
CA ASP C 305 -12.12 16.01 -8.25
C ASP C 305 -13.07 14.84 -8.49
N ILE C 306 -13.08 14.28 -9.73
CA ILE C 306 -13.92 13.15 -10.10
C ILE C 306 -13.49 11.93 -9.28
N GLN C 307 -12.17 11.58 -9.32
CA GLN C 307 -11.58 10.46 -8.57
C GLN C 307 -11.73 10.64 -7.06
N ASN C 308 -11.61 11.90 -6.57
CA ASN C 308 -11.70 12.19 -5.13
C ASN C 308 -13.14 12.37 -4.64
N ASN C 309 -14.15 12.05 -5.48
CA ASN C 309 -15.58 12.09 -5.13
C ASN C 309 -16.03 13.49 -4.61
N LYS C 310 -15.54 14.55 -5.24
CA LYS C 310 -15.83 15.91 -4.79
C LYS C 310 -17.14 16.48 -5.32
N LEU C 311 -17.86 17.26 -4.48
CA LEU C 311 -19.08 17.97 -4.86
C LEU C 311 -18.61 19.20 -5.64
N THR C 312 -18.71 19.13 -6.97
CA THR C 312 -18.27 20.21 -7.83
C THR C 312 -19.44 20.86 -8.56
N TRP C 313 -19.20 22.07 -9.10
CA TRP C 313 -20.18 22.80 -9.90
C TRP C 313 -20.52 21.98 -11.19
N PRO C 314 -19.53 21.45 -11.98
CA PRO C 314 -19.90 20.63 -13.16
C PRO C 314 -20.78 19.42 -12.81
N LEU C 315 -20.55 18.77 -11.65
CA LEU C 315 -21.36 17.64 -11.16
C LEU C 315 -22.80 18.09 -10.86
N ILE C 316 -22.98 19.24 -10.17
CA ILE C 316 -24.31 19.77 -9.83
C ILE C 316 -25.07 20.18 -11.10
N LYS C 317 -24.36 20.87 -12.04
CA LYS C 317 -24.93 21.30 -13.33
C LYS C 317 -25.37 20.09 -14.17
N THR C 318 -24.48 19.08 -14.36
CA THR C 318 -24.79 17.84 -15.10
C THR C 318 -26.01 17.12 -14.48
N PHE C 319 -26.10 17.06 -13.14
CA PHE C 319 -27.20 16.42 -12.41
C PHE C 319 -28.57 17.11 -12.61
N GLU C 320 -28.60 18.44 -12.83
CA GLU C 320 -29.85 19.16 -13.06
C GLU C 320 -30.39 18.83 -14.46
N LYS C 327 -27.92 9.79 -14.76
CA LYS C 327 -27.86 10.00 -13.33
C LYS C 327 -27.33 8.75 -12.62
N ILE C 328 -27.88 7.56 -12.96
CA ILE C 328 -27.46 6.26 -12.42
C ILE C 328 -26.01 5.96 -12.86
N LYS C 329 -25.66 6.33 -14.12
CA LYS C 329 -24.33 6.19 -14.71
C LYS C 329 -23.30 7.07 -13.94
N ILE C 330 -23.73 8.26 -13.45
CA ILE C 330 -22.89 9.17 -12.66
C ILE C 330 -22.60 8.52 -11.29
N VAL C 331 -23.68 8.10 -10.58
CA VAL C 331 -23.63 7.44 -9.27
C VAL C 331 -22.71 6.19 -9.28
N LYS C 332 -22.70 5.45 -10.40
CA LYS C 332 -21.91 4.22 -10.59
C LYS C 332 -20.42 4.46 -10.93
N ASN C 333 -20.08 5.62 -11.53
CA ASN C 333 -18.69 5.89 -11.98
C ASN C 333 -17.95 7.01 -11.22
N TYR C 334 -18.66 7.86 -10.45
CA TYR C 334 -18.03 8.96 -9.72
C TYR C 334 -17.38 8.47 -8.43
N GLY C 335 -16.20 9.02 -8.14
CA GLY C 335 -15.42 8.69 -6.95
C GLY C 335 -14.47 7.53 -7.11
N LYS C 336 -14.51 6.86 -8.30
CA LYS C 336 -13.67 5.71 -8.65
C LYS C 336 -12.42 6.14 -9.43
N ASN C 337 -11.33 5.35 -9.30
CA ASN C 337 -10.05 5.56 -9.97
C ASN C 337 -10.04 4.90 -11.35
N LEU C 339 -9.49 5.06 -14.43
CA LEU C 339 -9.48 5.91 -15.62
C LEU C 339 -10.75 5.75 -16.49
N ALA C 340 -11.28 4.50 -16.62
CA ALA C 340 -12.50 4.22 -17.38
C ALA C 340 -13.70 4.91 -16.76
N CYS C 341 -13.82 4.84 -15.42
CA CYS C 341 -14.89 5.45 -14.62
C CYS C 341 -14.91 6.98 -14.78
N VAL C 342 -13.72 7.63 -14.70
CA VAL C 342 -13.57 9.09 -14.87
C VAL C 342 -13.89 9.49 -16.31
N LYS C 343 -13.46 8.66 -17.30
CA LYS C 343 -13.73 8.84 -18.74
C LYS C 343 -15.26 8.87 -18.99
N VAL C 344 -16.02 8.01 -18.27
CA VAL C 344 -17.50 7.92 -18.30
C VAL C 344 -18.07 9.29 -17.90
N ILE C 345 -17.58 9.83 -16.76
CA ILE C 345 -17.96 11.13 -16.20
C ILE C 345 -17.53 12.28 -17.14
N ASP C 346 -16.26 12.26 -17.63
CA ASP C 346 -15.68 13.27 -18.54
C ASP C 346 -16.50 13.43 -19.83
N SER C 347 -17.06 12.31 -20.35
CA SER C 347 -17.89 12.26 -21.55
C SER C 347 -19.27 12.88 -21.31
N LEU C 348 -19.86 12.68 -20.11
CA LEU C 348 -21.16 13.23 -19.72
C LEU C 348 -21.06 14.76 -19.60
N TYR C 349 -19.90 15.28 -19.16
CA TYR C 349 -19.64 16.72 -19.03
C TYR C 349 -19.53 17.36 -20.42
N GLU C 350 -18.97 16.62 -21.41
CA GLU C 350 -18.83 17.04 -22.81
C GLU C 350 -20.21 17.00 -23.50
N GLN C 351 -20.99 15.93 -23.23
CA GLN C 351 -22.34 15.67 -23.75
C GLN C 351 -23.33 16.77 -23.34
N TYR C 352 -23.40 17.07 -22.04
CA TYR C 352 -24.29 18.10 -21.50
C TYR C 352 -23.67 19.51 -21.59
N LYS C 353 -22.57 19.64 -22.39
CA LYS C 353 -21.81 20.85 -22.71
C LYS C 353 -21.63 21.77 -21.49
N ILE C 354 -20.99 21.24 -20.42
CA ILE C 354 -20.71 21.93 -19.16
C ILE C 354 -19.33 22.60 -19.19
N LYS C 356 -19.99 25.30 -21.80
CA LYS C 356 -20.86 26.38 -22.26
C LYS C 356 -21.71 26.93 -21.13
N HIS C 357 -22.18 26.06 -20.21
CA HIS C 357 -22.99 26.45 -19.06
C HIS C 357 -22.15 27.22 -18.03
N TYR C 358 -20.82 26.95 -17.97
CA TYR C 358 -19.89 27.67 -17.09
C TYR C 358 -19.72 29.08 -17.62
N GLU C 359 -19.54 29.22 -18.97
CA GLU C 359 -19.40 30.48 -19.72
C GLU C 359 -20.63 31.36 -19.48
N SER C 360 -21.84 30.74 -19.47
CA SER C 360 -23.11 31.37 -19.18
C SER C 360 -23.15 31.83 -17.71
N TYR C 361 -22.62 30.99 -16.78
CA TYR C 361 -22.56 31.30 -15.35
C TYR C 361 -21.57 32.44 -15.06
N GLU C 362 -20.35 32.37 -15.65
CA GLU C 362 -19.25 33.34 -15.51
C GLU C 362 -19.66 34.76 -15.89
N LYS C 363 -20.50 34.89 -16.93
CA LYS C 363 -21.02 36.18 -17.39
C LYS C 363 -22.07 36.70 -16.39
N ALA C 364 -23.00 35.82 -15.94
CA ALA C 364 -24.07 36.15 -14.99
C ALA C 364 -23.56 36.49 -13.58
N GLN C 365 -22.50 35.79 -13.08
CA GLN C 365 -21.90 35.99 -11.76
C GLN C 365 -21.02 37.26 -11.73
N LYS C 366 -20.32 37.59 -12.84
CA LYS C 366 -19.47 38.78 -13.00
C LYS C 366 -20.31 40.05 -12.86
N ALA C 367 -21.52 40.04 -13.46
CA ALA C 367 -22.49 41.15 -13.43
C ALA C 367 -23.04 41.34 -12.02
N LYS C 368 -23.40 40.23 -11.33
CA LYS C 368 -23.94 40.23 -9.97
C LYS C 368 -22.95 40.87 -8.98
N ILE C 369 -21.64 40.61 -9.20
CA ILE C 369 -20.53 41.11 -8.40
C ILE C 369 -20.34 42.60 -8.67
N LEU C 370 -20.29 43.01 -9.97
CA LEU C 370 -20.13 44.40 -10.43
C LEU C 370 -21.23 45.28 -9.87
N SER C 371 -22.48 44.76 -9.83
CA SER C 371 -23.65 45.44 -9.29
C SER C 371 -23.47 45.70 -7.79
N ALA C 372 -22.99 44.68 -7.04
CA ALA C 372 -22.75 44.79 -5.60
C ALA C 372 -21.59 45.74 -5.29
N ILE C 373 -20.55 45.75 -6.16
CA ILE C 373 -19.37 46.62 -6.04
C ILE C 373 -19.80 48.09 -6.20
N ASN C 374 -20.73 48.37 -7.12
CA ASN C 374 -21.21 49.73 -7.37
C ASN C 374 -22.07 50.28 -6.23
N GLU C 375 -22.57 49.40 -5.35
CA GLU C 375 -23.37 49.79 -4.19
C GLU C 375 -22.45 50.08 -2.97
N LEU C 376 -21.11 50.00 -3.16
CA LEU C 376 -20.10 50.24 -2.11
C LEU C 376 -20.01 51.70 -1.70
N HIS C 377 -20.02 52.60 -2.71
CA HIS C 377 -19.89 54.06 -2.58
C HIS C 377 -18.48 54.39 -2.05
N HIS C 378 -17.45 53.86 -2.74
CA HIS C 378 -16.04 54.07 -2.48
C HIS C 378 -15.29 53.78 -3.77
N GLU C 379 -15.02 54.84 -4.55
CA GLU C 379 -14.33 54.82 -5.84
C GLU C 379 -13.01 54.03 -5.84
N GLY C 380 -12.21 54.20 -4.78
CA GLY C 380 -10.91 53.53 -4.61
C GLY C 380 -10.99 52.03 -4.53
N ILE C 381 -11.79 51.49 -3.59
CA ILE C 381 -12.01 50.06 -3.37
C ILE C 381 -12.70 49.46 -4.62
N GLU C 382 -13.72 50.17 -5.16
CA GLU C 382 -14.46 49.79 -6.37
C GLU C 382 -13.53 49.58 -7.58
N TYR C 383 -12.51 50.45 -7.73
CA TYR C 383 -11.52 50.34 -8.80
C TYR C 383 -10.72 49.05 -8.64
N VAL C 384 -10.22 48.79 -7.41
CA VAL C 384 -9.44 47.60 -7.05
C VAL C 384 -10.24 46.33 -7.29
N LEU C 385 -11.50 46.28 -6.81
CA LEU C 385 -12.35 45.10 -6.96
C LEU C 385 -12.66 44.78 -8.41
N LYS C 386 -12.91 45.81 -9.25
CA LYS C 386 -13.16 45.65 -10.69
C LYS C 386 -11.90 45.16 -11.41
N TYR C 387 -10.72 45.71 -11.03
CA TYR C 387 -9.42 45.31 -11.58
C TYR C 387 -9.08 43.88 -11.18
N LEU C 388 -9.33 43.52 -9.88
CA LEU C 388 -9.10 42.18 -9.32
C LEU C 388 -9.94 41.15 -10.08
N LEU C 389 -11.24 41.46 -10.29
CA LEU C 389 -12.19 40.60 -10.98
C LEU C 389 -11.74 40.30 -12.43
N GLU C 390 -11.09 41.28 -13.10
CA GLU C 390 -10.62 41.12 -14.47
C GLU C 390 -9.36 40.27 -14.56
N ILE C 391 -8.42 40.46 -13.59
CA ILE C 391 -7.11 39.79 -13.54
C ILE C 391 -7.16 38.39 -12.82
N LEU C 392 -8.39 37.85 -12.63
CA LEU C 392 -8.74 36.57 -12.00
C LEU C 392 -7.81 35.42 -12.37
N ALA D 35 -10.33 18.00 39.55
CA ALA D 35 -11.47 18.27 40.43
C ALA D 35 -12.45 19.34 39.82
N PHE D 36 -12.35 20.63 40.27
CA PHE D 36 -13.15 21.77 39.78
C PHE D 36 -12.83 22.01 38.30
N PHE D 37 -11.53 21.87 37.95
CA PHE D 37 -10.96 22.02 36.62
C PHE D 37 -11.59 21.02 35.63
N ARG D 38 -11.70 19.75 36.05
CA ARG D 38 -12.29 18.68 35.24
C ARG D 38 -13.79 18.87 34.99
N ASN D 39 -14.48 19.65 35.84
CA ASN D 39 -15.92 19.93 35.75
C ASN D 39 -16.21 21.12 34.80
N MET D 40 -15.20 21.98 34.60
CA MET D 40 -15.21 23.18 33.75
C MET D 40 -15.09 22.89 32.24
N TYR D 41 -14.64 21.67 31.86
CA TYR D 41 -14.40 21.23 30.49
C TYR D 41 -15.52 21.60 29.48
N ASP D 42 -16.75 21.06 29.70
CA ASP D 42 -17.92 21.22 28.82
C ASP D 42 -18.20 22.68 28.51
N LYS D 43 -18.06 23.55 29.51
CA LYS D 43 -18.27 24.98 29.34
C LYS D 43 -17.41 25.57 28.20
N TYR D 44 -16.10 25.25 28.19
CA TYR D 44 -15.12 25.69 27.19
C TYR D 44 -15.36 24.99 25.84
N ARG D 45 -15.64 23.67 25.92
CA ARG D 45 -15.96 22.90 24.73
C ARG D 45 -17.19 23.52 24.06
N ASP D 46 -18.31 23.67 24.81
CA ASP D 46 -19.56 24.23 24.28
C ASP D 46 -19.43 25.70 23.83
N ALA D 47 -18.53 26.49 24.45
CA ALA D 47 -18.34 27.89 24.05
C ALA D 47 -17.77 27.95 22.63
N PHE D 48 -16.80 27.06 22.30
CA PHE D 48 -16.19 26.97 20.97
C PHE D 48 -17.16 26.37 19.95
N LEU D 49 -17.89 25.31 20.35
CA LEU D 49 -18.89 24.65 19.51
C LEU D 49 -20.02 25.63 19.16
N SER D 50 -20.36 26.53 20.09
CA SER D 50 -21.37 27.57 19.89
C SER D 50 -20.89 28.61 18.87
N HIS D 51 -19.58 28.88 18.83
CA HIS D 51 -18.98 29.82 17.86
C HIS D 51 -19.18 29.32 16.41
N LEU D 52 -18.93 28.00 16.17
CA LEU D 52 -19.09 27.38 14.84
C LEU D 52 -20.55 27.37 14.44
N ASN D 53 -21.44 27.23 15.44
CA ASN D 53 -22.88 27.19 15.29
C ASN D 53 -23.47 28.54 14.83
N GLU D 54 -22.72 29.63 14.98
CA GLU D 54 -23.13 30.95 14.55
C GLU D 54 -22.85 31.16 13.05
N TYR D 55 -22.12 30.22 12.40
CA TYR D 55 -21.78 30.29 10.98
C TYR D 55 -23.04 30.22 10.11
N SER D 56 -23.03 30.89 8.94
CA SER D 56 -24.17 30.88 8.01
C SER D 56 -24.16 29.54 7.25
N LEU D 57 -24.75 28.53 7.86
CA LEU D 57 -24.85 27.20 7.28
C LEU D 57 -26.27 26.67 7.43
N GLU D 58 -26.69 25.78 6.52
CA GLU D 58 -28.01 25.13 6.58
C GLU D 58 -28.08 24.32 7.88
N GLU D 59 -29.22 24.41 8.58
CA GLU D 59 -29.48 23.80 9.89
C GLU D 59 -29.03 22.33 10.03
N GLU D 60 -29.23 21.50 8.97
CA GLU D 60 -28.83 20.09 8.98
C GLU D 60 -27.30 19.94 8.99
N ILE D 61 -26.59 20.82 8.25
CA ILE D 61 -25.13 20.86 8.17
C ILE D 61 -24.55 21.22 9.56
N LYS D 62 -25.17 22.22 10.24
CA LYS D 62 -24.84 22.67 11.59
C LYS D 62 -24.87 21.53 12.61
N GLU D 63 -25.90 20.65 12.51
CA GLU D 63 -26.08 19.53 13.43
C GLU D 63 -25.02 18.45 13.22
N HIS D 64 -24.60 18.19 11.96
CA HIS D 64 -23.56 17.22 11.64
C HIS D 64 -22.20 17.69 12.17
N ILE D 65 -21.91 19.00 11.98
CA ILE D 65 -20.71 19.69 12.43
C ILE D 65 -20.60 19.60 13.94
N SER D 66 -21.69 19.92 14.68
CA SER D 66 -21.67 19.87 16.16
C SER D 66 -21.46 18.45 16.66
N LYS D 67 -22.05 17.44 15.98
CA LYS D 67 -21.90 16.03 16.34
C LYS D 67 -20.45 15.60 16.15
N TYR D 68 -19.83 15.99 15.01
CA TYR D 68 -18.45 15.64 14.71
C TYR D 68 -17.47 16.30 15.67
N TYR D 69 -17.58 17.63 15.81
CA TYR D 69 -16.63 18.37 16.62
C TYR D 69 -16.75 18.16 18.14
N LYS D 70 -17.94 17.73 18.64
CA LYS D 70 -18.12 17.41 20.07
C LYS D 70 -17.31 16.17 20.36
N LEU D 71 -17.35 15.17 19.43
CA LEU D 71 -16.59 13.94 19.59
C LEU D 71 -15.09 14.20 19.41
N LEU D 72 -14.69 15.09 18.48
CA LEU D 72 -13.27 15.42 18.28
C LEU D 72 -12.64 15.94 19.59
N PHE D 73 -13.31 16.88 20.25
CA PHE D 73 -12.86 17.44 21.52
C PHE D 73 -12.88 16.39 22.63
N ASP D 74 -14.04 15.75 22.88
CA ASP D 74 -14.20 14.74 23.92
C ASP D 74 -13.19 13.62 23.86
N TYR D 75 -13.04 13.03 22.67
CA TYR D 75 -12.19 11.89 22.43
C TYR D 75 -10.71 12.21 22.67
N ASN D 76 -10.30 13.42 22.34
CA ASN D 76 -8.88 13.78 22.39
C ASN D 76 -8.50 14.68 23.54
N CYS D 77 -9.46 15.40 24.17
CA CYS D 77 -9.14 16.28 25.30
C CYS D 77 -9.29 15.59 26.65
N LEU D 78 -10.13 14.54 26.73
CA LEU D 78 -10.39 13.82 27.98
C LEU D 78 -9.63 12.51 28.03
N GLY D 79 -8.96 12.23 29.15
CA GLY D 79 -8.26 10.95 29.33
C GLY D 79 -6.84 10.99 29.83
N GLY D 80 -6.21 12.17 29.79
CA GLY D 80 -4.84 12.37 30.24
C GLY D 80 -4.70 12.70 31.71
N LYS D 81 -3.45 12.82 32.18
CA LYS D 81 -3.14 13.16 33.57
C LYS D 81 -3.48 14.63 33.92
N ASN D 82 -3.54 15.50 32.89
CA ASN D 82 -3.85 16.93 32.97
C ASN D 82 -2.88 17.74 33.84
N ASN D 83 -1.62 17.30 33.89
CA ASN D 83 -0.53 17.94 34.63
C ASN D 83 -0.33 19.39 34.20
N ARG D 84 -0.38 19.65 32.88
CA ARG D 84 -0.22 20.99 32.29
C ARG D 84 -1.38 21.90 32.70
N GLY D 85 -2.61 21.38 32.66
CA GLY D 85 -3.83 22.12 33.01
C GLY D 85 -3.87 22.48 34.48
N ILE D 86 -3.58 21.49 35.35
CA ILE D 86 -3.50 21.62 36.81
C ILE D 86 -2.39 22.61 37.21
N LEU D 87 -1.25 22.60 36.48
CA LEU D 87 -0.12 23.51 36.68
C LEU D 87 -0.52 24.98 36.54
N VAL D 88 -1.45 25.30 35.62
CA VAL D 88 -1.94 26.66 35.40
C VAL D 88 -2.74 27.08 36.67
N ILE D 89 -3.73 26.25 37.05
CA ILE D 89 -4.63 26.45 38.17
C ILE D 89 -3.85 26.70 39.48
N LEU D 90 -2.88 25.80 39.81
CA LEU D 90 -2.04 25.88 40.99
C LEU D 90 -1.14 27.12 40.98
N ILE D 91 -0.53 27.45 39.82
CA ILE D 91 0.32 28.65 39.75
C ILE D 91 -0.53 29.89 39.91
N TYR D 92 -1.73 29.92 39.30
CA TYR D 92 -2.63 31.07 39.43
C TYR D 92 -3.03 31.35 40.90
N GLU D 93 -3.38 30.28 41.65
CA GLU D 93 -3.79 30.32 43.05
C GLU D 93 -2.64 30.74 44.00
N TYR D 94 -1.41 30.22 43.82
CA TYR D 94 -0.30 30.48 44.71
C TYR D 94 0.60 31.67 44.34
N VAL D 95 0.30 32.39 43.22
CA VAL D 95 1.11 33.55 42.86
C VAL D 95 0.81 34.72 43.81
N ASN D 101 -12.08 33.96 43.53
CA ASN D 101 -13.23 34.46 42.75
C ASN D 101 -13.65 33.50 41.61
N SER D 102 -14.96 33.44 41.29
CA SER D 102 -15.51 32.54 40.27
C SER D 102 -15.15 32.96 38.84
N SER D 103 -15.31 34.26 38.50
CA SER D 103 -15.04 34.86 37.19
C SER D 103 -13.55 34.81 36.83
N GLU D 104 -12.67 35.04 37.84
CA GLU D 104 -11.21 35.02 37.69
C GLU D 104 -10.74 33.60 37.44
N TRP D 105 -11.38 32.63 38.10
CA TRP D 105 -11.11 31.19 37.99
C TRP D 105 -11.63 30.62 36.65
N GLU D 106 -12.62 31.30 36.05
CA GLU D 106 -13.20 30.97 34.75
C GLU D 106 -12.16 31.30 33.64
N LYS D 107 -11.41 32.40 33.81
CA LYS D 107 -10.34 32.81 32.90
C LYS D 107 -9.12 31.86 33.06
N ALA D 108 -8.79 31.48 34.31
CA ALA D 108 -7.69 30.57 34.61
C ALA D 108 -7.94 29.15 34.09
N ALA D 109 -9.16 28.60 34.29
CA ALA D 109 -9.53 27.27 33.80
C ALA D 109 -9.62 27.27 32.25
N CYS D 110 -9.90 28.44 31.63
CA CYS D 110 -9.93 28.58 30.17
C CYS D 110 -8.52 28.29 29.66
N LEU D 111 -7.49 29.00 30.18
CA LEU D 111 -6.08 28.83 29.81
C LEU D 111 -5.61 27.43 30.10
N ALA D 112 -6.09 26.85 31.22
CA ALA D 112 -5.76 25.49 31.63
C ALA D 112 -6.30 24.48 30.63
N TRP D 113 -7.56 24.65 30.17
CA TRP D 113 -8.14 23.76 29.16
C TRP D 113 -7.53 23.96 27.78
N CYS D 114 -7.13 25.21 27.45
CA CYS D 114 -6.47 25.56 26.20
C CYS D 114 -5.14 24.80 26.03
N ILE D 115 -4.40 24.56 27.13
CA ILE D 115 -3.15 23.81 27.09
C ILE D 115 -3.45 22.31 26.89
N GLU D 116 -4.62 21.86 27.38
CA GLU D 116 -5.02 20.47 27.22
C GLU D 116 -5.56 20.26 25.79
N ILE D 117 -6.17 21.28 25.16
CA ILE D 117 -6.61 21.25 23.78
C ILE D 117 -5.33 21.24 22.90
N LEU D 118 -4.29 22.00 23.32
CA LEU D 118 -3.01 22.04 22.62
C LEU D 118 -2.36 20.67 22.67
N GLN D 119 -2.38 20.02 23.84
CA GLN D 119 -1.87 18.67 24.04
C GLN D 119 -2.67 17.70 23.15
N ALA D 120 -3.99 17.89 23.08
CA ALA D 120 -4.88 17.11 22.22
C ALA D 120 -4.48 17.22 20.72
N ALA D 121 -4.27 18.44 20.21
CA ALA D 121 -3.81 18.75 18.84
C ALA D 121 -2.41 18.10 18.53
N PHE D 122 -1.47 18.16 19.51
CA PHE D 122 -0.14 17.56 19.45
C PHE D 122 -0.19 16.03 19.38
N LEU D 123 -1.02 15.37 20.22
CA LEU D 123 -1.09 13.91 20.23
C LEU D 123 -1.73 13.36 18.96
N VAL D 124 -2.73 14.05 18.40
CA VAL D 124 -3.37 13.63 17.15
C VAL D 124 -2.35 13.72 16.01
N ALA D 125 -1.61 14.84 15.95
CA ALA D 125 -0.60 15.10 14.94
C ALA D 125 0.53 14.11 15.05
N ASP D 126 1.03 13.86 16.28
CA ASP D 126 2.13 12.95 16.55
C ASP D 126 1.80 11.53 16.15
N ASP D 127 0.54 11.13 16.36
CA ASP D 127 0.12 9.78 16.02
C ASP D 127 0.01 9.59 14.51
N ILE D 128 -0.40 10.64 13.76
CA ILE D 128 -0.46 10.62 12.29
C ILE D 128 0.99 10.45 11.80
N MET D 129 1.88 11.33 12.30
CA MET D 129 3.29 11.39 11.95
C MET D 129 4.05 10.11 12.25
N ASP D 130 3.93 9.58 13.47
CA ASP D 130 4.64 8.36 13.89
C ASP D 130 3.86 7.08 13.57
N LYS D 131 2.73 7.21 12.85
CA LYS D 131 1.86 6.09 12.48
C LYS D 131 1.54 5.25 13.72
N GLY D 132 1.02 5.93 14.75
CA GLY D 132 0.65 5.37 16.05
C GLY D 132 -0.52 4.40 15.97
N GLU D 133 -0.66 3.58 17.02
CA GLU D 133 -1.71 2.55 17.10
C GLU D 133 -2.70 2.87 18.23
N MET D 134 -2.17 3.14 19.42
CA MET D 134 -2.97 3.45 20.59
C MET D 134 -2.46 4.69 21.30
N ARG D 135 -3.38 5.40 21.94
CA ARG D 135 -3.07 6.53 22.80
C ARG D 135 -4.14 6.71 23.81
N ARG D 136 -3.73 6.77 25.10
CA ARG D 136 -4.59 6.87 26.29
C ARG D 136 -5.55 5.66 26.35
N ASN D 137 -5.02 4.46 26.00
CA ASN D 137 -5.67 3.15 26.00
C ASN D 137 -6.82 3.00 25.01
N LYS D 138 -6.87 3.87 24.01
CA LYS D 138 -7.87 3.81 22.94
C LYS D 138 -7.16 3.97 21.61
N TYR D 139 -7.87 3.65 20.52
CA TYR D 139 -7.36 3.80 19.16
C TYR D 139 -7.02 5.26 18.87
N CYS D 140 -5.96 5.46 18.09
CA CYS D 140 -5.55 6.76 17.61
C CYS D 140 -6.67 7.30 16.69
N TRP D 141 -7.13 8.53 16.97
CA TRP D 141 -8.19 9.23 16.24
C TRP D 141 -8.09 9.04 14.71
N TYR D 142 -6.87 9.20 14.14
CA TYR D 142 -6.68 9.06 12.69
C TYR D 142 -6.99 7.64 12.16
N LEU D 143 -6.85 6.60 13.00
CA LEU D 143 -7.12 5.21 12.59
C LEU D 143 -8.62 4.91 12.38
N LEU D 144 -9.48 5.66 13.07
CA LEU D 144 -10.93 5.50 13.01
C LEU D 144 -11.45 5.61 11.58
N LYS D 145 -12.34 4.65 11.19
CA LYS D 145 -12.99 4.50 9.89
C LYS D 145 -13.70 5.75 9.42
N ASP D 146 -14.36 6.44 10.32
CA ASP D 146 -15.14 7.65 10.02
C ASP D 146 -14.29 8.94 9.97
N VAL D 147 -13.00 8.86 10.31
CA VAL D 147 -12.20 10.08 10.30
C VAL D 147 -11.06 9.92 9.29
N GLU D 148 -10.11 8.96 9.52
CA GLU D 148 -8.96 8.75 8.62
C GLU D 148 -7.95 9.90 8.74
N THR D 149 -6.76 9.74 8.12
CA THR D 149 -5.68 10.73 8.11
C THR D 149 -6.17 12.10 7.61
N LYS D 150 -6.92 12.10 6.49
CA LYS D 150 -7.45 13.31 5.85
C LYS D 150 -8.16 14.21 6.85
N ASN D 151 -9.11 13.66 7.66
CA ASN D 151 -9.82 14.48 8.64
C ASN D 151 -8.93 14.86 9.78
N ALA D 152 -8.11 13.91 10.29
CA ALA D 152 -7.19 14.10 11.40
C ALA D 152 -6.26 15.29 11.20
N VAL D 153 -5.72 15.45 9.97
CA VAL D 153 -4.83 16.57 9.59
C VAL D 153 -5.62 17.87 9.77
N ASN D 154 -6.82 17.90 9.20
CA ASN D 154 -7.69 19.07 9.26
C ASN D 154 -8.09 19.38 10.71
N ASP D 155 -8.36 18.32 11.50
CA ASP D 155 -8.77 18.36 12.91
C ASP D 155 -7.69 18.98 13.81
N VAL D 156 -6.41 18.60 13.60
CA VAL D 156 -5.27 19.13 14.32
C VAL D 156 -5.30 20.68 14.27
N LEU D 157 -5.57 21.22 13.07
CA LEU D 157 -5.62 22.65 12.89
C LEU D 157 -6.84 23.27 13.49
N LEU D 158 -7.97 22.52 13.52
CA LEU D 158 -9.16 23.04 14.18
C LEU D 158 -8.89 23.14 15.67
N LEU D 159 -8.41 22.06 16.28
CA LEU D 159 -8.10 22.03 17.72
C LEU D 159 -7.12 23.14 18.05
N TYR D 160 -6.08 23.29 17.21
CA TYR D 160 -5.08 24.33 17.40
C TYR D 160 -5.69 25.74 17.35
N ASN D 161 -6.55 26.01 16.37
CA ASN D 161 -7.15 27.34 16.24
C ASN D 161 -8.25 27.60 17.28
N SER D 162 -8.86 26.55 17.83
CA SER D 162 -9.90 26.68 18.84
C SER D 162 -9.36 27.33 20.11
N ILE D 163 -8.06 27.09 20.43
CA ILE D 163 -7.34 27.66 21.57
C ILE D 163 -7.45 29.19 21.54
N TYR D 164 -7.11 29.82 20.39
CA TYR D 164 -7.10 31.27 20.24
C TYR D 164 -8.49 31.85 20.22
N LYS D 165 -9.49 31.06 19.78
CA LYS D 165 -10.87 31.48 19.82
C LYS D 165 -11.33 31.56 21.28
N LEU D 166 -10.93 30.57 22.10
CA LEU D 166 -11.27 30.49 23.51
C LEU D 166 -10.61 31.61 24.34
N ILE D 167 -9.35 31.96 24.05
CA ILE D 167 -8.60 33.04 24.71
C ILE D 167 -9.24 34.38 24.34
N GLU D 168 -9.79 34.47 23.14
CA GLU D 168 -10.49 35.68 22.73
C GLU D 168 -11.83 35.78 23.50
N ILE D 169 -12.63 34.71 23.52
CA ILE D 169 -13.94 34.66 24.20
C ILE D 169 -13.84 35.08 25.69
N TYR D 170 -12.88 34.51 26.43
CA TYR D 170 -12.75 34.71 27.88
C TYR D 170 -11.71 35.74 28.36
N LEU D 171 -10.74 36.15 27.51
CA LEU D 171 -9.66 37.05 27.94
C LEU D 171 -9.42 38.24 27.01
N ARG D 172 -10.27 38.46 25.99
CA ARG D 172 -10.11 39.60 25.07
C ARG D 172 -9.86 40.97 25.78
N ASN D 173 -10.58 41.18 26.92
CA ASN D 173 -10.56 42.44 27.68
C ASN D 173 -9.51 42.49 28.80
N GLU D 174 -8.77 41.38 29.04
CA GLU D 174 -7.68 41.35 30.01
C GLU D 174 -6.48 42.08 29.42
N SER D 175 -5.64 42.69 30.27
CA SER D 175 -4.46 43.41 29.76
C SER D 175 -3.36 42.42 29.30
N CYS D 176 -3.31 41.22 29.93
CA CYS D 176 -2.35 40.15 29.63
C CYS D 176 -2.66 39.43 28.30
N TYR D 177 -3.85 39.68 27.72
CA TYR D 177 -4.37 39.07 26.49
C TYR D 177 -3.32 38.82 25.38
N VAL D 178 -2.68 39.87 24.88
CA VAL D 178 -1.68 39.82 23.80
C VAL D 178 -0.45 38.99 24.22
N ASP D 179 -0.01 39.13 25.47
CA ASP D 179 1.10 38.39 26.03
C ASP D 179 0.81 36.89 26.13
N VAL D 180 -0.44 36.54 26.50
CA VAL D 180 -0.88 35.15 26.64
C VAL D 180 -0.90 34.50 25.25
N ILE D 181 -1.48 35.21 24.26
CA ILE D 181 -1.62 34.80 22.87
C ILE D 181 -0.23 34.56 22.25
N ALA D 182 0.75 35.41 22.61
CA ALA D 182 2.16 35.34 22.17
C ALA D 182 2.89 34.16 22.84
N THR D 183 2.56 33.85 24.11
CA THR D 183 3.14 32.74 24.86
C THR D 183 2.74 31.39 24.21
N PHE D 184 1.46 31.27 23.78
CA PHE D 184 0.97 30.07 23.10
C PHE D 184 1.65 29.91 21.74
N ARG D 185 1.73 30.99 20.96
CA ARG D 185 2.36 31.02 19.64
C ARG D 185 3.85 30.65 19.71
N ASP D 186 4.60 31.26 20.64
CA ASP D 186 6.04 31.02 20.81
C ASP D 186 6.35 29.63 21.35
N ALA D 187 5.52 29.12 22.31
CA ALA D 187 5.68 27.77 22.87
C ALA D 187 5.37 26.72 21.79
N THR D 188 4.42 27.02 20.85
CA THR D 188 4.07 26.13 19.74
C THR D 188 5.21 26.08 18.73
N LEU D 189 5.77 27.25 18.35
CA LEU D 189 6.88 27.35 17.40
C LEU D 189 8.08 26.54 17.86
N LYS D 190 8.42 26.60 19.14
CA LYS D 190 9.51 25.83 19.71
C LYS D 190 9.22 24.32 19.66
N THR D 191 7.97 23.92 19.93
CA THR D 191 7.54 22.51 19.87
C THR D 191 7.66 21.96 18.44
N ILE D 192 7.20 22.74 17.43
CA ILE D 192 7.25 22.39 16.00
C ILE D 192 8.72 22.11 15.61
N ILE D 193 9.66 22.97 16.06
CA ILE D 193 11.10 22.84 15.81
C ILE D 193 11.69 21.60 16.53
N GLY D 194 11.28 21.35 17.78
CA GLY D 194 11.71 20.18 18.53
C GLY D 194 11.17 18.89 17.96
N GLN D 195 9.99 18.95 17.34
CA GLN D 195 9.33 17.84 16.67
C GLN D 195 10.08 17.53 15.35
N HIS D 196 10.46 18.59 14.62
CA HIS D 196 11.22 18.51 13.39
C HIS D 196 12.56 17.81 13.65
N LEU D 197 13.26 18.21 14.73
CA LEU D 197 14.53 17.62 15.09
C LEU D 197 14.40 16.17 15.48
N ASP D 198 13.38 15.83 16.27
CA ASP D 198 13.12 14.44 16.70
C ASP D 198 12.80 13.52 15.51
N THR D 199 12.21 14.10 14.46
CA THR D 199 11.84 13.38 13.24
C THR D 199 13.04 13.20 12.29
N ASN D 200 13.93 14.19 12.21
CA ASN D 200 15.00 14.23 11.22
C ASN D 200 16.47 14.13 11.72
N ILE D 201 16.70 13.99 13.04
CA ILE D 201 18.07 13.96 13.61
C ILE D 201 18.97 12.86 12.98
N PHE D 202 18.38 11.70 12.60
CA PHE D 202 19.10 10.59 11.99
C PHE D 202 18.90 10.53 10.44
N SER D 203 18.21 11.52 9.84
CA SER D 203 17.95 11.56 8.40
C SER D 203 19.20 11.95 7.58
N ASP D 204 19.21 11.61 6.26
CA ASP D 204 20.31 11.86 5.31
C ASP D 204 20.53 13.36 4.95
N LYS D 205 19.94 14.27 5.76
CA LYS D 205 20.08 15.72 5.65
C LYS D 205 20.90 16.26 6.85
N TYR D 206 20.96 15.49 7.97
CA TYR D 206 21.71 15.87 9.18
C TYR D 206 23.08 15.14 9.27
N SER D 207 23.28 14.08 8.45
CA SER D 207 24.51 13.30 8.39
C SER D 207 25.69 14.13 7.81
N ASP D 208 25.75 14.32 6.47
CA ASP D 208 26.80 15.10 5.79
C ASP D 208 26.59 16.62 5.93
N ARG D 211 23.80 15.97 3.25
CA ARG D 211 23.37 16.20 1.87
C ARG D 211 22.19 17.18 1.76
N GLU D 212 22.06 17.87 0.61
CA GLU D 212 20.96 18.79 0.30
C GLU D 212 19.66 18.00 0.01
N ILE D 213 18.48 18.63 0.25
CA ILE D 213 17.18 17.99 0.00
C ILE D 213 16.97 17.88 -1.53
N ASP D 214 16.79 16.65 -2.04
CA ASP D 214 16.56 16.42 -3.46
C ASP D 214 15.07 16.63 -3.78
N VAL D 215 14.77 17.78 -4.41
CA VAL D 215 13.40 18.16 -4.79
C VAL D 215 12.92 17.39 -6.03
N ASN D 216 13.74 16.46 -6.54
CA ASN D 216 13.41 15.65 -7.72
C ASN D 216 13.21 14.18 -7.35
N ASN D 217 13.51 13.82 -6.09
CA ASN D 217 13.34 12.46 -5.63
C ASN D 217 12.03 12.30 -4.87
N ILE D 218 11.12 11.53 -5.48
CA ILE D 218 9.82 11.16 -4.93
C ILE D 218 9.66 9.63 -4.93
N ASN D 219 10.74 8.89 -5.34
CA ASN D 219 10.74 7.43 -5.53
C ASN D 219 11.47 6.58 -4.46
N VAL D 220 12.75 6.88 -4.14
CA VAL D 220 13.60 6.15 -3.17
C VAL D 220 12.98 6.13 -1.76
N GLU D 222 14.90 6.54 1.42
CA GLU D 222 14.29 6.14 2.70
C GLU D 222 15.09 5.00 3.35
N GLN D 223 15.95 5.35 4.35
CA GLN D 223 16.79 4.43 5.10
C GLN D 223 16.85 4.82 6.60
N PRO D 224 16.48 3.90 7.54
CA PRO D 224 16.50 4.26 8.97
C PRO D 224 17.88 3.99 9.62
N VAL D 225 18.88 4.81 9.22
CA VAL D 225 20.27 4.71 9.68
C VAL D 225 20.54 5.61 10.90
N ILE D 226 20.94 4.99 12.04
CA ILE D 226 21.30 5.69 13.29
C ILE D 226 22.68 6.36 13.07
N ASP D 227 22.73 7.71 13.14
CA ASP D 227 23.94 8.53 12.91
C ASP D 227 24.61 8.73 14.27
N ILE D 228 25.79 8.08 14.47
CA ILE D 228 26.55 8.08 15.73
C ILE D 228 27.02 9.48 16.16
N ASN D 229 27.22 10.39 15.19
CA ASN D 229 27.60 11.79 15.44
C ASN D 229 26.48 12.57 16.16
N MET D 230 25.23 12.05 16.12
CA MET D 230 24.04 12.65 16.73
C MET D 230 23.65 11.95 18.04
N ILE D 231 24.30 10.80 18.36
CA ILE D 231 24.05 10.05 19.60
C ILE D 231 24.85 10.70 20.75
N ASN D 232 24.38 11.87 21.21
CA ASN D 232 25.00 12.62 22.31
C ASN D 232 23.94 13.42 23.07
N PHE D 233 24.15 13.62 24.39
CA PHE D 233 23.22 14.31 25.30
C PHE D 233 22.99 15.79 24.94
N GLY D 234 23.95 16.43 24.29
CA GLY D 234 23.85 17.83 23.87
C GLY D 234 22.76 18.02 22.85
N VAL D 235 22.78 17.18 21.80
CA VAL D 235 21.79 17.14 20.72
C VAL D 235 20.42 16.77 21.34
N TYR D 236 20.40 15.72 22.19
CA TYR D 236 19.21 15.24 22.87
C TYR D 236 18.48 16.35 23.65
N LYS D 237 19.24 17.17 24.42
CA LYS D 237 18.73 18.29 25.21
C LYS D 237 18.14 19.35 24.28
N ASN D 238 18.81 19.64 23.13
CA ASN D 238 18.30 20.58 22.13
C ASN D 238 16.88 20.17 21.69
N ILE D 239 16.71 18.88 21.36
CA ILE D 239 15.45 18.28 20.91
C ILE D 239 14.38 18.37 22.01
N VAL D 240 14.65 17.71 23.15
CA VAL D 240 13.79 17.54 24.32
C VAL D 240 13.31 18.87 24.95
N ILE D 241 14.20 19.88 25.02
CA ILE D 241 13.87 21.21 25.54
C ILE D 241 12.82 21.87 24.61
N HIS D 242 13.05 21.81 23.29
CA HIS D 242 12.14 22.40 22.31
C HIS D 242 10.85 21.58 22.17
N LYS D 243 10.95 20.26 22.11
CA LYS D 243 9.80 19.38 21.96
C LYS D 243 8.87 19.34 23.20
N THR D 244 9.42 19.39 24.44
CA THR D 244 8.57 19.23 25.63
C THR D 244 8.54 20.39 26.62
N ALA D 245 9.72 20.92 27.00
CA ALA D 245 9.88 21.91 28.05
C ALA D 245 9.04 23.17 27.91
N TYR D 246 8.93 23.72 26.71
CA TYR D 246 8.22 24.97 26.53
C TYR D 246 6.71 24.85 26.66
N TYR D 247 6.08 23.84 26.05
CA TYR D 247 4.63 23.74 26.13
C TYR D 247 4.18 22.99 27.40
N SER D 248 4.95 22.03 27.91
CA SER D 248 4.58 21.26 29.11
C SER D 248 4.81 22.01 30.45
N PHE D 249 5.81 22.93 30.52
CA PHE D 249 6.15 23.63 31.77
C PHE D 249 6.19 25.13 31.65
N PHE D 250 6.96 25.68 30.71
CA PHE D 250 7.05 27.13 30.55
C PHE D 250 5.70 27.76 30.30
N LEU D 251 4.99 27.31 29.24
CA LEU D 251 3.68 27.83 28.85
C LEU D 251 2.66 27.79 30.02
N PRO D 252 2.40 26.64 30.73
CA PRO D 252 1.42 26.69 31.83
C PRO D 252 1.81 27.60 33.02
N ILE D 253 3.10 27.66 33.40
CA ILE D 253 3.56 28.49 34.50
C ILE D 253 3.43 29.96 34.11
N VAL D 254 3.90 30.35 32.91
CA VAL D 254 3.80 31.73 32.41
C VAL D 254 2.31 32.16 32.32
N CYS D 255 1.40 31.23 31.96
CA CYS D 255 -0.04 31.48 31.88
C CYS D 255 -0.61 31.91 33.23
N GLY D 256 -0.34 31.13 34.27
CA GLY D 256 -0.76 31.41 35.65
C GLY D 256 -0.21 32.74 36.17
N MET D 257 1.08 33.02 35.86
CA MET D 257 1.81 34.25 36.24
C MET D 257 1.31 35.49 35.50
N LEU D 258 1.12 35.40 34.17
CA LEU D 258 0.63 36.50 33.35
C LEU D 258 -0.78 36.92 33.80
N LEU D 259 -1.67 35.93 34.02
CA LEU D 259 -3.05 36.17 34.45
C LEU D 259 -3.11 36.73 35.90
N ALA D 260 -2.15 36.35 36.76
CA ALA D 260 -2.04 36.83 38.14
C ALA D 260 -1.61 38.31 38.16
N GLY D 261 -0.85 38.74 37.16
CA GLY D 261 -0.40 40.12 37.00
C GLY D 261 1.09 40.37 37.15
N ILE D 262 1.94 39.30 37.20
CA ILE D 262 3.41 39.44 37.32
C ILE D 262 4.03 40.12 36.08
N VAL D 264 5.77 41.16 32.78
CA VAL D 264 6.61 40.51 31.78
C VAL D 264 8.10 40.93 31.87
N ASP D 265 8.37 42.17 32.31
CA ASP D 265 9.73 42.73 32.47
C ASP D 265 10.45 42.11 33.70
N ASN D 266 9.71 41.35 34.55
CA ASN D 266 10.23 40.71 35.76
C ASN D 266 11.23 39.61 35.40
N LEU D 267 12.43 39.71 36.01
CA LEU D 267 13.57 38.81 35.84
C LEU D 267 13.26 37.35 36.24
N ILE D 268 12.13 37.12 36.94
CA ILE D 268 11.68 35.79 37.37
C ILE D 268 11.29 34.92 36.16
N TYR D 269 10.85 35.54 35.03
CA TYR D 269 10.44 34.83 33.82
C TYR D 269 11.57 34.01 33.19
N LYS D 270 12.81 34.54 33.10
CA LYS D 270 13.93 33.76 32.57
C LYS D 270 14.35 32.66 33.57
N LYS D 271 14.14 32.87 34.90
CA LYS D 271 14.42 31.85 35.94
C LYS D 271 13.42 30.69 35.76
N ILE D 272 12.15 31.02 35.44
CA ILE D 272 11.05 30.09 35.16
C ILE D 272 11.39 29.29 33.91
N GLU D 273 11.84 29.98 32.86
CA GLU D 273 12.29 29.43 31.60
C GLU D 273 13.37 28.37 31.82
N ASP D 274 14.38 28.68 32.68
CA ASP D 274 15.49 27.78 32.99
C ASP D 274 15.06 26.61 33.85
N ILE D 275 14.09 26.80 34.77
CA ILE D 275 13.58 25.70 35.59
C ILE D 275 12.76 24.74 34.67
N SER D 276 11.95 25.33 33.73
CA SER D 276 11.09 24.61 32.79
C SER D 276 11.90 23.65 31.89
N MET D 277 13.06 24.14 31.35
CA MET D 277 14.02 23.38 30.53
C MET D 277 14.51 22.16 31.30
N LEU D 278 14.88 22.35 32.57
CA LEU D 278 15.35 21.29 33.45
C LEU D 278 14.23 20.29 33.72
N MET D 279 12.99 20.76 33.79
CA MET D 279 11.81 19.95 34.07
C MET D 279 11.42 19.13 32.85
N GLY D 280 11.50 19.76 31.67
CA GLY D 280 11.20 19.12 30.39
C GLY D 280 12.14 17.95 30.11
N GLU D 281 13.43 18.14 30.45
CA GLU D 281 14.51 17.16 30.34
C GLU D 281 14.23 15.99 31.29
N TYR D 282 13.91 16.33 32.53
CA TYR D 282 13.60 15.37 33.56
C TYR D 282 12.37 14.55 33.14
N PHE D 283 11.31 15.23 32.65
CA PHE D 283 10.06 14.59 32.21
C PHE D 283 10.26 13.67 31.00
N GLN D 284 11.00 14.12 29.98
CA GLN D 284 11.23 13.36 28.75
C GLN D 284 12.10 12.11 28.97
N ILE D 285 13.17 12.22 29.77
CA ILE D 285 14.05 11.08 30.08
C ILE D 285 13.22 9.97 30.75
N HIS D 286 12.30 10.34 31.65
CA HIS D 286 11.38 9.42 32.31
C HIS D 286 10.40 8.79 31.30
N ASP D 287 9.94 9.60 30.32
CA ASP D 287 9.04 9.14 29.26
C ASP D 287 9.76 8.12 28.36
N ASP D 288 11.08 8.33 28.07
CA ASP D 288 11.90 7.40 27.29
C ASP D 288 12.14 6.12 28.10
N TYR D 289 12.31 6.27 29.42
CA TYR D 289 12.48 5.16 30.34
C TYR D 289 11.22 4.29 30.30
N LEU D 290 10.03 4.91 30.38
CA LEU D 290 8.74 4.23 30.36
C LEU D 290 8.48 3.46 29.06
N ASP D 291 8.89 4.05 27.90
CA ASP D 291 8.76 3.49 26.54
C ASP D 291 9.36 2.08 26.46
N ILE D 292 10.52 1.86 27.10
CA ILE D 292 11.16 0.54 27.09
C ILE D 292 10.83 -0.26 28.38
N PHE D 293 10.98 0.37 29.57
CA PHE D 293 10.76 -0.27 30.87
C PHE D 293 9.41 0.09 31.51
N GLY D 303 7.18 -0.25 23.91
CA GLY D 303 6.86 1.03 23.28
C GLY D 303 7.04 1.02 21.77
N SER D 304 7.69 2.06 21.24
CA SER D 304 7.85 2.22 19.79
C SER D 304 9.11 2.99 19.36
N ASP D 305 9.84 3.62 20.33
CA ASP D 305 11.03 4.42 20.07
C ASP D 305 12.17 3.68 19.35
N ILE D 306 12.41 2.41 19.74
CA ILE D 306 13.44 1.57 19.12
C ILE D 306 13.09 1.36 17.64
N GLN D 307 11.85 0.85 17.38
CA GLN D 307 11.36 0.60 16.02
C GLN D 307 11.31 1.88 15.19
N ASN D 308 10.96 3.03 15.82
CA ASN D 308 10.82 4.30 15.12
C ASN D 308 12.12 5.06 14.97
N ASN D 309 13.27 4.41 15.31
CA ASN D 309 14.62 4.98 15.16
C ASN D 309 14.80 6.32 15.91
N LYS D 310 14.24 6.39 17.13
CA LYS D 310 14.28 7.64 17.90
C LYS D 310 15.55 7.80 18.73
N LEU D 311 16.05 9.05 18.82
CA LEU D 311 17.20 9.40 19.68
C LEU D 311 16.65 9.47 21.10
N THR D 312 16.91 8.42 21.89
CA THR D 312 16.41 8.34 23.25
C THR D 312 17.55 8.39 24.27
N TRP D 313 17.21 8.68 25.54
CA TRP D 313 18.18 8.71 26.65
C TRP D 313 18.77 7.29 26.86
N PRO D 314 17.96 6.18 26.93
CA PRO D 314 18.57 4.83 27.07
C PRO D 314 19.56 4.48 25.93
N LEU D 315 19.27 4.92 24.69
CA LEU D 315 20.16 4.71 23.55
C LEU D 315 21.48 5.46 23.75
N ILE D 316 21.42 6.76 24.16
CA ILE D 316 22.62 7.58 24.37
C ILE D 316 23.46 7.00 25.52
N LYS D 317 22.81 6.63 26.64
CA LYS D 317 23.48 6.05 27.82
C LYS D 317 24.17 4.73 27.45
N THR D 318 23.45 3.78 26.80
CA THR D 318 24.00 2.49 26.35
C THR D 318 25.23 2.70 25.44
N PHE D 319 25.13 3.63 24.48
CA PHE D 319 26.19 3.95 23.52
C PHE D 319 27.46 4.51 24.16
N GLU D 320 27.33 5.31 25.24
CA GLU D 320 28.52 5.90 25.88
C GLU D 320 29.25 4.86 26.76
N LEU D 321 28.49 3.86 27.28
CA LEU D 321 28.87 2.80 28.19
C LEU D 321 29.21 1.44 27.55
N CYS D 322 28.92 1.25 26.25
CA CYS D 322 29.13 -0.06 25.64
C CYS D 322 30.43 -0.18 24.84
N SER D 323 30.87 -1.45 24.69
CA SER D 323 32.06 -1.86 23.93
C SER D 323 31.88 -1.59 22.43
N GLU D 324 32.99 -1.52 21.67
CA GLU D 324 32.98 -1.32 20.21
C GLU D 324 32.12 -2.38 19.46
N PRO D 325 32.21 -3.72 19.77
CA PRO D 325 31.32 -4.68 19.06
C PRO D 325 29.84 -4.44 19.30
N ASP D 326 29.48 -3.99 20.51
CA ASP D 326 28.10 -3.70 20.89
C ASP D 326 27.57 -2.42 20.21
N LYS D 327 28.45 -1.45 19.89
CA LYS D 327 28.12 -0.22 19.17
C LYS D 327 27.66 -0.56 17.74
N ILE D 328 28.40 -1.47 17.06
CA ILE D 328 28.10 -1.96 15.71
C ILE D 328 26.78 -2.78 15.75
N LYS D 329 26.57 -3.55 16.83
CA LYS D 329 25.36 -4.34 17.10
C LYS D 329 24.12 -3.40 17.26
N ILE D 330 24.32 -2.19 17.85
CA ILE D 330 23.27 -1.19 18.02
C ILE D 330 22.88 -0.64 16.64
N VAL D 331 23.88 -0.18 15.85
CA VAL D 331 23.73 0.38 14.50
C VAL D 331 23.02 -0.61 13.54
N LYS D 332 23.25 -1.93 13.73
CA LYS D 332 22.67 -3.00 12.92
C LYS D 332 21.21 -3.36 13.32
N ASN D 333 20.81 -3.13 14.58
CA ASN D 333 19.49 -3.54 15.06
C ASN D 333 18.52 -2.38 15.42
N TYR D 334 19.03 -1.16 15.59
CA TYR D 334 18.19 -0.02 15.97
C TYR D 334 17.46 0.59 14.76
N GLY D 335 16.19 0.93 14.98
CA GLY D 335 15.34 1.56 13.97
C GLY D 335 14.75 0.59 12.98
N LYS D 336 14.54 -0.67 13.40
CA LYS D 336 14.01 -1.71 12.54
C LYS D 336 12.70 -2.29 13.07
N ASN D 337 11.72 -2.39 12.15
CA ASN D 337 10.42 -2.96 12.41
C ASN D 337 10.52 -4.47 12.17
N ASN D 338 11.28 -5.13 13.05
CA ASN D 338 11.56 -6.57 13.13
C ASN D 338 11.76 -6.89 14.62
N LEU D 339 10.97 -7.85 15.15
CA LEU D 339 10.97 -8.31 16.56
C LEU D 339 12.36 -8.74 17.06
N ALA D 340 13.13 -9.45 16.24
CA ALA D 340 14.48 -9.90 16.62
C ALA D 340 15.40 -8.71 16.86
N CYS D 341 15.38 -7.69 15.95
CA CYS D 341 16.14 -6.43 15.98
C CYS D 341 15.86 -5.60 17.26
N VAL D 342 14.57 -5.52 17.66
CA VAL D 342 14.15 -4.79 18.86
C VAL D 342 14.52 -5.60 20.13
N LYS D 343 14.46 -6.95 20.04
CA LYS D 343 14.81 -7.86 21.15
C LYS D 343 16.31 -7.75 21.49
N VAL D 344 17.15 -7.47 20.45
CA VAL D 344 18.59 -7.30 20.59
C VAL D 344 18.89 -5.97 21.35
N ILE D 345 18.23 -4.86 20.95
CA ILE D 345 18.39 -3.55 21.58
C ILE D 345 17.82 -3.59 23.01
N ASP D 346 16.71 -4.35 23.23
CA ASP D 346 16.10 -4.53 24.55
C ASP D 346 17.07 -5.22 25.53
N SER D 347 17.77 -6.27 25.03
CA SER D 347 18.74 -7.06 25.80
C SER D 347 19.98 -6.26 26.21
N LEU D 348 20.44 -5.36 25.33
CA LEU D 348 21.58 -4.48 25.58
C LEU D 348 21.25 -3.48 26.68
N TYR D 349 19.97 -3.03 26.77
CA TYR D 349 19.49 -2.10 27.80
C TYR D 349 19.46 -2.79 29.16
N GLU D 350 19.13 -4.11 29.16
CA GLU D 350 19.10 -4.96 30.36
C GLU D 350 20.53 -5.24 30.83
N GLN D 351 21.43 -5.55 29.86
CA GLN D 351 22.84 -5.88 30.06
C GLN D 351 23.60 -4.72 30.71
N TYR D 352 23.49 -3.52 30.12
CA TYR D 352 24.16 -2.32 30.63
C TYR D 352 23.31 -1.63 31.72
N ILE D 354 20.51 -0.20 32.32
CA ILE D 354 20.08 1.16 31.98
C ILE D 354 19.08 1.71 33.04
N ARG D 355 18.25 0.82 33.65
CA ARG D 355 17.27 1.17 34.70
C ARG D 355 17.96 1.80 35.93
N LYS D 356 19.13 1.24 36.32
CA LYS D 356 19.93 1.73 37.45
C LYS D 356 20.55 3.10 37.15
N HIS D 357 20.98 3.33 35.90
CA HIS D 357 21.55 4.59 35.43
C HIS D 357 20.50 5.69 35.36
N TYR D 358 19.22 5.31 35.12
CA TYR D 358 18.10 6.26 35.12
C TYR D 358 17.87 6.72 36.55
N GLU D 359 17.80 5.74 37.49
CA GLU D 359 17.61 5.93 38.93
C GLU D 359 18.64 6.91 39.46
N SER D 360 19.89 6.76 39.00
CA SER D 360 21.02 7.62 39.33
C SER D 360 20.78 9.03 38.72
N TYR D 361 20.24 9.08 37.48
CA TYR D 361 19.96 10.35 36.79
C TYR D 361 18.82 11.11 37.48
N GLU D 362 17.69 10.41 37.75
CA GLU D 362 16.47 10.92 38.37
C GLU D 362 16.73 11.61 39.71
N LYS D 363 17.65 11.04 40.53
CA LYS D 363 18.04 11.60 41.82
C LYS D 363 18.88 12.86 41.62
N ALA D 364 19.85 12.83 40.69
CA ALA D 364 20.74 13.94 40.37
C ALA D 364 20.02 15.13 39.71
N GLN D 365 19.01 14.85 38.84
CA GLN D 365 18.26 15.90 38.14
C GLN D 365 17.26 16.58 39.10
N LYS D 366 16.57 15.79 39.94
CA LYS D 366 15.61 16.26 40.94
C LYS D 366 16.25 17.33 41.85
N ALA D 367 17.51 17.12 42.26
CA ALA D 367 18.26 18.05 43.12
C ALA D 367 18.72 19.29 42.34
N LYS D 368 19.02 19.14 41.05
CA LYS D 368 19.41 20.25 40.19
C LYS D 368 18.22 21.23 40.04
N ILE D 369 16.99 20.66 39.96
CA ILE D 369 15.71 21.38 39.81
C ILE D 369 15.37 22.09 41.14
N LEU D 370 15.43 21.35 42.27
CA LEU D 370 15.15 21.86 43.62
C LEU D 370 16.03 23.03 43.97
N SER D 371 17.31 22.95 43.59
CA SER D 371 18.31 24.00 43.77
C SER D 371 17.91 25.27 42.99
N ALA D 372 17.50 25.10 41.72
CA ALA D 372 17.08 26.19 40.85
C ALA D 372 15.79 26.84 41.35
N ILE D 373 14.85 26.01 41.90
CA ILE D 373 13.56 26.43 42.45
C ILE D 373 13.80 27.33 43.68
N ASN D 374 14.78 26.96 44.53
CA ASN D 374 15.08 27.73 45.74
C ASN D 374 15.72 29.10 45.45
N GLU D 375 16.26 29.29 44.23
CA GLU D 375 16.85 30.54 43.79
C GLU D 375 15.77 31.47 43.17
N LEU D 376 14.48 31.04 43.19
CA LEU D 376 13.35 31.82 42.64
C LEU D 376 13.01 33.02 43.48
N HIS D 377 12.98 32.84 44.82
CA HIS D 377 12.62 33.84 45.83
C HIS D 377 11.12 34.24 45.66
N HIS D 378 10.27 33.20 45.67
CA HIS D 378 8.81 33.29 45.57
C HIS D 378 8.25 32.01 46.16
N GLU D 379 7.93 32.06 47.47
CA GLU D 379 7.39 30.94 48.27
C GLU D 379 6.20 30.21 47.61
N GLY D 380 5.28 30.97 47.00
CA GLY D 380 4.07 30.44 46.37
C GLY D 380 4.33 29.55 45.16
N ILE D 381 5.09 30.06 44.17
CA ILE D 381 5.50 29.33 42.97
C ILE D 381 6.40 28.14 43.36
N GLU D 382 7.36 28.36 44.30
CA GLU D 382 8.28 27.34 44.83
C GLU D 382 7.53 26.15 45.42
N TYR D 383 6.40 26.41 46.13
CA TYR D 383 5.55 25.37 46.71
C TYR D 383 4.95 24.50 45.61
N VAL D 384 4.37 25.17 44.59
CA VAL D 384 3.73 24.54 43.43
C VAL D 384 4.76 23.69 42.64
N LEU D 385 5.95 24.25 42.36
CA LEU D 385 7.00 23.55 41.60
C LEU D 385 7.51 22.30 42.32
N LYS D 386 7.67 22.37 43.66
CA LYS D 386 8.09 21.23 44.49
C LYS D 386 6.98 20.15 44.51
N TYR D 387 5.71 20.58 44.61
CA TYR D 387 4.54 19.69 44.59
C TYR D 387 4.40 19.03 43.20
N LEU D 388 4.58 19.83 42.11
CA LEU D 388 4.51 19.38 40.72
C LEU D 388 5.58 18.32 40.48
N LEU D 389 6.82 18.57 40.94
CA LEU D 389 7.95 17.65 40.81
C LEU D 389 7.67 16.29 41.46
N GLU D 390 6.94 16.28 42.58
CA GLU D 390 6.56 15.04 43.29
C GLU D 390 5.48 14.28 42.51
N ILE D 391 4.65 15.00 41.72
CA ILE D 391 3.58 14.42 40.91
C ILE D 391 3.90 14.55 39.38
N LEU D 392 4.95 13.83 38.92
CA LEU D 392 5.36 13.79 37.52
C LEU D 392 5.37 12.34 37.02
C20 GRG E . 0.62 -20.81 -17.30
C19 GRG E . -1.64 -20.44 -16.20
C18 GRG E . -0.30 -19.88 -16.56
C17 GRG E . 0.06 -18.70 -16.25
C16 GRG E . 0.47 -17.54 -15.91
C14 GRG E . 1.17 -17.23 -19.19
C13 GRG E . 0.32 -16.45 -18.26
C15 GRG E . 0.75 -16.34 -16.81
C12 GRG E . -0.72 -15.91 -18.73
C11 GRG E . -1.75 -15.42 -19.26
C9 GRG E . -1.67 -14.51 -20.49
C8 GRG E . -2.82 -14.70 -21.45
C10 GRG E . -2.71 -15.73 -22.53
C7 GRG E . -3.89 -14.03 -21.40
C6 GRG E . -4.98 -13.41 -21.39
C5 GRG E . -5.89 -13.48 -22.58
C3 GRG E . -7.36 -13.63 -22.26
C4 GRG E . -7.81 -14.02 -20.87
C2 GRG E . -8.21 -13.41 -23.17
C1 GRG E . -9.05 -13.19 -24.09
O1 GRG E . -9.56 -14.31 -24.87
PA GRG E . -11.06 -14.29 -25.46
O1A GRG E . -11.21 -12.97 -26.20
O3A GRG E . -11.98 -14.26 -24.12
O2A GRG E . -11.25 -15.59 -26.19
PB GRG E . -13.19 -15.26 -23.65
O1B GRG E . -12.51 -16.45 -23.05
O2B GRG E . -13.90 -14.48 -22.60
O3B GRG E . -14.01 -15.59 -24.88
C20 GRG F . 2.13 -25.11 -7.86
C19 GRG F . 4.31 -23.85 -7.81
C18 GRG F . 2.91 -23.95 -7.32
C17 GRG F . 2.35 -23.12 -6.53
C16 GRG F . 1.70 -22.28 -5.82
C14 GRG F . 1.31 -24.68 -3.57
C13 GRG F . 2.02 -23.37 -3.48
C15 GRG F . 1.48 -22.22 -4.32
C12 GRG F . 3.00 -23.22 -2.69
C11 GRG F . 4.00 -23.08 -1.93
C9 GRG F . 3.91 -23.16 -0.41
C8 GRG F . 5.01 -24.03 0.14
C10 GRG F . 4.85 -25.52 0.21
C7 GRG F . 6.11 -23.57 0.52
C6 GRG F . 7.26 -23.16 0.83
C5 GRG F . 8.06 -23.94 1.82
C3 GRG F . 9.51 -23.54 1.77
C4 GRG F . 10.06 -22.65 0.69
C2 GRG F . 10.27 -24.02 2.64
C1 GRG F . 11.05 -24.52 3.47
O1 GRG F . 11.74 -25.74 3.07
PA GRG F . 13.30 -25.95 3.40
O1A GRG F . 13.46 -25.46 4.81
O3A GRG F . 14.08 -24.90 2.44
O2A GRG F . 13.64 -27.37 2.99
PB GRG F . 15.39 -25.20 1.55
O1B GRG F . 14.86 -25.73 0.23
O2B GRG F . 16.05 -23.86 1.40
O3B GRG F . 16.21 -26.17 2.37
C18 GRG G . -4.53 24.79 7.65
C17 GRG G . -5.14 23.70 7.49
C16 GRG G . -5.76 22.61 7.32
C14 GRG G . -8.28 23.78 5.95
C13 GRG G . -7.13 23.16 5.23
C15 GRG G . -6.22 22.17 5.94
C12 GRG G . -6.89 23.49 4.04
C11 GRG G . -6.66 23.84 2.85
C9 GRG G . -7.63 23.57 1.74
C8 GRG G . -7.75 24.73 0.77
C10 GRG G . -8.59 25.93 1.11
C7 GRG G . -7.14 24.71 -0.33
C6 GRG G . -6.53 24.68 -1.43
C5 GRG G . -5.90 25.93 -2.03
C3 GRG G . -6.21 25.97 -3.52
C4 GRG G . -6.57 24.75 -4.30
C2 GRG G . -6.16 27.07 -4.12
C1 GRG G . -6.13 28.17 -4.73
O1 GRG G . -5.76 28.18 -6.13
PA GRG G . -4.85 29.34 -6.79
O1A GRG G . -4.92 29.05 -8.26
O3A GRG G . -3.34 29.06 -6.27
O2A GRG G . -5.25 30.70 -6.25
PB GRG G . -2.02 29.92 -6.71
O1B GRG G . -2.43 30.96 -7.72
O2B GRG G . -1.56 30.53 -5.41
O3B GRG G . -1.08 28.87 -7.25
C20 GRG H . 1.41 22.67 16.28
C19 GRG H . -0.25 20.77 16.66
C18 GRG H . 1.03 21.25 16.05
C17 GRG H . 1.76 20.51 15.34
C16 GRG H . 2.51 19.82 14.60
C14 GRG H . 4.67 19.79 16.80
C13 GRG H . 3.84 18.61 16.41
C15 GRG H . 3.20 18.54 15.04
C12 GRG H . 3.67 17.68 17.27
C11 GRG H . 3.47 16.82 18.16
C9 GRG H . 4.62 16.20 18.94
C8 GRG H . 4.46 16.28 20.44
C10 GRG H . 4.87 17.52 21.20
C7 GRG H . 3.99 15.30 21.07
C6 GRG H . 3.51 14.34 21.70
C5 GRG H . 3.84 14.16 23.16
C3 GRG H . 2.69 13.53 23.90
C4 GRG H . 1.37 13.27 23.23
C2 GRG H . 2.86 13.22 25.11
C1 GRG H . 3.02 12.94 26.32
O1 GRG H . 2.25 13.69 27.30
PA GRG H . 1.78 13.07 28.71
O1A GRG H . 2.81 12.04 29.15
O3A GRG H . 0.42 12.26 28.36
O2A GRG H . 1.48 14.27 29.59
PB GRG H . -1.04 12.64 28.93
O1B GRG H . -1.34 13.99 28.31
O2B GRG H . -1.98 11.52 28.49
O3B GRG H . -0.87 12.72 30.43
#